data_2Y6D
# 
_entry.id   2Y6D 
# 
_audit_conform.dict_name       mmcif_pdbx.dic 
_audit_conform.dict_version    5.391 
_audit_conform.dict_location   http://mmcif.pdb.org/dictionaries/ascii/mmcif_pdbx.dic 
# 
loop_
_database_2.database_id 
_database_2.database_code 
_database_2.pdbx_database_accession 
_database_2.pdbx_DOI 
PDB   2Y6D         pdb_00002y6d 10.2210/pdb2y6d/pdb 
PDBE  EBI-47069    ?            ?                   
WWPDB D_1290047069 ?            ?                   
# 
loop_
_pdbx_audit_revision_history.ordinal 
_pdbx_audit_revision_history.data_content_type 
_pdbx_audit_revision_history.major_revision 
_pdbx_audit_revision_history.minor_revision 
_pdbx_audit_revision_history.revision_date 
1 'Structure model' 1 0 2011-05-04 
2 'Structure model' 1 1 2011-05-08 
3 'Structure model' 1 2 2011-07-13 
4 'Structure model' 1 3 2024-05-08 
# 
_pdbx_audit_revision_details.ordinal             1 
_pdbx_audit_revision_details.revision_ordinal    1 
_pdbx_audit_revision_details.data_content_type   'Structure model' 
_pdbx_audit_revision_details.provider            repository 
_pdbx_audit_revision_details.type                'Initial release' 
_pdbx_audit_revision_details.description         ? 
_pdbx_audit_revision_details.details             ? 
# 
loop_
_pdbx_audit_revision_group.ordinal 
_pdbx_audit_revision_group.revision_ordinal 
_pdbx_audit_revision_group.data_content_type 
_pdbx_audit_revision_group.group 
1 2 'Structure model' 'Version format compliance' 
2 3 'Structure model' 'Version format compliance' 
3 4 'Structure model' 'Data collection'           
4 4 'Structure model' 'Database references'       
5 4 'Structure model' 'Derived calculations'      
6 4 'Structure model' Other                       
# 
loop_
_pdbx_audit_revision_category.ordinal 
_pdbx_audit_revision_category.revision_ordinal 
_pdbx_audit_revision_category.data_content_type 
_pdbx_audit_revision_category.category 
1 4 'Structure model' chem_comp_atom         
2 4 'Structure model' chem_comp_bond         
3 4 'Structure model' database_2             
4 4 'Structure model' pdbx_database_status   
5 4 'Structure model' pdbx_struct_conn_angle 
6 4 'Structure model' struct_conn            
7 4 'Structure model' struct_site            
# 
loop_
_pdbx_audit_revision_item.ordinal 
_pdbx_audit_revision_item.revision_ordinal 
_pdbx_audit_revision_item.data_content_type 
_pdbx_audit_revision_item.item 
1  4 'Structure model' '_database_2.pdbx_DOI'                        
2  4 'Structure model' '_database_2.pdbx_database_accession'         
3  4 'Structure model' '_pdbx_database_status.status_code_sf'        
4  4 'Structure model' '_pdbx_struct_conn_angle.ptnr1_auth_comp_id'  
5  4 'Structure model' '_pdbx_struct_conn_angle.ptnr1_auth_seq_id'   
6  4 'Structure model' '_pdbx_struct_conn_angle.ptnr1_label_asym_id' 
7  4 'Structure model' '_pdbx_struct_conn_angle.ptnr1_label_atom_id' 
8  4 'Structure model' '_pdbx_struct_conn_angle.ptnr1_label_comp_id' 
9  4 'Structure model' '_pdbx_struct_conn_angle.ptnr1_label_seq_id'  
10 4 'Structure model' '_pdbx_struct_conn_angle.ptnr2_auth_comp_id'  
11 4 'Structure model' '_pdbx_struct_conn_angle.ptnr2_auth_seq_id'   
12 4 'Structure model' '_pdbx_struct_conn_angle.ptnr2_label_asym_id' 
13 4 'Structure model' '_pdbx_struct_conn_angle.ptnr2_label_atom_id' 
14 4 'Structure model' '_pdbx_struct_conn_angle.ptnr2_label_comp_id' 
15 4 'Structure model' '_pdbx_struct_conn_angle.ptnr3_auth_comp_id'  
16 4 'Structure model' '_pdbx_struct_conn_angle.ptnr3_auth_seq_id'   
17 4 'Structure model' '_pdbx_struct_conn_angle.ptnr3_label_asym_id' 
18 4 'Structure model' '_pdbx_struct_conn_angle.ptnr3_label_atom_id' 
19 4 'Structure model' '_pdbx_struct_conn_angle.ptnr3_label_comp_id' 
20 4 'Structure model' '_pdbx_struct_conn_angle.ptnr3_label_seq_id'  
21 4 'Structure model' '_pdbx_struct_conn_angle.value'               
22 4 'Structure model' '_struct_conn.pdbx_dist_value'                
23 4 'Structure model' '_struct_conn.ptnr1_auth_comp_id'             
24 4 'Structure model' '_struct_conn.ptnr1_auth_seq_id'              
25 4 'Structure model' '_struct_conn.ptnr1_label_asym_id'            
26 4 'Structure model' '_struct_conn.ptnr1_label_atom_id'            
27 4 'Structure model' '_struct_conn.ptnr1_label_comp_id'            
28 4 'Structure model' '_struct_conn.ptnr1_label_seq_id'             
29 4 'Structure model' '_struct_conn.ptnr2_auth_comp_id'             
30 4 'Structure model' '_struct_conn.ptnr2_auth_seq_id'              
31 4 'Structure model' '_struct_conn.ptnr2_label_asym_id'            
32 4 'Structure model' '_struct_conn.ptnr2_label_atom_id'            
33 4 'Structure model' '_struct_conn.ptnr2_label_comp_id'            
34 4 'Structure model' '_struct_conn.ptnr2_label_seq_id'             
35 4 'Structure model' '_struct_site.pdbx_auth_asym_id'              
36 4 'Structure model' '_struct_site.pdbx_auth_comp_id'              
37 4 'Structure model' '_struct_site.pdbx_auth_seq_id'               
# 
_pdbx_database_status.status_code                     REL 
_pdbx_database_status.entry_id                        2Y6D 
_pdbx_database_status.deposit_site                    PDBE 
_pdbx_database_status.process_site                    PDBE 
_pdbx_database_status.SG_entry                        . 
_pdbx_database_status.recvd_initial_deposition_date   2011-01-20 
_pdbx_database_status.pdb_format_compatible           Y 
_pdbx_database_status.status_code_sf                  REL 
_pdbx_database_status.status_code_mr                  ? 
_pdbx_database_status.status_code_cs                  ? 
_pdbx_database_status.methods_development_category    ? 
_pdbx_database_status.status_code_nmr_data            ? 
# 
loop_
_pdbx_database_related.db_name 
_pdbx_database_related.db_id 
_pdbx_database_related.content_type 
_pdbx_database_related.details 
PDB 2Y6C unspecified 'THE DISCOVERY OF MMP7 INHIBITORS EXPLOITING A NOVEL SELECTIVITY TRIGGER' 
PDB 1MMP unspecified 'MATRILYSIN COMPLEXED WITH CARBOXYLATE INHIBITOR'                         
PDB 1MMR unspecified 'MATRILYSIN COMPLEXED WITH SULFODIIMINE INHIBITOR'                        
PDB 1MMQ unspecified 'MATRILYSIN COMPLEXED WITH HYDROXAMATE INHIBITOR'                         
# 
loop_
_audit_author.name 
_audit_author.pdbx_ordinal 
'Edman, K.'      1  
'Furber, M.'     2  
'Hemsley, P.'    3  
'Johansson, C.'  4  
'Pairaudeau, G.' 5  
'Petersen, J.'   6  
'Stocks, M.'     7  
'Tervo, A.'      8  
'Ward, A.'       9  
'Wells, E.'      10 
'Wissler, L.'    11 
# 
_citation.id                        primary 
_citation.title                     'The Discovery of Mmp7 Inhibitors Exploiting a Novel Selectivity Trigger.' 
_citation.journal_abbrev            Chemmedchem 
_citation.journal_volume            6 
_citation.page_first                769 
_citation.page_last                 ? 
_citation.year                      2011 
_citation.journal_id_ASTM           ? 
_citation.country                   DE 
_citation.journal_id_ISSN           1860-7179 
_citation.journal_id_CSD            ? 
_citation.book_publisher            ? 
_citation.pdbx_database_id_PubMed   21520417 
_citation.pdbx_database_id_DOI      10.1002/CMDC.201000550 
# 
loop_
_citation_author.citation_id 
_citation_author.name 
_citation_author.ordinal 
_citation_author.identifier_ORCID 
primary 'Edman, K.'      1  ? 
primary 'Furber, M.'     2  ? 
primary 'Hemsley, P.'    3  ? 
primary 'Johansson, C.'  4  ? 
primary 'Pairaudeau, G.' 5  ? 
primary 'Petersen, J.'   6  ? 
primary 'Stocks, M.'     7  ? 
primary 'Tervo, A.'      8  ? 
primary 'Ward, A.'       9  ? 
primary 'Wells, E.'      10 ? 
primary 'Wissler, L.'    11 ? 
# 
loop_
_entity.id 
_entity.type 
_entity.src_method 
_entity.pdbx_description 
_entity.formula_weight 
_entity.pdbx_number_of_molecules 
_entity.pdbx_ec 
_entity.pdbx_mutation 
_entity.pdbx_fragment 
_entity.details 
1 polymer     man MATRILYSIN                                                                                                      
19214.520 1   3.4.24.23 ? ? ? 
2 non-polymer syn 'CALCIUM ION'                                                                                                   
40.078    2   ?         ? ? ? 
3 non-polymer syn 'ZINC ION'                                                                                                      
65.409    2   ?         ? ? ? 
4 non-polymer syn 'SULFATE ION'                                                                                                   
96.063    2   ?         ? ? ? 
5 non-polymer syn 'N-[(2S)-1-[4-(5-BROMOPYRIDIN-2-YL)PIPERAZIN-1-YL]SULFONYL-5-PYRIMIDIN-2-YL-PENTAN-2-YL]-N-HYDROXY-METHANAMIDE' 
513.409   1   ?         ? ? ? 
6 water       nat water                                                                                                           
18.015    104 ?         ? ? ? 
# 
_entity_name_com.entity_id   1 
_entity_name_com.name        'MATRIN, MATRIX METALLOPROTEINASE-7, MMP-7, PUMP-1 PROTEASE, UTERINE METALLOPROTEINASE, MMP7' 
# 
_entity_poly.entity_id                      1 
_entity_poly.type                           'polypeptide(L)' 
_entity_poly.nstd_linkage                   no 
_entity_poly.nstd_monomer                   no 
_entity_poly.pdbx_seq_one_letter_code       
;GYSLFPNSPKWTSKVVTYRIVSYTRDLPHITVDRLVSKALNMWGKEIPLHFRKVVWGTADIMIGFARGAHGDSYPFDGPG
NTLAHAFAPGTGLGGDAHFDEDERWTDGSSLGINFLYAATHELGHSLGMGHSSDPNAVMYPTYGNGDPQNFKLSQDDIKG
IQKLYGKRSNSRKK
;
_entity_poly.pdbx_seq_one_letter_code_can   
;GYSLFPNSPKWTSKVVTYRIVSYTRDLPHITVDRLVSKALNMWGKEIPLHFRKVVWGTADIMIGFARGAHGDSYPFDGPG
NTLAHAFAPGTGLGGDAHFDEDERWTDGSSLGINFLYAATHELGHSLGMGHSSDPNAVMYPTYGNGDPQNFKLSQDDIKG
IQKLYGKRSNSRKK
;
_entity_poly.pdbx_strand_id                 A 
_entity_poly.pdbx_target_identifier         ? 
# 
loop_
_pdbx_entity_nonpoly.entity_id 
_pdbx_entity_nonpoly.name 
_pdbx_entity_nonpoly.comp_id 
2 'CALCIUM ION'                                                                                                   CA  
3 'ZINC ION'                                                                                                      ZN  
4 'SULFATE ION'                                                                                                   SO4 
5 'N-[(2S)-1-[4-(5-BROMOPYRIDIN-2-YL)PIPERAZIN-1-YL]SULFONYL-5-PYRIMIDIN-2-YL-PENTAN-2-YL]-N-HYDROXY-METHANAMIDE' TQJ 
6 water                                                                                                           HOH 
# 
loop_
_entity_poly_seq.entity_id 
_entity_poly_seq.num 
_entity_poly_seq.mon_id 
_entity_poly_seq.hetero 
1 1   GLY n 
1 2   TYR n 
1 3   SER n 
1 4   LEU n 
1 5   PHE n 
1 6   PRO n 
1 7   ASN n 
1 8   SER n 
1 9   PRO n 
1 10  LYS n 
1 11  TRP n 
1 12  THR n 
1 13  SER n 
1 14  LYS n 
1 15  VAL n 
1 16  VAL n 
1 17  THR n 
1 18  TYR n 
1 19  ARG n 
1 20  ILE n 
1 21  VAL n 
1 22  SER n 
1 23  TYR n 
1 24  THR n 
1 25  ARG n 
1 26  ASP n 
1 27  LEU n 
1 28  PRO n 
1 29  HIS n 
1 30  ILE n 
1 31  THR n 
1 32  VAL n 
1 33  ASP n 
1 34  ARG n 
1 35  LEU n 
1 36  VAL n 
1 37  SER n 
1 38  LYS n 
1 39  ALA n 
1 40  LEU n 
1 41  ASN n 
1 42  MET n 
1 43  TRP n 
1 44  GLY n 
1 45  LYS n 
1 46  GLU n 
1 47  ILE n 
1 48  PRO n 
1 49  LEU n 
1 50  HIS n 
1 51  PHE n 
1 52  ARG n 
1 53  LYS n 
1 54  VAL n 
1 55  VAL n 
1 56  TRP n 
1 57  GLY n 
1 58  THR n 
1 59  ALA n 
1 60  ASP n 
1 61  ILE n 
1 62  MET n 
1 63  ILE n 
1 64  GLY n 
1 65  PHE n 
1 66  ALA n 
1 67  ARG n 
1 68  GLY n 
1 69  ALA n 
1 70  HIS n 
1 71  GLY n 
1 72  ASP n 
1 73  SER n 
1 74  TYR n 
1 75  PRO n 
1 76  PHE n 
1 77  ASP n 
1 78  GLY n 
1 79  PRO n 
1 80  GLY n 
1 81  ASN n 
1 82  THR n 
1 83  LEU n 
1 84  ALA n 
1 85  HIS n 
1 86  ALA n 
1 87  PHE n 
1 88  ALA n 
1 89  PRO n 
1 90  GLY n 
1 91  THR n 
1 92  GLY n 
1 93  LEU n 
1 94  GLY n 
1 95  GLY n 
1 96  ASP n 
1 97  ALA n 
1 98  HIS n 
1 99  PHE n 
1 100 ASP n 
1 101 GLU n 
1 102 ASP n 
1 103 GLU n 
1 104 ARG n 
1 105 TRP n 
1 106 THR n 
1 107 ASP n 
1 108 GLY n 
1 109 SER n 
1 110 SER n 
1 111 LEU n 
1 112 GLY n 
1 113 ILE n 
1 114 ASN n 
1 115 PHE n 
1 116 LEU n 
1 117 TYR n 
1 118 ALA n 
1 119 ALA n 
1 120 THR n 
1 121 HIS n 
1 122 GLU n 
1 123 LEU n 
1 124 GLY n 
1 125 HIS n 
1 126 SER n 
1 127 LEU n 
1 128 GLY n 
1 129 MET n 
1 130 GLY n 
1 131 HIS n 
1 132 SER n 
1 133 SER n 
1 134 ASP n 
1 135 PRO n 
1 136 ASN n 
1 137 ALA n 
1 138 VAL n 
1 139 MET n 
1 140 TYR n 
1 141 PRO n 
1 142 THR n 
1 143 TYR n 
1 144 GLY n 
1 145 ASN n 
1 146 GLY n 
1 147 ASP n 
1 148 PRO n 
1 149 GLN n 
1 150 ASN n 
1 151 PHE n 
1 152 LYS n 
1 153 LEU n 
1 154 SER n 
1 155 GLN n 
1 156 ASP n 
1 157 ASP n 
1 158 ILE n 
1 159 LYS n 
1 160 GLY n 
1 161 ILE n 
1 162 GLN n 
1 163 LYS n 
1 164 LEU n 
1 165 TYR n 
1 166 GLY n 
1 167 LYS n 
1 168 ARG n 
1 169 SER n 
1 170 ASN n 
1 171 SER n 
1 172 ARG n 
1 173 LYS n 
1 174 LYS n 
# 
_entity_src_gen.entity_id                          1 
_entity_src_gen.pdbx_src_id                        1 
_entity_src_gen.pdbx_alt_source_flag               sample 
_entity_src_gen.pdbx_seq_type                      ? 
_entity_src_gen.pdbx_beg_seq_num                   ? 
_entity_src_gen.pdbx_end_seq_num                   ? 
_entity_src_gen.gene_src_common_name               HUMAN 
_entity_src_gen.gene_src_genus                     ? 
_entity_src_gen.pdbx_gene_src_gene                 ? 
_entity_src_gen.gene_src_species                   ? 
_entity_src_gen.gene_src_strain                    ? 
_entity_src_gen.gene_src_tissue                    ? 
_entity_src_gen.gene_src_tissue_fraction           ? 
_entity_src_gen.gene_src_details                   ? 
_entity_src_gen.pdbx_gene_src_fragment             ? 
_entity_src_gen.pdbx_gene_src_scientific_name      'HOMO SAPIENS' 
_entity_src_gen.pdbx_gene_src_ncbi_taxonomy_id     9606 
_entity_src_gen.pdbx_gene_src_variant              ? 
_entity_src_gen.pdbx_gene_src_cell_line            ? 
_entity_src_gen.pdbx_gene_src_atcc                 ? 
_entity_src_gen.pdbx_gene_src_organ                ? 
_entity_src_gen.pdbx_gene_src_organelle            ? 
_entity_src_gen.pdbx_gene_src_cell                 ? 
_entity_src_gen.pdbx_gene_src_cellular_location    ? 
_entity_src_gen.host_org_common_name               ? 
_entity_src_gen.pdbx_host_org_scientific_name      'ESCHERICHIA COLI' 
_entity_src_gen.pdbx_host_org_ncbi_taxonomy_id     562 
_entity_src_gen.host_org_genus                     ? 
_entity_src_gen.pdbx_host_org_gene                 ? 
_entity_src_gen.pdbx_host_org_organ                ? 
_entity_src_gen.host_org_species                   ? 
_entity_src_gen.pdbx_host_org_tissue               ? 
_entity_src_gen.pdbx_host_org_tissue_fraction      ? 
_entity_src_gen.pdbx_host_org_strain               ? 
_entity_src_gen.pdbx_host_org_variant              ? 
_entity_src_gen.pdbx_host_org_cell_line            ? 
_entity_src_gen.pdbx_host_org_atcc                 ? 
_entity_src_gen.pdbx_host_org_culture_collection   ? 
_entity_src_gen.pdbx_host_org_cell                 ? 
_entity_src_gen.pdbx_host_org_organelle            ? 
_entity_src_gen.pdbx_host_org_cellular_location    ? 
_entity_src_gen.pdbx_host_org_vector_type          ? 
_entity_src_gen.pdbx_host_org_vector               ? 
_entity_src_gen.host_org_details                   ? 
_entity_src_gen.expression_system_id               ? 
_entity_src_gen.plasmid_name                       ? 
_entity_src_gen.plasmid_details                    ? 
_entity_src_gen.pdbx_description                   ? 
# 
loop_
_chem_comp.id 
_chem_comp.type 
_chem_comp.mon_nstd_flag 
_chem_comp.name 
_chem_comp.pdbx_synonyms 
_chem_comp.formula 
_chem_comp.formula_weight 
ALA 'L-peptide linking' y ALANINE ? 'C3 H7 N O2'         89.093  
ARG 'L-peptide linking' y ARGININE ? 'C6 H15 N4 O2 1'     175.209 
ASN 'L-peptide linking' y ASPARAGINE ? 'C4 H8 N2 O3'        132.118 
ASP 'L-peptide linking' y 'ASPARTIC ACID' ? 'C4 H7 N O4'         133.103 
CA  non-polymer         . 'CALCIUM ION' ? 'Ca 2'               40.078  
GLN 'L-peptide linking' y GLUTAMINE ? 'C5 H10 N2 O3'       146.144 
GLU 'L-peptide linking' y 'GLUTAMIC ACID' ? 'C5 H9 N O4'         147.129 
GLY 'peptide linking'   y GLYCINE ? 'C2 H5 N O2'         75.067  
HIS 'L-peptide linking' y HISTIDINE ? 'C6 H10 N3 O2 1'     156.162 
HOH non-polymer         . WATER ? 'H2 O'               18.015  
ILE 'L-peptide linking' y ISOLEUCINE ? 'C6 H13 N O2'        131.173 
LEU 'L-peptide linking' y LEUCINE ? 'C6 H13 N O2'        131.173 
LYS 'L-peptide linking' y LYSINE ? 'C6 H15 N2 O2 1'     147.195 
MET 'L-peptide linking' y METHIONINE ? 'C5 H11 N O2 S'      149.211 
PHE 'L-peptide linking' y PHENYLALANINE ? 'C9 H11 N O2'        165.189 
PRO 'L-peptide linking' y PROLINE ? 'C5 H9 N O2'         115.130 
SER 'L-peptide linking' y SERINE ? 'C3 H7 N O3'         105.093 
SO4 non-polymer         . 'SULFATE ION' ? 'O4 S -2'            96.063  
THR 'L-peptide linking' y THREONINE ? 'C4 H9 N O3'         119.119 
TQJ non-polymer         . 
'N-[(2S)-1-[4-(5-BROMOPYRIDIN-2-YL)PIPERAZIN-1-YL]SULFONYL-5-PYRIMIDIN-2-YL-PENTAN-2-YL]-N-HYDROXY-METHANAMIDE' ? 
'C19 H25 Br N6 O4 S' 513.409 
TRP 'L-peptide linking' y TRYPTOPHAN ? 'C11 H12 N2 O2'      204.225 
TYR 'L-peptide linking' y TYROSINE ? 'C9 H11 N O3'        181.189 
VAL 'L-peptide linking' y VALINE ? 'C5 H11 N O2'        117.146 
ZN  non-polymer         . 'ZINC ION' ? 'Zn 2'               65.409  
# 
loop_
_pdbx_poly_seq_scheme.asym_id 
_pdbx_poly_seq_scheme.entity_id 
_pdbx_poly_seq_scheme.seq_id 
_pdbx_poly_seq_scheme.mon_id 
_pdbx_poly_seq_scheme.ndb_seq_num 
_pdbx_poly_seq_scheme.pdb_seq_num 
_pdbx_poly_seq_scheme.auth_seq_num 
_pdbx_poly_seq_scheme.pdb_mon_id 
_pdbx_poly_seq_scheme.auth_mon_id 
_pdbx_poly_seq_scheme.pdb_strand_id 
_pdbx_poly_seq_scheme.pdb_ins_code 
_pdbx_poly_seq_scheme.hetero 
A 1 1   GLY 1   99  99  GLY GLY A . n 
A 1 2   TYR 2   100 100 TYR TYR A . n 
A 1 3   SER 3   101 101 SER SER A . n 
A 1 4   LEU 4   102 102 LEU LEU A . n 
A 1 5   PHE 5   103 103 PHE PHE A . n 
A 1 6   PRO 6   104 104 PRO PRO A . n 
A 1 7   ASN 7   105 105 ASN ASN A . n 
A 1 8   SER 8   106 106 SER SER A . n 
A 1 9   PRO 9   107 107 PRO PRO A . n 
A 1 10  LYS 10  108 108 LYS LYS A . n 
A 1 11  TRP 11  109 109 TRP TRP A . n 
A 1 12  THR 12  110 110 THR THR A . n 
A 1 13  SER 13  111 111 SER SER A . n 
A 1 14  LYS 14  112 112 LYS LYS A . n 
A 1 15  VAL 15  113 113 VAL VAL A . n 
A 1 16  VAL 16  114 114 VAL VAL A . n 
A 1 17  THR 17  115 115 THR THR A . n 
A 1 18  TYR 18  116 116 TYR TYR A . n 
A 1 19  ARG 19  117 117 ARG ARG A . n 
A 1 20  ILE 20  118 118 ILE ILE A . n 
A 1 21  VAL 21  119 119 VAL VAL A . n 
A 1 22  SER 22  120 120 SER SER A . n 
A 1 23  TYR 23  121 121 TYR TYR A . n 
A 1 24  THR 24  122 122 THR THR A . n 
A 1 25  ARG 25  123 123 ARG ARG A . n 
A 1 26  ASP 26  124 124 ASP ASP A . n 
A 1 27  LEU 27  125 125 LEU LEU A . n 
A 1 28  PRO 28  126 126 PRO PRO A . n 
A 1 29  HIS 29  127 127 HIS HIS A . n 
A 1 30  ILE 30  128 128 ILE ILE A . n 
A 1 31  THR 31  129 129 THR THR A . n 
A 1 32  VAL 32  130 130 VAL VAL A . n 
A 1 33  ASP 33  131 131 ASP ASP A . n 
A 1 34  ARG 34  132 132 ARG ARG A . n 
A 1 35  LEU 35  133 133 LEU LEU A . n 
A 1 36  VAL 36  134 134 VAL VAL A . n 
A 1 37  SER 37  135 135 SER SER A . n 
A 1 38  LYS 38  136 136 LYS LYS A . n 
A 1 39  ALA 39  137 137 ALA ALA A . n 
A 1 40  LEU 40  138 138 LEU LEU A . n 
A 1 41  ASN 41  139 139 ASN ASN A . n 
A 1 42  MET 42  140 140 MET MET A . n 
A 1 43  TRP 43  141 141 TRP TRP A . n 
A 1 44  GLY 44  142 142 GLY GLY A . n 
A 1 45  LYS 45  143 143 LYS LYS A . n 
A 1 46  GLU 46  144 144 GLU GLU A . n 
A 1 47  ILE 47  145 145 ILE ILE A . n 
A 1 48  PRO 48  146 146 PRO PRO A . n 
A 1 49  LEU 49  147 147 LEU LEU A . n 
A 1 50  HIS 50  148 148 HIS HIS A . n 
A 1 51  PHE 51  149 149 PHE PHE A . n 
A 1 52  ARG 52  150 150 ARG ARG A . n 
A 1 53  LYS 53  151 151 LYS LYS A . n 
A 1 54  VAL 54  152 152 VAL VAL A . n 
A 1 55  VAL 55  153 153 VAL VAL A . n 
A 1 56  TRP 56  154 154 TRP TRP A . n 
A 1 57  GLY 57  155 155 GLY GLY A . n 
A 1 58  THR 58  156 156 THR THR A . n 
A 1 59  ALA 59  157 157 ALA ALA A . n 
A 1 60  ASP 60  158 158 ASP ASP A . n 
A 1 61  ILE 61  159 159 ILE ILE A . n 
A 1 62  MET 62  160 160 MET MET A . n 
A 1 63  ILE 63  161 161 ILE ILE A . n 
A 1 64  GLY 64  162 162 GLY GLY A . n 
A 1 65  PHE 65  163 163 PHE PHE A . n 
A 1 66  ALA 66  164 164 ALA ALA A . n 
A 1 67  ARG 67  165 165 ARG ARG A . n 
A 1 68  GLY 68  166 166 GLY GLY A . n 
A 1 69  ALA 69  167 167 ALA ALA A . n 
A 1 70  HIS 70  168 168 HIS HIS A . n 
A 1 71  GLY 71  169 169 GLY GLY A . n 
A 1 72  ASP 72  170 170 ASP ASP A . n 
A 1 73  SER 73  171 171 SER SER A . n 
A 1 74  TYR 74  172 172 TYR TYR A . n 
A 1 75  PRO 75  173 173 PRO PRO A . n 
A 1 76  PHE 76  174 174 PHE PHE A . n 
A 1 77  ASP 77  175 175 ASP ASP A . n 
A 1 78  GLY 78  176 176 GLY GLY A . n 
A 1 79  PRO 79  177 177 PRO PRO A . n 
A 1 80  GLY 80  178 178 GLY GLY A . n 
A 1 81  ASN 81  179 179 ASN ASN A . n 
A 1 82  THR 82  180 180 THR THR A . n 
A 1 83  LEU 83  181 181 LEU LEU A . n 
A 1 84  ALA 84  182 182 ALA ALA A . n 
A 1 85  HIS 85  183 183 HIS HIS A . n 
A 1 86  ALA 86  184 184 ALA ALA A . n 
A 1 87  PHE 87  185 185 PHE PHE A . n 
A 1 88  ALA 88  186 186 ALA ALA A . n 
A 1 89  PRO 89  187 187 PRO PRO A . n 
A 1 90  GLY 90  188 188 GLY GLY A . n 
A 1 91  THR 91  189 189 THR THR A . n 
A 1 92  GLY 92  190 190 GLY GLY A . n 
A 1 93  LEU 93  191 191 LEU LEU A . n 
A 1 94  GLY 94  192 192 GLY GLY A . n 
A 1 95  GLY 95  193 193 GLY GLY A . n 
A 1 96  ASP 96  194 194 ASP ASP A . n 
A 1 97  ALA 97  195 195 ALA ALA A . n 
A 1 98  HIS 98  196 196 HIS HIS A . n 
A 1 99  PHE 99  197 197 PHE PHE A . n 
A 1 100 ASP 100 198 198 ASP ASP A . n 
A 1 101 GLU 101 199 199 GLU GLU A . n 
A 1 102 ASP 102 200 200 ASP ASP A . n 
A 1 103 GLU 103 201 201 GLU GLU A . n 
A 1 104 ARG 104 202 202 ARG ARG A . n 
A 1 105 TRP 105 203 203 TRP TRP A . n 
A 1 106 THR 106 204 204 THR THR A . n 
A 1 107 ASP 107 205 205 ASP ASP A . n 
A 1 108 GLY 108 206 206 GLY GLY A . n 
A 1 109 SER 109 207 207 SER SER A . n 
A 1 110 SER 110 208 208 SER SER A . n 
A 1 111 LEU 111 209 209 LEU LEU A . n 
A 1 112 GLY 112 210 210 GLY GLY A . n 
A 1 113 ILE 113 211 211 ILE ILE A . n 
A 1 114 ASN 114 212 212 ASN ASN A . n 
A 1 115 PHE 115 213 213 PHE PHE A . n 
A 1 116 LEU 116 214 214 LEU LEU A . n 
A 1 117 TYR 117 215 215 TYR TYR A . n 
A 1 118 ALA 118 216 216 ALA ALA A . n 
A 1 119 ALA 119 217 217 ALA ALA A . n 
A 1 120 THR 120 218 218 THR THR A . n 
A 1 121 HIS 121 219 219 HIS HIS A . n 
A 1 122 GLU 122 220 220 GLU GLU A . n 
A 1 123 LEU 123 221 221 LEU LEU A . n 
A 1 124 GLY 124 222 222 GLY GLY A . n 
A 1 125 HIS 125 223 223 HIS HIS A . n 
A 1 126 SER 126 224 224 SER SER A . n 
A 1 127 LEU 127 225 225 LEU LEU A . n 
A 1 128 GLY 128 226 226 GLY GLY A . n 
A 1 129 MET 129 227 227 MET MET A . n 
A 1 130 GLY 130 228 228 GLY GLY A . n 
A 1 131 HIS 131 229 229 HIS HIS A . n 
A 1 132 SER 132 230 230 SER SER A . n 
A 1 133 SER 133 231 231 SER SER A . n 
A 1 134 ASP 134 232 232 ASP ASP A . n 
A 1 135 PRO 135 233 233 PRO PRO A . n 
A 1 136 ASN 136 234 234 ASN ASN A . n 
A 1 137 ALA 137 235 235 ALA ALA A . n 
A 1 138 VAL 138 236 236 VAL VAL A . n 
A 1 139 MET 139 237 237 MET MET A . n 
A 1 140 TYR 140 238 238 TYR TYR A . n 
A 1 141 PRO 141 239 239 PRO PRO A . n 
A 1 142 THR 142 240 240 THR THR A . n 
A 1 143 TYR 143 241 241 TYR TYR A . n 
A 1 144 GLY 144 242 ?   ?   ?   A . n 
A 1 145 ASN 145 243 ?   ?   ?   A . n 
A 1 146 GLY 146 244 ?   ?   ?   A . n 
A 1 147 ASP 147 245 ?   ?   ?   A . n 
A 1 148 PRO 148 246 ?   ?   ?   A . n 
A 1 149 GLN 149 247 ?   ?   ?   A . n 
A 1 150 ASN 150 248 248 ASN ASN A . n 
A 1 151 PHE 151 249 249 PHE PHE A . n 
A 1 152 LYS 152 250 250 LYS LYS A . n 
A 1 153 LEU 153 251 251 LEU LEU A . n 
A 1 154 SER 154 252 252 SER SER A . n 
A 1 155 GLN 155 253 253 GLN GLN A . n 
A 1 156 ASP 156 254 254 ASP ASP A . n 
A 1 157 ASP 157 255 255 ASP ASP A . n 
A 1 158 ILE 158 256 256 ILE ILE A . n 
A 1 159 LYS 159 257 257 LYS LYS A . n 
A 1 160 GLY 160 258 258 GLY GLY A . n 
A 1 161 ILE 161 259 259 ILE ILE A . n 
A 1 162 GLN 162 260 260 GLN GLN A . n 
A 1 163 LYS 163 261 261 LYS LYS A . n 
A 1 164 LEU 164 262 262 LEU LEU A . n 
A 1 165 TYR 165 263 263 TYR TYR A . n 
A 1 166 GLY 166 264 264 GLY GLY A . n 
A 1 167 LYS 167 265 ?   ?   ?   A . n 
A 1 168 ARG 168 266 ?   ?   ?   A . n 
A 1 169 SER 169 267 ?   ?   ?   A . n 
A 1 170 ASN 170 268 ?   ?   ?   A . n 
A 1 171 SER 171 269 ?   ?   ?   A . n 
A 1 172 ARG 172 270 ?   ?   ?   A . n 
A 1 173 LYS 173 271 ?   ?   ?   A . n 
A 1 174 LYS 174 272 ?   ?   ?   A . n 
# 
loop_
_pdbx_nonpoly_scheme.asym_id 
_pdbx_nonpoly_scheme.entity_id 
_pdbx_nonpoly_scheme.mon_id 
_pdbx_nonpoly_scheme.ndb_seq_num 
_pdbx_nonpoly_scheme.pdb_seq_num 
_pdbx_nonpoly_scheme.auth_seq_num 
_pdbx_nonpoly_scheme.pdb_mon_id 
_pdbx_nonpoly_scheme.auth_mon_id 
_pdbx_nonpoly_scheme.pdb_strand_id 
_pdbx_nonpoly_scheme.pdb_ins_code 
B 2 CA  1   1265 1265 CA  CA  A . 
C 2 CA  1   1266 1266 CA  CA  A . 
D 3 ZN  1   1267 1267 ZN  ZN  A . 
E 3 ZN  1   1268 1268 ZN  ZN  A . 
F 4 SO4 1   1269 1269 SO4 SO4 A . 
G 4 SO4 1   1270 1270 SO4 SO4 A . 
H 5 TQJ 1   1271 1271 TQJ TQJ A . 
I 6 HOH 1   2001 2001 HOH HOH A . 
I 6 HOH 2   2002 2002 HOH HOH A . 
I 6 HOH 3   2003 2003 HOH HOH A . 
I 6 HOH 4   2004 2004 HOH HOH A . 
I 6 HOH 5   2005 2005 HOH HOH A . 
I 6 HOH 6   2006 2006 HOH HOH A . 
I 6 HOH 7   2007 2007 HOH HOH A . 
I 6 HOH 8   2008 2008 HOH HOH A . 
I 6 HOH 9   2009 2009 HOH HOH A . 
I 6 HOH 10  2010 2010 HOH HOH A . 
I 6 HOH 11  2011 2011 HOH HOH A . 
I 6 HOH 12  2012 2012 HOH HOH A . 
I 6 HOH 13  2013 2013 HOH HOH A . 
I 6 HOH 14  2014 2014 HOH HOH A . 
I 6 HOH 15  2015 2015 HOH HOH A . 
I 6 HOH 16  2016 2016 HOH HOH A . 
I 6 HOH 17  2017 2017 HOH HOH A . 
I 6 HOH 18  2018 2018 HOH HOH A . 
I 6 HOH 19  2019 2019 HOH HOH A . 
I 6 HOH 20  2020 2020 HOH HOH A . 
I 6 HOH 21  2021 2021 HOH HOH A . 
I 6 HOH 22  2022 2022 HOH HOH A . 
I 6 HOH 23  2023 2023 HOH HOH A . 
I 6 HOH 24  2024 2024 HOH HOH A . 
I 6 HOH 25  2025 2025 HOH HOH A . 
I 6 HOH 26  2026 2026 HOH HOH A . 
I 6 HOH 27  2027 2027 HOH HOH A . 
I 6 HOH 28  2028 2028 HOH HOH A . 
I 6 HOH 29  2029 2029 HOH HOH A . 
I 6 HOH 30  2030 2030 HOH HOH A . 
I 6 HOH 31  2031 2031 HOH HOH A . 
I 6 HOH 32  2032 2032 HOH HOH A . 
I 6 HOH 33  2033 2033 HOH HOH A . 
I 6 HOH 34  2034 2034 HOH HOH A . 
I 6 HOH 35  2035 2035 HOH HOH A . 
I 6 HOH 36  2036 2036 HOH HOH A . 
I 6 HOH 37  2037 2037 HOH HOH A . 
I 6 HOH 38  2038 2038 HOH HOH A . 
I 6 HOH 39  2039 2039 HOH HOH A . 
I 6 HOH 40  2040 2040 HOH HOH A . 
I 6 HOH 41  2041 2041 HOH HOH A . 
I 6 HOH 42  2042 2042 HOH HOH A . 
I 6 HOH 43  2043 2043 HOH HOH A . 
I 6 HOH 44  2044 2044 HOH HOH A . 
I 6 HOH 45  2045 2045 HOH HOH A . 
I 6 HOH 46  2046 2046 HOH HOH A . 
I 6 HOH 47  2047 2047 HOH HOH A . 
I 6 HOH 48  2048 2048 HOH HOH A . 
I 6 HOH 49  2049 2049 HOH HOH A . 
I 6 HOH 50  2050 2050 HOH HOH A . 
I 6 HOH 51  2051 2051 HOH HOH A . 
I 6 HOH 52  2052 2052 HOH HOH A . 
I 6 HOH 53  2053 2053 HOH HOH A . 
I 6 HOH 54  2054 2054 HOH HOH A . 
I 6 HOH 55  2055 2055 HOH HOH A . 
I 6 HOH 56  2056 2056 HOH HOH A . 
I 6 HOH 57  2057 2057 HOH HOH A . 
I 6 HOH 58  2058 2058 HOH HOH A . 
I 6 HOH 59  2059 2059 HOH HOH A . 
I 6 HOH 60  2060 2060 HOH HOH A . 
I 6 HOH 61  2061 2061 HOH HOH A . 
I 6 HOH 62  2062 2062 HOH HOH A . 
I 6 HOH 63  2063 2063 HOH HOH A . 
I 6 HOH 64  2064 2064 HOH HOH A . 
I 6 HOH 65  2065 2065 HOH HOH A . 
I 6 HOH 66  2066 2066 HOH HOH A . 
I 6 HOH 67  2067 2067 HOH HOH A . 
I 6 HOH 68  2068 2068 HOH HOH A . 
I 6 HOH 69  2069 2069 HOH HOH A . 
I 6 HOH 70  2070 2070 HOH HOH A . 
I 6 HOH 71  2071 2071 HOH HOH A . 
I 6 HOH 72  2072 2072 HOH HOH A . 
I 6 HOH 73  2073 2073 HOH HOH A . 
I 6 HOH 74  2074 2074 HOH HOH A . 
I 6 HOH 75  2075 2075 HOH HOH A . 
I 6 HOH 76  2076 2076 HOH HOH A . 
I 6 HOH 77  2077 2077 HOH HOH A . 
I 6 HOH 78  2078 2078 HOH HOH A . 
I 6 HOH 79  2079 2079 HOH HOH A . 
I 6 HOH 80  2080 2080 HOH HOH A . 
I 6 HOH 81  2081 2081 HOH HOH A . 
I 6 HOH 82  2082 2082 HOH HOH A . 
I 6 HOH 83  2083 2083 HOH HOH A . 
I 6 HOH 84  2084 2084 HOH HOH A . 
I 6 HOH 85  2085 2085 HOH HOH A . 
I 6 HOH 86  2086 2086 HOH HOH A . 
I 6 HOH 87  2087 2087 HOH HOH A . 
I 6 HOH 88  2088 2088 HOH HOH A . 
I 6 HOH 89  2089 2089 HOH HOH A . 
I 6 HOH 90  2090 2090 HOH HOH A . 
I 6 HOH 91  2091 2091 HOH HOH A . 
I 6 HOH 92  2092 2092 HOH HOH A . 
I 6 HOH 93  2093 2093 HOH HOH A . 
I 6 HOH 94  2094 2094 HOH HOH A . 
I 6 HOH 95  2095 2095 HOH HOH A . 
I 6 HOH 96  2096 2096 HOH HOH A . 
I 6 HOH 97  2097 2097 HOH HOH A . 
I 6 HOH 98  2098 2098 HOH HOH A . 
I 6 HOH 99  2099 2099 HOH HOH A . 
I 6 HOH 100 2100 2100 HOH HOH A . 
I 6 HOH 101 2101 2101 HOH HOH A . 
I 6 HOH 102 2102 2102 HOH HOH A . 
I 6 HOH 103 2103 2103 HOH HOH A . 
I 6 HOH 104 2104 2104 HOH HOH A . 
# 
loop_
_pdbx_unobs_or_zero_occ_atoms.id 
_pdbx_unobs_or_zero_occ_atoms.PDB_model_num 
_pdbx_unobs_or_zero_occ_atoms.polymer_flag 
_pdbx_unobs_or_zero_occ_atoms.occupancy_flag 
_pdbx_unobs_or_zero_occ_atoms.auth_asym_id 
_pdbx_unobs_or_zero_occ_atoms.auth_comp_id 
_pdbx_unobs_or_zero_occ_atoms.auth_seq_id 
_pdbx_unobs_or_zero_occ_atoms.PDB_ins_code 
_pdbx_unobs_or_zero_occ_atoms.auth_atom_id 
_pdbx_unobs_or_zero_occ_atoms.label_alt_id 
_pdbx_unobs_or_zero_occ_atoms.label_asym_id 
_pdbx_unobs_or_zero_occ_atoms.label_comp_id 
_pdbx_unobs_or_zero_occ_atoms.label_seq_id 
_pdbx_unobs_or_zero_occ_atoms.label_atom_id 
1  1 Y 1 A ARG 123 ? CD  ? A ARG 25  CD  
2  1 Y 1 A ARG 123 ? NE  ? A ARG 25  NE  
3  1 Y 1 A ARG 123 ? CZ  ? A ARG 25  CZ  
4  1 Y 1 A ARG 123 ? NH1 ? A ARG 25  NH1 
5  1 Y 1 A ARG 123 ? NH2 ? A ARG 25  NH2 
6  1 Y 1 A LYS 136 ? NZ  ? A LYS 38  NZ  
7  1 Y 1 A ARG 165 ? CZ  ? A ARG 67  CZ  
8  1 Y 1 A ARG 165 ? NH1 ? A ARG 67  NH1 
9  1 Y 1 A ARG 165 ? NH2 ? A ARG 67  NH2 
10 1 Y 1 A ASN 248 ? N   ? A ASN 150 N   
11 1 Y 1 A ASN 248 ? CA  ? A ASN 150 CA  
12 1 Y 1 A ASN 248 ? CB  ? A ASN 150 CB  
13 1 Y 1 A ASN 248 ? CG  ? A ASN 150 CG  
14 1 Y 1 A ASN 248 ? OD1 ? A ASN 150 OD1 
15 1 Y 1 A ASN 248 ? ND2 ? A ASN 150 ND2 
16 1 Y 1 A LYS 250 ? CD  ? A LYS 152 CD  
17 1 Y 1 A LYS 250 ? CE  ? A LYS 152 CE  
18 1 Y 1 A LYS 250 ? NZ  ? A LYS 152 NZ  
19 1 Y 1 A GLY 264 ? C   ? A GLY 166 C   
20 1 Y 1 A GLY 264 ? O   ? A GLY 166 O   
# 
_software.name             REFMAC 
_software.classification   refinement 
_software.version          5.5.0066 
_software.citation_id      ? 
_software.pdbx_ordinal     1 
# 
_cell.entry_id           2Y6D 
_cell.length_a           76.590 
_cell.length_b           76.590 
_cell.length_c           60.924 
_cell.angle_alpha        90.00 
_cell.angle_beta         90.00 
_cell.angle_gamma        90.00 
_cell.Z_PDB              8 
_cell.pdbx_unique_axis   ? 
# 
_symmetry.entry_id                         2Y6D 
_symmetry.space_group_name_H-M             'I 4' 
_symmetry.pdbx_full_space_group_name_H-M   ? 
_symmetry.cell_setting                     ? 
_symmetry.Int_Tables_number                79 
# 
_exptl.entry_id          2Y6D 
_exptl.method            'X-RAY DIFFRACTION' 
_exptl.crystals_number   ? 
# 
_exptl_crystal.id                    1 
_exptl_crystal.density_meas          ? 
_exptl_crystal.density_Matthews      2.32 
_exptl_crystal.density_percent_sol   47.1 
_exptl_crystal.description           NONE 
# 
_diffrn.id                     1 
_diffrn.ambient_temp           100 
_diffrn.ambient_temp_details   ? 
_diffrn.crystal_id             1 
# 
_diffrn_radiation.diffrn_id                        1 
_diffrn_radiation.wavelength_id                    1 
_diffrn_radiation.pdbx_monochromatic_or_laue_m_l   M 
_diffrn_radiation.monochromator                    ? 
_diffrn_radiation.pdbx_diffrn_protocol             'SINGLE WAVELENGTH' 
_diffrn_radiation.pdbx_scattering_type             x-ray 
# 
_diffrn_radiation_wavelength.id           1 
_diffrn_radiation_wavelength.wavelength   0.98 
_diffrn_radiation_wavelength.wt           1.0 
# 
_diffrn_source.diffrn_id                   1 
_diffrn_source.source                      SYNCHROTRON 
_diffrn_source.type                        ESRF 
_diffrn_source.pdbx_synchrotron_site       ESRF 
_diffrn_source.pdbx_synchrotron_beamline   ? 
_diffrn_source.pdbx_wavelength             0.98 
_diffrn_source.pdbx_wavelength_list        ? 
# 
_reflns.pdbx_diffrn_id               1 
_reflns.pdbx_ordinal                 1 
_reflns.entry_id                     2Y6D 
_reflns.observed_criterion_sigma_I   0.0 
_reflns.observed_criterion_sigma_F   ? 
_reflns.d_resolution_low             54.00 
_reflns.d_resolution_high            1.60 
_reflns.number_obs                   21912 
_reflns.number_all                   ? 
_reflns.percent_possible_obs         99.2 
_reflns.pdbx_Rmerge_I_obs            0.08 
_reflns.pdbx_Rsym_value              ? 
_reflns.pdbx_netI_over_sigmaI        ? 
_reflns.B_iso_Wilson_estimate        ? 
_reflns.pdbx_redundancy              3.4 
# 
_refine.pdbx_refine_id                           'X-RAY DIFFRACTION' 
_refine.entry_id                                 2Y6D 
_refine.pdbx_diffrn_id                           1 
_refine.pdbx_TLS_residual_ADP_flag               ? 
_refine.ls_number_reflns_obs                     21912 
_refine.ls_number_reflns_all                     ? 
_refine.pdbx_ls_sigma_I                          ? 
_refine.pdbx_ls_sigma_F                          . 
_refine.pdbx_data_cutoff_high_absF               ? 
_refine.pdbx_data_cutoff_low_absF                ? 
_refine.pdbx_data_cutoff_high_rms_absF           ? 
_refine.ls_d_res_low                             54.15 
_refine.ls_d_res_high                            1.60 
_refine.ls_percent_reflns_obs                    99.21 
_refine.ls_R_factor_obs                          0.19745 
_refine.ls_R_factor_all                          ? 
_refine.ls_R_factor_R_work                       0.19644 
_refine.ls_R_factor_R_free                       0.21610 
_refine.ls_R_factor_R_free_error                 ? 
_refine.ls_R_factor_R_free_error_details         ? 
_refine.ls_percent_reflns_R_free                 5.2 
_refine.ls_number_reflns_R_free                  1190 
_refine.ls_number_parameters                     ? 
_refine.ls_number_restraints                     ? 
_refine.occupancy_min                            ? 
_refine.occupancy_max                            ? 
_refine.correlation_coeff_Fo_to_Fc               0.947 
_refine.correlation_coeff_Fo_to_Fc_free          0.934 
_refine.B_iso_mean                               17.761 
_refine.aniso_B[1][1]                            -0.01 
_refine.aniso_B[2][2]                            -0.01 
_refine.aniso_B[3][3]                            0.02 
_refine.aniso_B[1][2]                            0.00 
_refine.aniso_B[1][3]                            0.00 
_refine.aniso_B[2][3]                            0.00 
_refine.solvent_model_details                    'BABINET MODEL WITH MASK' 
_refine.solvent_model_param_ksol                 ? 
_refine.solvent_model_param_bsol                 ? 
_refine.pdbx_solvent_vdw_probe_radii             1.40 
_refine.pdbx_solvent_ion_probe_radii             0.80 
_refine.pdbx_solvent_shrinkage_radii             0.80 
_refine.pdbx_ls_cross_valid_method               THROUGHOUT 
_refine.details                                  'HYDROGENS HAVE BEEN ADDED IN THE RIDING POSITIONS.' 
_refine.pdbx_starting_model                      NONE 
_refine.pdbx_method_to_determine_struct          OTHER 
_refine.pdbx_isotropic_thermal_model             ? 
_refine.pdbx_stereochemistry_target_values       'MAXIMUM LIKELIHOOD' 
_refine.pdbx_stereochem_target_val_spec_case     ? 
_refine.pdbx_R_Free_selection_details            RANDOM 
_refine.pdbx_overall_ESU_R                       0.093 
_refine.pdbx_overall_ESU_R_Free                  0.089 
_refine.overall_SU_ML                            0.058 
_refine.pdbx_overall_phase_error                 ? 
_refine.overall_SU_B                             1.645 
_refine.overall_SU_R_Cruickshank_DPI             ? 
_refine.pdbx_overall_SU_R_free_Cruickshank_DPI   ? 
_refine.pdbx_overall_SU_R_Blow_DPI               ? 
_refine.pdbx_overall_SU_R_free_Blow_DPI          ? 
# 
_refine_hist.pdbx_refine_id                   'X-RAY DIFFRACTION' 
_refine_hist.cycle_id                         LAST 
_refine_hist.pdbx_number_atoms_protein        1228 
_refine_hist.pdbx_number_atoms_nucleic_acid   0 
_refine_hist.pdbx_number_atoms_ligand         45 
_refine_hist.number_atoms_solvent             104 
_refine_hist.number_atoms_total               1377 
_refine_hist.d_res_high                       1.60 
_refine_hist.d_res_low                        54.15 
# 
loop_
_refine_ls_restr.type 
_refine_ls_restr.dev_ideal 
_refine_ls_restr.dev_ideal_target 
_refine_ls_restr.weight 
_refine_ls_restr.number 
_refine_ls_restr.pdbx_refine_id 
_refine_ls_restr.pdbx_restraint_function 
r_bond_refined_d             0.004  0.021  ? 1322 'X-RAY DIFFRACTION' ? 
r_bond_other_d               ?      ?      ? ?    'X-RAY DIFFRACTION' ? 
r_angle_refined_deg          1.194  1.964  ? 1801 'X-RAY DIFFRACTION' ? 
r_angle_other_deg            ?      ?      ? ?    'X-RAY DIFFRACTION' ? 
r_dihedral_angle_1_deg       2.715  5.000  ? 161  'X-RAY DIFFRACTION' ? 
r_dihedral_angle_2_deg       27.555 23.455 ? 55   'X-RAY DIFFRACTION' ? 
r_dihedral_angle_3_deg       7.220  15.000 ? 187  'X-RAY DIFFRACTION' ? 
r_dihedral_angle_4_deg       10.203 15.000 ? 4    'X-RAY DIFFRACTION' ? 
r_chiral_restr               0.079  0.200  ? 181  'X-RAY DIFFRACTION' ? 
r_gen_planes_refined         0.004  0.021  ? 1042 'X-RAY DIFFRACTION' ? 
r_gen_planes_other           ?      ?      ? ?    'X-RAY DIFFRACTION' ? 
r_nbd_refined                ?      ?      ? ?    'X-RAY DIFFRACTION' ? 
r_nbd_other                  ?      ?      ? ?    'X-RAY DIFFRACTION' ? 
r_nbtor_refined              ?      ?      ? ?    'X-RAY DIFFRACTION' ? 
r_nbtor_other                ?      ?      ? ?    'X-RAY DIFFRACTION' ? 
r_xyhbond_nbd_refined        ?      ?      ? ?    'X-RAY DIFFRACTION' ? 
r_xyhbond_nbd_other          ?      ?      ? ?    'X-RAY DIFFRACTION' ? 
r_metal_ion_refined          ?      ?      ? ?    'X-RAY DIFFRACTION' ? 
r_metal_ion_other            ?      ?      ? ?    'X-RAY DIFFRACTION' ? 
r_symmetry_vdw_refined       ?      ?      ? ?    'X-RAY DIFFRACTION' ? 
r_symmetry_vdw_other         ?      ?      ? ?    'X-RAY DIFFRACTION' ? 
r_symmetry_hbond_refined     ?      ?      ? ?    'X-RAY DIFFRACTION' ? 
r_symmetry_hbond_other       ?      ?      ? ?    'X-RAY DIFFRACTION' ? 
r_symmetry_metal_ion_refined ?      ?      ? ?    'X-RAY DIFFRACTION' ? 
r_symmetry_metal_ion_other   ?      ?      ? ?    'X-RAY DIFFRACTION' ? 
r_mcbond_it                  0.506  1.500  ? 795  'X-RAY DIFFRACTION' ? 
r_mcbond_other               ?      ?      ? ?    'X-RAY DIFFRACTION' ? 
r_mcangle_it                 0.985  2.000  ? 1273 'X-RAY DIFFRACTION' ? 
r_mcangle_other              ?      ?      ? ?    'X-RAY DIFFRACTION' ? 
r_scbond_it                  1.453  3.000  ? 527  'X-RAY DIFFRACTION' ? 
r_scbond_other               ?      ?      ? ?    'X-RAY DIFFRACTION' ? 
r_scangle_it                 2.336  4.500  ? 528  'X-RAY DIFFRACTION' ? 
r_scangle_other              ?      ?      ? ?    'X-RAY DIFFRACTION' ? 
r_long_range_B_refined       ?      ?      ? ?    'X-RAY DIFFRACTION' ? 
r_long_range_B_other         ?      ?      ? ?    'X-RAY DIFFRACTION' ? 
r_rigid_bond_restr           ?      ?      ? ?    'X-RAY DIFFRACTION' ? 
r_sphericity_free            ?      ?      ? ?    'X-RAY DIFFRACTION' ? 
r_sphericity_bonded          ?      ?      ? ?    'X-RAY DIFFRACTION' ? 
# 
_refine_ls_shell.pdbx_refine_id                   'X-RAY DIFFRACTION' 
_refine_ls_shell.pdbx_total_number_of_bins_used   20 
_refine_ls_shell.d_res_high                       1.600 
_refine_ls_shell.d_res_low                        1.642 
_refine_ls_shell.number_reflns_R_work             1600 
_refine_ls_shell.R_factor_R_work                  0.273 
_refine_ls_shell.percent_reflns_obs               98.65 
_refine_ls_shell.R_factor_R_free                  0.247 
_refine_ls_shell.R_factor_R_free_error            ? 
_refine_ls_shell.percent_reflns_R_free            ? 
_refine_ls_shell.number_reflns_R_free             87 
_refine_ls_shell.number_reflns_all                ? 
_refine_ls_shell.R_factor_all                     ? 
# 
_struct.entry_id                  2Y6D 
_struct.title                     'The Discovery of MMP7 Inhibitors Exploiting a Novel Selectivity Trigger' 
_struct.pdbx_model_details        ? 
_struct.pdbx_CASP_flag            ? 
_struct.pdbx_model_type_details   ? 
# 
_struct_keywords.entry_id        2Y6D 
_struct_keywords.pdbx_keywords   HYDROLASE 
_struct_keywords.text            HYDROLASE 
# 
loop_
_struct_asym.id 
_struct_asym.pdbx_blank_PDB_chainid_flag 
_struct_asym.pdbx_modified 
_struct_asym.entity_id 
_struct_asym.details 
A N N 1 ? 
B N N 2 ? 
C N N 2 ? 
D N N 3 ? 
E N N 3 ? 
F N N 4 ? 
G N N 4 ? 
H N N 5 ? 
I N N 6 ? 
# 
_struct_ref.id                         1 
_struct_ref.db_name                    UNP 
_struct_ref.db_code                    MMP7_HUMAN 
_struct_ref.entity_id                  1 
_struct_ref.pdbx_seq_one_letter_code   ? 
_struct_ref.pdbx_align_begin           ? 
_struct_ref.pdbx_db_accession          P09237 
_struct_ref.pdbx_db_isoform            ? 
# 
_struct_ref_seq.align_id                      1 
_struct_ref_seq.ref_id                        1 
_struct_ref_seq.pdbx_PDB_id_code              2Y6D 
_struct_ref_seq.pdbx_strand_id                A 
_struct_ref_seq.seq_align_beg                 2 
_struct_ref_seq.pdbx_seq_align_beg_ins_code   ? 
_struct_ref_seq.seq_align_end                 174 
_struct_ref_seq.pdbx_seq_align_end_ins_code   ? 
_struct_ref_seq.pdbx_db_accession             P09237 
_struct_ref_seq.db_align_beg                  95 
_struct_ref_seq.pdbx_db_align_beg_ins_code    ? 
_struct_ref_seq.db_align_end                  267 
_struct_ref_seq.pdbx_db_align_end_ins_code    ? 
_struct_ref_seq.pdbx_auth_seq_align_beg       100 
_struct_ref_seq.pdbx_auth_seq_align_end       272 
# 
_struct_ref_seq_dif.align_id                     1 
_struct_ref_seq_dif.pdbx_pdb_id_code             2Y6D 
_struct_ref_seq_dif.mon_id                       GLY 
_struct_ref_seq_dif.pdbx_pdb_strand_id           A 
_struct_ref_seq_dif.seq_num                      1 
_struct_ref_seq_dif.pdbx_pdb_ins_code            ? 
_struct_ref_seq_dif.pdbx_seq_db_name             UNP 
_struct_ref_seq_dif.pdbx_seq_db_accession_code   P09237 
_struct_ref_seq_dif.db_mon_id                    ? 
_struct_ref_seq_dif.pdbx_seq_db_seq_num          ? 
_struct_ref_seq_dif.details                      'expression tag' 
_struct_ref_seq_dif.pdbx_auth_seq_num            99 
_struct_ref_seq_dif.pdbx_ordinal                 1 
# 
_pdbx_struct_assembly.id                   1 
_pdbx_struct_assembly.details              software_defined_assembly 
_pdbx_struct_assembly.method_details       PISA 
_pdbx_struct_assembly.oligomeric_details   tetrameric 
_pdbx_struct_assembly.oligomeric_count     4 
# 
loop_
_pdbx_struct_assembly_prop.biol_id 
_pdbx_struct_assembly_prop.type 
_pdbx_struct_assembly_prop.value 
_pdbx_struct_assembly_prop.details 
1 'ABSA (A^2)' 5590   ? 
1 MORE         -169.0 ? 
1 'SSA (A^2)'  28480  ? 
# 
_pdbx_struct_assembly_gen.assembly_id       1 
_pdbx_struct_assembly_gen.oper_expression   1,2,3,4 
_pdbx_struct_assembly_gen.asym_id_list      A,B,C,D,E,F,G,H,I 
# 
loop_
_pdbx_struct_oper_list.id 
_pdbx_struct_oper_list.type 
_pdbx_struct_oper_list.name 
_pdbx_struct_oper_list.symmetry_operation 
_pdbx_struct_oper_list.matrix[1][1] 
_pdbx_struct_oper_list.matrix[1][2] 
_pdbx_struct_oper_list.matrix[1][3] 
_pdbx_struct_oper_list.vector[1] 
_pdbx_struct_oper_list.matrix[2][1] 
_pdbx_struct_oper_list.matrix[2][2] 
_pdbx_struct_oper_list.matrix[2][3] 
_pdbx_struct_oper_list.vector[2] 
_pdbx_struct_oper_list.matrix[3][1] 
_pdbx_struct_oper_list.matrix[3][2] 
_pdbx_struct_oper_list.matrix[3][3] 
_pdbx_struct_oper_list.vector[3] 
1 'identity operation'         1_555 x,y,z   1.0000000000  0.0000000000 0.0000000000  0.0000000000  0.0000000000 1.0000000000 0.0000000000  0.0000000000   0.0000000000  0.0000000000  1.0000000000  0.0000000000   
2 'crystal symmetry operation' 3_555 -y,x,z  0.4526719489  0.6731399893 0.5847825763  21.1166724729 0.2880661124 0.5102575785 -0.8103425933 -13.2360782238 -0.8438637459 0.5352754043  0.0370704727  24.6843544156  
3 'crystal symmetry operation' 4_555 y,-x,z  0.4526719489  0.2880661124 -0.8438637459 15.0841720975 0.6731399893 0.5102575785 0.5352754043  -20.6735952483 0.5847825763  -0.8103425933 0.0370704727  -23.9894807703 
4 'crystal symmetry operation' 2_555 -x,-y,z -0.0946561023 0.9612061017 -0.2590811696 36.2008445704 0.9612061017 0.0205151570 -0.2750671890 -33.9096734722 -0.2590811696 -0.2750671890 -0.9258590547 0.6948736453 
# 
_struct_biol.id   1 
# 
loop_
_struct_conf.conf_type_id 
_struct_conf.id 
_struct_conf.pdbx_PDB_helix_id 
_struct_conf.beg_label_comp_id 
_struct_conf.beg_label_asym_id 
_struct_conf.beg_label_seq_id 
_struct_conf.pdbx_beg_PDB_ins_code 
_struct_conf.end_label_comp_id 
_struct_conf.end_label_asym_id 
_struct_conf.end_label_seq_id 
_struct_conf.pdbx_end_PDB_ins_code 
_struct_conf.beg_auth_comp_id 
_struct_conf.beg_auth_asym_id 
_struct_conf.beg_auth_seq_id 
_struct_conf.end_auth_comp_id 
_struct_conf.end_auth_asym_id 
_struct_conf.end_auth_seq_id 
_struct_conf.pdbx_PDB_helix_class 
_struct_conf.details 
_struct_conf.pdbx_PDB_helix_length 
HELX_P HELX_P1 1 PRO A 28  ? LYS A 45  ? PRO A 126 LYS A 143 1 ? 18 
HELX_P HELX_P2 2 PHE A 115 ? LEU A 127 ? PHE A 213 LEU A 225 1 ? 13 
HELX_P HELX_P3 3 SER A 154 ? TYR A 165 ? SER A 252 TYR A 263 1 ? 12 
# 
_struct_conf_type.id          HELX_P 
_struct_conf_type.criteria    ? 
_struct_conf_type.reference   ? 
# 
loop_
_struct_conn.id 
_struct_conn.conn_type_id 
_struct_conn.pdbx_leaving_atom_flag 
_struct_conn.pdbx_PDB_id 
_struct_conn.ptnr1_label_asym_id 
_struct_conn.ptnr1_label_comp_id 
_struct_conn.ptnr1_label_seq_id 
_struct_conn.ptnr1_label_atom_id 
_struct_conn.pdbx_ptnr1_label_alt_id 
_struct_conn.pdbx_ptnr1_PDB_ins_code 
_struct_conn.pdbx_ptnr1_standard_comp_id 
_struct_conn.ptnr1_symmetry 
_struct_conn.ptnr2_label_asym_id 
_struct_conn.ptnr2_label_comp_id 
_struct_conn.ptnr2_label_seq_id 
_struct_conn.ptnr2_label_atom_id 
_struct_conn.pdbx_ptnr2_label_alt_id 
_struct_conn.pdbx_ptnr2_PDB_ins_code 
_struct_conn.ptnr1_auth_asym_id 
_struct_conn.ptnr1_auth_comp_id 
_struct_conn.ptnr1_auth_seq_id 
_struct_conn.ptnr2_auth_asym_id 
_struct_conn.ptnr2_auth_comp_id 
_struct_conn.ptnr2_auth_seq_id 
_struct_conn.ptnr2_symmetry 
_struct_conn.pdbx_ptnr3_label_atom_id 
_struct_conn.pdbx_ptnr3_label_seq_id 
_struct_conn.pdbx_ptnr3_label_comp_id 
_struct_conn.pdbx_ptnr3_label_asym_id 
_struct_conn.pdbx_ptnr3_label_alt_id 
_struct_conn.pdbx_ptnr3_PDB_ins_code 
_struct_conn.details 
_struct_conn.pdbx_dist_value 
_struct_conn.pdbx_value_order 
_struct_conn.pdbx_role 
metalc1  metalc ? ? A ASP 60  O   ? ? ? 1_555 C CA  . CA  ? ? A ASP 158  A CA  1266 1_555 ? ? ? ? ? ? ? 2.349 ? ? 
metalc2  metalc ? ? A HIS 70  NE2 ? ? ? 1_555 D ZN  . ZN  ? ? A HIS 168  A ZN  1267 1_555 ? ? ? ? ? ? ? 2.006 ? ? 
metalc3  metalc ? ? A ASP 72  OD2 ? ? ? 1_555 D ZN  . ZN  ? ? A ASP 170  A ZN  1267 1_555 ? ? ? ? ? ? ? 1.926 ? ? 
metalc4  metalc ? ? A ASP 77  OD1 ? ? ? 1_555 B CA  . CA  ? ? A ASP 175  A CA  1265 1_555 ? ? ? ? ? ? ? 2.509 ? ? 
metalc5  metalc ? ? A GLY 78  O   ? ? ? 1_555 B CA  . CA  ? ? A GLY 176  A CA  1265 1_555 ? ? ? ? ? ? ? 2.339 ? ? 
metalc6  metalc ? ? A GLY 80  O   ? ? ? 1_555 B CA  . CA  ? ? A GLY 178  A CA  1265 1_555 ? ? ? ? ? ? ? 2.353 ? ? 
metalc7  metalc ? ? A THR 82  O   ? ? ? 1_555 B CA  . CA  ? ? A THR 180  A CA  1265 1_555 ? ? ? ? ? ? ? 2.292 ? ? 
metalc8  metalc ? ? A HIS 85  NE2 ? ? ? 1_555 D ZN  . ZN  ? ? A HIS 183  A ZN  1267 1_555 ? ? ? ? ? ? ? 2.078 ? ? 
metalc9  metalc ? ? A GLY 92  O   ? ? ? 1_555 C CA  . CA  ? ? A GLY 190  A CA  1266 1_555 ? ? ? ? ? ? ? 2.307 ? ? 
metalc10 metalc ? ? A GLY 94  O   ? ? ? 1_555 C CA  . CA  ? ? A GLY 192  A CA  1266 1_555 ? ? ? ? ? ? ? 2.289 ? ? 
metalc11 metalc ? ? A ASP 96  OD1 ? ? ? 1_555 C CA  . CA  ? ? A ASP 194  A CA  1266 1_555 ? ? ? ? ? ? ? 2.453 ? ? 
metalc12 metalc ? ? A HIS 98  ND1 ? ? ? 1_555 D ZN  . ZN  ? ? A HIS 196  A ZN  1267 1_555 ? ? ? ? ? ? ? 2.086 ? ? 
metalc13 metalc ? ? A ASP 100 OD2 ? ? ? 1_555 B CA  . CA  ? ? A ASP 198  A CA  1265 1_555 ? ? ? ? ? ? ? 2.262 ? ? 
metalc14 metalc ? ? A GLU 103 OE2 ? ? ? 1_555 B CA  . CA  ? ? A GLU 201  A CA  1265 1_555 ? ? ? ? ? ? ? 2.216 ? ? 
metalc15 metalc ? ? A HIS 121 NE2 ? ? ? 1_555 E ZN  . ZN  ? ? A HIS 219  A ZN  1268 1_555 ? ? ? ? ? ? ? 2.024 ? ? 
metalc16 metalc ? ? A HIS 125 NE2 ? ? ? 1_555 E ZN  . ZN  ? ? A HIS 223  A ZN  1268 1_555 ? ? ? ? ? ? ? 2.050 ? ? 
metalc17 metalc ? ? A HIS 131 NE2 ? ? ? 1_555 E ZN  . ZN  ? ? A HIS 229  A ZN  1268 1_555 ? ? ? ? ? ? ? 1.937 ? ? 
metalc18 metalc ? ? C CA  .   CA  ? ? ? 1_555 I HOH . O   ? ? A CA  1266 A HOH 2043 1_555 ? ? ? ? ? ? ? 2.376 ? ? 
metalc19 metalc ? ? C CA  .   CA  ? ? ? 1_555 I HOH . O   ? ? A CA  1266 A HOH 2061 1_555 ? ? ? ? ? ? ? 2.339 ? ? 
metalc20 metalc ? ? E ZN  .   ZN  ? ? ? 1_555 H TQJ . O21 ? ? A ZN  1268 A TQJ 1271 1_555 ? ? ? ? ? ? ? 2.589 ? ? 
metalc21 metalc ? ? E ZN  .   ZN  ? ? ? 1_555 H TQJ . O17 ? ? A ZN  1268 A TQJ 1271 1_555 ? ? ? ? ? ? ? 2.223 ? ? 
# 
_struct_conn_type.id          metalc 
_struct_conn_type.criteria    ? 
_struct_conn_type.reference   ? 
# 
loop_
_pdbx_struct_conn_angle.id 
_pdbx_struct_conn_angle.ptnr1_label_atom_id 
_pdbx_struct_conn_angle.ptnr1_label_alt_id 
_pdbx_struct_conn_angle.ptnr1_label_asym_id 
_pdbx_struct_conn_angle.ptnr1_label_comp_id 
_pdbx_struct_conn_angle.ptnr1_label_seq_id 
_pdbx_struct_conn_angle.ptnr1_auth_atom_id 
_pdbx_struct_conn_angle.ptnr1_auth_asym_id 
_pdbx_struct_conn_angle.ptnr1_auth_comp_id 
_pdbx_struct_conn_angle.ptnr1_auth_seq_id 
_pdbx_struct_conn_angle.ptnr1_PDB_ins_code 
_pdbx_struct_conn_angle.ptnr1_symmetry 
_pdbx_struct_conn_angle.ptnr2_label_atom_id 
_pdbx_struct_conn_angle.ptnr2_label_alt_id 
_pdbx_struct_conn_angle.ptnr2_label_asym_id 
_pdbx_struct_conn_angle.ptnr2_label_comp_id 
_pdbx_struct_conn_angle.ptnr2_label_seq_id 
_pdbx_struct_conn_angle.ptnr2_auth_atom_id 
_pdbx_struct_conn_angle.ptnr2_auth_asym_id 
_pdbx_struct_conn_angle.ptnr2_auth_comp_id 
_pdbx_struct_conn_angle.ptnr2_auth_seq_id 
_pdbx_struct_conn_angle.ptnr2_PDB_ins_code 
_pdbx_struct_conn_angle.ptnr2_symmetry 
_pdbx_struct_conn_angle.ptnr3_label_atom_id 
_pdbx_struct_conn_angle.ptnr3_label_alt_id 
_pdbx_struct_conn_angle.ptnr3_label_asym_id 
_pdbx_struct_conn_angle.ptnr3_label_comp_id 
_pdbx_struct_conn_angle.ptnr3_label_seq_id 
_pdbx_struct_conn_angle.ptnr3_auth_atom_id 
_pdbx_struct_conn_angle.ptnr3_auth_asym_id 
_pdbx_struct_conn_angle.ptnr3_auth_comp_id 
_pdbx_struct_conn_angle.ptnr3_auth_seq_id 
_pdbx_struct_conn_angle.ptnr3_PDB_ins_code 
_pdbx_struct_conn_angle.ptnr3_symmetry 
_pdbx_struct_conn_angle.value 
_pdbx_struct_conn_angle.value_esd 
1  O   ? A ASP 60  ? A ASP 158  ? 1_555 CA ? C CA . ? A CA 1266 ? 1_555 O   ? A GLY 92  ? A GLY 190  ? 1_555 167.7 ? 
2  O   ? A ASP 60  ? A ASP 158  ? 1_555 CA ? C CA . ? A CA 1266 ? 1_555 O   ? A GLY 94  ? A GLY 192  ? 1_555 93.6  ? 
3  O   ? A GLY 92  ? A GLY 190  ? 1_555 CA ? C CA . ? A CA 1266 ? 1_555 O   ? A GLY 94  ? A GLY 192  ? 1_555 95.5  ? 
4  O   ? A ASP 60  ? A ASP 158  ? 1_555 CA ? C CA . ? A CA 1266 ? 1_555 OD1 ? A ASP 96  ? A ASP 194  ? 1_555 87.1  ? 
5  O   ? A GLY 92  ? A GLY 190  ? 1_555 CA ? C CA . ? A CA 1266 ? 1_555 OD1 ? A ASP 96  ? A ASP 194  ? 1_555 101.3 ? 
6  O   ? A GLY 94  ? A GLY 192  ? 1_555 CA ? C CA . ? A CA 1266 ? 1_555 OD1 ? A ASP 96  ? A ASP 194  ? 1_555 88.8  ? 
7  O   ? A ASP 60  ? A ASP 158  ? 1_555 CA ? C CA . ? A CA 1266 ? 1_555 O   ? I HOH .   ? A HOH 2043 ? 1_555 86.4  ? 
8  O   ? A GLY 92  ? A GLY 190  ? 1_555 CA ? C CA . ? A CA 1266 ? 1_555 O   ? I HOH .   ? A HOH 2043 ? 1_555 83.3  ? 
9  O   ? A GLY 94  ? A GLY 192  ? 1_555 CA ? C CA . ? A CA 1266 ? 1_555 O   ? I HOH .   ? A HOH 2043 ? 1_555 171.0 ? 
10 OD1 ? A ASP 96  ? A ASP 194  ? 1_555 CA ? C CA . ? A CA 1266 ? 1_555 O   ? I HOH .   ? A HOH 2043 ? 1_555 100.1 ? 
11 O   ? A ASP 60  ? A ASP 158  ? 1_555 CA ? C CA . ? A CA 1266 ? 1_555 O   ? I HOH .   ? A HOH 2061 ? 1_555 82.1  ? 
12 O   ? A GLY 92  ? A GLY 190  ? 1_555 CA ? C CA . ? A CA 1266 ? 1_555 O   ? I HOH .   ? A HOH 2061 ? 1_555 91.1  ? 
13 O   ? A GLY 94  ? A GLY 192  ? 1_555 CA ? C CA . ? A CA 1266 ? 1_555 O   ? I HOH .   ? A HOH 2061 ? 1_555 81.3  ? 
14 OD1 ? A ASP 96  ? A ASP 194  ? 1_555 CA ? C CA . ? A CA 1266 ? 1_555 O   ? I HOH .   ? A HOH 2061 ? 1_555 164.8 ? 
15 O   ? I HOH .   ? A HOH 2043 ? 1_555 CA ? C CA . ? A CA 1266 ? 1_555 O   ? I HOH .   ? A HOH 2061 ? 1_555 89.9  ? 
16 NE2 ? A HIS 70  ? A HIS 168  ? 1_555 ZN ? D ZN . ? A ZN 1267 ? 1_555 OD2 ? A ASP 72  ? A ASP 170  ? 1_555 105.2 ? 
17 NE2 ? A HIS 70  ? A HIS 168  ? 1_555 ZN ? D ZN . ? A ZN 1267 ? 1_555 NE2 ? A HIS 85  ? A HIS 183  ? 1_555 117.4 ? 
18 OD2 ? A ASP 72  ? A ASP 170  ? 1_555 ZN ? D ZN . ? A ZN 1267 ? 1_555 NE2 ? A HIS 85  ? A HIS 183  ? 1_555 118.2 ? 
19 NE2 ? A HIS 70  ? A HIS 168  ? 1_555 ZN ? D ZN . ? A ZN 1267 ? 1_555 ND1 ? A HIS 98  ? A HIS 196  ? 1_555 107.2 ? 
20 OD2 ? A ASP 72  ? A ASP 170  ? 1_555 ZN ? D ZN . ? A ZN 1267 ? 1_555 ND1 ? A HIS 98  ? A HIS 196  ? 1_555 95.4  ? 
21 NE2 ? A HIS 85  ? A HIS 183  ? 1_555 ZN ? D ZN . ? A ZN 1267 ? 1_555 ND1 ? A HIS 98  ? A HIS 196  ? 1_555 110.8 ? 
22 OD1 ? A ASP 77  ? A ASP 175  ? 1_555 CA ? B CA . ? A CA 1265 ? 1_555 O   ? A GLY 78  ? A GLY 176  ? 1_555 83.4  ? 
23 OD1 ? A ASP 77  ? A ASP 175  ? 1_555 CA ? B CA . ? A CA 1265 ? 1_555 O   ? A GLY 80  ? A GLY 178  ? 1_555 86.4  ? 
24 O   ? A GLY 78  ? A GLY 176  ? 1_555 CA ? B CA . ? A CA 1265 ? 1_555 O   ? A GLY 80  ? A GLY 178  ? 1_555 87.8  ? 
25 OD1 ? A ASP 77  ? A ASP 175  ? 1_555 CA ? B CA . ? A CA 1265 ? 1_555 O   ? A THR 82  ? A THR 180  ? 1_555 89.3  ? 
26 O   ? A GLY 78  ? A GLY 176  ? 1_555 CA ? B CA . ? A CA 1265 ? 1_555 O   ? A THR 82  ? A THR 180  ? 1_555 171.4 ? 
27 O   ? A GLY 80  ? A GLY 178  ? 1_555 CA ? B CA . ? A CA 1265 ? 1_555 O   ? A THR 82  ? A THR 180  ? 1_555 87.2  ? 
28 OD1 ? A ASP 77  ? A ASP 175  ? 1_555 CA ? B CA . ? A CA 1265 ? 1_555 OD2 ? A ASP 100 ? A ASP 198  ? 1_555 92.5  ? 
29 O   ? A GLY 78  ? A GLY 176  ? 1_555 CA ? B CA . ? A CA 1265 ? 1_555 OD2 ? A ASP 100 ? A ASP 198  ? 1_555 90.6  ? 
30 O   ? A GLY 80  ? A GLY 178  ? 1_555 CA ? B CA . ? A CA 1265 ? 1_555 OD2 ? A ASP 100 ? A ASP 198  ? 1_555 178.2 ? 
31 O   ? A THR 82  ? A THR 180  ? 1_555 CA ? B CA . ? A CA 1265 ? 1_555 OD2 ? A ASP 100 ? A ASP 198  ? 1_555 94.2  ? 
32 OD1 ? A ASP 77  ? A ASP 175  ? 1_555 CA ? B CA . ? A CA 1265 ? 1_555 OE2 ? A GLU 103 ? A GLU 201  ? 1_555 176.6 ? 
33 O   ? A GLY 78  ? A GLY 176  ? 1_555 CA ? B CA . ? A CA 1265 ? 1_555 OE2 ? A GLU 103 ? A GLU 201  ? 1_555 94.5  ? 
34 O   ? A GLY 80  ? A GLY 178  ? 1_555 CA ? B CA . ? A CA 1265 ? 1_555 OE2 ? A GLU 103 ? A GLU 201  ? 1_555 90.9  ? 
35 O   ? A THR 82  ? A THR 180  ? 1_555 CA ? B CA . ? A CA 1265 ? 1_555 OE2 ? A GLU 103 ? A GLU 201  ? 1_555 92.6  ? 
36 OD2 ? A ASP 100 ? A ASP 198  ? 1_555 CA ? B CA . ? A CA 1265 ? 1_555 OE2 ? A GLU 103 ? A GLU 201  ? 1_555 90.2  ? 
37 NE2 ? A HIS 121 ? A HIS 219  ? 1_555 ZN ? E ZN . ? A ZN 1268 ? 1_555 NE2 ? A HIS 125 ? A HIS 223  ? 1_555 102.8 ? 
38 NE2 ? A HIS 121 ? A HIS 219  ? 1_555 ZN ? E ZN . ? A ZN 1268 ? 1_555 NE2 ? A HIS 131 ? A HIS 229  ? 1_555 110.1 ? 
39 NE2 ? A HIS 125 ? A HIS 223  ? 1_555 ZN ? E ZN . ? A ZN 1268 ? 1_555 NE2 ? A HIS 131 ? A HIS 229  ? 1_555 101.3 ? 
40 NE2 ? A HIS 121 ? A HIS 219  ? 1_555 ZN ? E ZN . ? A ZN 1268 ? 1_555 O21 ? H TQJ .   ? A TQJ 1271 ? 1_555 89.8  ? 
41 NE2 ? A HIS 125 ? A HIS 223  ? 1_555 ZN ? E ZN . ? A ZN 1268 ? 1_555 O21 ? H TQJ .   ? A TQJ 1271 ? 1_555 85.6  ? 
42 NE2 ? A HIS 131 ? A HIS 229  ? 1_555 ZN ? E ZN . ? A ZN 1268 ? 1_555 O21 ? H TQJ .   ? A TQJ 1271 ? 1_555 156.6 ? 
43 NE2 ? A HIS 121 ? A HIS 219  ? 1_555 ZN ? E ZN . ? A ZN 1268 ? 1_555 O17 ? H TQJ .   ? A TQJ 1271 ? 1_555 122.4 ? 
44 NE2 ? A HIS 125 ? A HIS 223  ? 1_555 ZN ? E ZN . ? A ZN 1268 ? 1_555 O17 ? H TQJ .   ? A TQJ 1271 ? 1_555 127.8 ? 
45 NE2 ? A HIS 131 ? A HIS 229  ? 1_555 ZN ? E ZN . ? A ZN 1268 ? 1_555 O17 ? H TQJ .   ? A TQJ 1271 ? 1_555 87.4  ? 
46 O21 ? H TQJ .   ? A TQJ 1271 ? 1_555 ZN ? E ZN . ? A ZN 1268 ? 1_555 O17 ? H TQJ .   ? A TQJ 1271 ? 1_555 71.0  ? 
# 
loop_
_struct_sheet.id 
_struct_sheet.type 
_struct_sheet.number_strands 
_struct_sheet.details 
AA ? 5 ? 
AB ? 2 ? 
# 
loop_
_struct_sheet_order.sheet_id 
_struct_sheet_order.range_id_1 
_struct_sheet_order.range_id_2 
_struct_sheet_order.offset 
_struct_sheet_order.sense 
AA 1 2 ? parallel      
AA 2 3 ? parallel      
AA 3 4 ? parallel      
AA 4 5 ? anti-parallel 
AB 1 2 ? parallel      
# 
loop_
_struct_sheet_range.sheet_id 
_struct_sheet_range.id 
_struct_sheet_range.beg_label_comp_id 
_struct_sheet_range.beg_label_asym_id 
_struct_sheet_range.beg_label_seq_id 
_struct_sheet_range.pdbx_beg_PDB_ins_code 
_struct_sheet_range.end_label_comp_id 
_struct_sheet_range.end_label_asym_id 
_struct_sheet_range.end_label_seq_id 
_struct_sheet_range.pdbx_end_PDB_ins_code 
_struct_sheet_range.beg_auth_comp_id 
_struct_sheet_range.beg_auth_asym_id 
_struct_sheet_range.beg_auth_seq_id 
_struct_sheet_range.end_auth_comp_id 
_struct_sheet_range.end_auth_asym_id 
_struct_sheet_range.end_auth_seq_id 
AA 1 HIS A 50  ? LYS A 53  ? HIS A 148 LYS A 151 
AA 2 VAL A 15  ? ILE A 20  ? VAL A 113 ILE A 118 
AA 3 ILE A 61  ? ALA A 66  ? ILE A 159 ALA A 164 
AA 4 ALA A 97  ? ASP A 100 ? ALA A 195 ASP A 198 
AA 5 ALA A 84  ? ALA A 86  ? ALA A 182 ALA A 184 
AB 1 TRP A 105 ? THR A 106 ? TRP A 203 THR A 204 
AB 2 ILE A 113 ? ASN A 114 ? ILE A 211 ASN A 212 
# 
loop_
_pdbx_struct_sheet_hbond.sheet_id 
_pdbx_struct_sheet_hbond.range_id_1 
_pdbx_struct_sheet_hbond.range_id_2 
_pdbx_struct_sheet_hbond.range_1_label_atom_id 
_pdbx_struct_sheet_hbond.range_1_label_comp_id 
_pdbx_struct_sheet_hbond.range_1_label_asym_id 
_pdbx_struct_sheet_hbond.range_1_label_seq_id 
_pdbx_struct_sheet_hbond.range_1_PDB_ins_code 
_pdbx_struct_sheet_hbond.range_1_auth_atom_id 
_pdbx_struct_sheet_hbond.range_1_auth_comp_id 
_pdbx_struct_sheet_hbond.range_1_auth_asym_id 
_pdbx_struct_sheet_hbond.range_1_auth_seq_id 
_pdbx_struct_sheet_hbond.range_2_label_atom_id 
_pdbx_struct_sheet_hbond.range_2_label_comp_id 
_pdbx_struct_sheet_hbond.range_2_label_asym_id 
_pdbx_struct_sheet_hbond.range_2_label_seq_id 
_pdbx_struct_sheet_hbond.range_2_PDB_ins_code 
_pdbx_struct_sheet_hbond.range_2_auth_atom_id 
_pdbx_struct_sheet_hbond.range_2_auth_comp_id 
_pdbx_struct_sheet_hbond.range_2_auth_asym_id 
_pdbx_struct_sheet_hbond.range_2_auth_seq_id 
AA 1 2 N ARG A 52  ? N ARG A 150 O VAL A 16  ? O VAL A 114 
AA 2 3 N ARG A 19  ? N ARG A 117 O ILE A 61  ? O ILE A 159 
AA 3 4 N GLY A 64  ? N GLY A 162 O ALA A 97  ? O ALA A 195 
AA 4 5 N HIS A 98  ? N HIS A 196 O HIS A 85  ? O HIS A 183 
AB 1 2 N THR A 106 ? N THR A 204 O ILE A 113 ? O ILE A 211 
# 
loop_
_struct_site.id 
_struct_site.pdbx_evidence_code 
_struct_site.pdbx_auth_asym_id 
_struct_site.pdbx_auth_comp_id 
_struct_site.pdbx_auth_seq_id 
_struct_site.pdbx_auth_ins_code 
_struct_site.pdbx_num_residues 
_struct_site.details 
AC1 Software A CA  1265 ? 6  'BINDING SITE FOR RESIDUE CA A 1265'  
AC2 Software A CA  1266 ? 6  'BINDING SITE FOR RESIDUE CA A 1266'  
AC3 Software A ZN  1267 ? 4  'BINDING SITE FOR RESIDUE ZN A 1267'  
AC4 Software A ZN  1268 ? 4  'BINDING SITE FOR RESIDUE ZN A 1268'  
AC5 Software A SO4 1269 ? 6  'BINDING SITE FOR RESIDUE SO4 A 1269' 
AC6 Software A SO4 1270 ? 6  'BINDING SITE FOR RESIDUE SO4 A 1270' 
AC7 Software A TQJ 1271 ? 18 'BINDING SITE FOR RESIDUE TQJ A 1271' 
# 
loop_
_struct_site_gen.id 
_struct_site_gen.site_id 
_struct_site_gen.pdbx_num_res 
_struct_site_gen.label_comp_id 
_struct_site_gen.label_asym_id 
_struct_site_gen.label_seq_id 
_struct_site_gen.pdbx_auth_ins_code 
_struct_site_gen.auth_comp_id 
_struct_site_gen.auth_asym_id 
_struct_site_gen.auth_seq_id 
_struct_site_gen.label_atom_id 
_struct_site_gen.label_alt_id 
_struct_site_gen.symmetry 
_struct_site_gen.details 
1  AC1 6  ASP A 77  ? ASP A 175  . ? 1_555 ? 
2  AC1 6  GLY A 78  ? GLY A 176  . ? 1_555 ? 
3  AC1 6  GLY A 80  ? GLY A 178  . ? 1_555 ? 
4  AC1 6  THR A 82  ? THR A 180  . ? 1_555 ? 
5  AC1 6  ASP A 100 ? ASP A 198  . ? 1_555 ? 
6  AC1 6  GLU A 103 ? GLU A 201  . ? 1_555 ? 
7  AC2 6  ASP A 60  ? ASP A 158  . ? 1_555 ? 
8  AC2 6  GLY A 92  ? GLY A 190  . ? 1_555 ? 
9  AC2 6  GLY A 94  ? GLY A 192  . ? 1_555 ? 
10 AC2 6  ASP A 96  ? ASP A 194  . ? 1_555 ? 
11 AC2 6  HOH I .   ? HOH A 2043 . ? 1_555 ? 
12 AC2 6  HOH I .   ? HOH A 2061 . ? 1_555 ? 
13 AC3 4  HIS A 70  ? HIS A 168  . ? 1_555 ? 
14 AC3 4  ASP A 72  ? ASP A 170  . ? 1_555 ? 
15 AC3 4  HIS A 85  ? HIS A 183  . ? 1_555 ? 
16 AC3 4  HIS A 98  ? HIS A 196  . ? 1_555 ? 
17 AC4 4  HIS A 121 ? HIS A 219  . ? 1_555 ? 
18 AC4 4  HIS A 125 ? HIS A 223  . ? 1_555 ? 
19 AC4 4  HIS A 131 ? HIS A 229  . ? 1_555 ? 
20 AC4 4  TQJ H .   ? TQJ A 1271 . ? 1_555 ? 
21 AC5 6  PRO A 28  ? PRO A 126  . ? 1_555 ? 
22 AC5 6  HIS A 29  ? HIS A 127  . ? 1_555 ? 
23 AC5 6  ILE A 30  ? ILE A 128  . ? 1_555 ? 
24 AC5 6  ASN A 136 ? ASN A 234  . ? 6_455 ? 
25 AC5 6  HOH I .   ? HOH A 2100 . ? 1_555 ? 
26 AC5 6  HOH I .   ? HOH A 2101 . ? 1_555 ? 
27 AC6 6  ASN A 136 ? ASN A 234  . ? 1_555 ? 
28 AC6 6  SER A 154 ? SER A 252  . ? 1_555 ? 
29 AC6 6  GLN A 155 ? GLN A 253  . ? 1_555 ? 
30 AC6 6  HOH I .   ? HOH A 2087 . ? 1_555 ? 
31 AC6 6  HOH I .   ? HOH A 2101 . ? 6_454 ? 
32 AC6 6  HOH I .   ? HOH A 2102 . ? 1_555 ? 
33 AC7 18 TYR A 74  ? TYR A 172  . ? 1_555 ? 
34 AC7 18 LEU A 83  ? LEU A 181  . ? 1_555 ? 
35 AC7 18 ALA A 84  ? ALA A 182  . ? 1_555 ? 
36 AC7 18 HIS A 85  ? HIS A 183  . ? 1_555 ? 
37 AC7 18 TYR A 117 ? TYR A 215  . ? 1_555 ? 
38 AC7 18 HIS A 121 ? HIS A 219  . ? 1_555 ? 
39 AC7 18 GLU A 122 ? GLU A 220  . ? 1_555 ? 
40 AC7 18 HIS A 125 ? HIS A 223  . ? 1_555 ? 
41 AC7 18 HIS A 131 ? HIS A 229  . ? 1_555 ? 
42 AC7 18 VAL A 138 ? VAL A 236  . ? 1_555 ? 
43 AC7 18 TYR A 140 ? TYR A 238  . ? 1_555 ? 
44 AC7 18 PRO A 141 ? PRO A 239  . ? 1_555 ? 
45 AC7 18 THR A 142 ? THR A 240  . ? 1_555 ? 
46 AC7 18 TYR A 143 ? TYR A 241  . ? 1_555 ? 
47 AC7 18 ZN  E .   ? ZN  A 1268 . ? 1_555 ? 
48 AC7 18 HOH I .   ? HOH A 2057 . ? 1_555 ? 
49 AC7 18 HOH I .   ? HOH A 2103 . ? 1_555 ? 
50 AC7 18 HOH I .   ? HOH A 2104 . ? 1_555 ? 
# 
loop_
_pdbx_validate_close_contact.id 
_pdbx_validate_close_contact.PDB_model_num 
_pdbx_validate_close_contact.auth_atom_id_1 
_pdbx_validate_close_contact.auth_asym_id_1 
_pdbx_validate_close_contact.auth_comp_id_1 
_pdbx_validate_close_contact.auth_seq_id_1 
_pdbx_validate_close_contact.PDB_ins_code_1 
_pdbx_validate_close_contact.label_alt_id_1 
_pdbx_validate_close_contact.auth_atom_id_2 
_pdbx_validate_close_contact.auth_asym_id_2 
_pdbx_validate_close_contact.auth_comp_id_2 
_pdbx_validate_close_contact.auth_seq_id_2 
_pdbx_validate_close_contact.PDB_ins_code_2 
_pdbx_validate_close_contact.label_alt_id_2 
_pdbx_validate_close_contact.dist 
1 1 OE2 A GLU 220  ? ? O21 A TQJ 1271 ? ? 2.07 
2 1 O2  A SO4 1270 ? ? O   A HOH 2102 ? ? 2.15 
# 
loop_
_pdbx_validate_torsion.id 
_pdbx_validate_torsion.PDB_model_num 
_pdbx_validate_torsion.auth_comp_id 
_pdbx_validate_torsion.auth_asym_id 
_pdbx_validate_torsion.auth_seq_id 
_pdbx_validate_torsion.PDB_ins_code 
_pdbx_validate_torsion.label_alt_id 
_pdbx_validate_torsion.phi 
_pdbx_validate_torsion.psi 
1 1 LEU A 102 ? ? -117.54 -161.00 
2 1 LEU A 102 ? ? -117.14 -161.00 
3 1 ASN A 105 ? ? 82.26   2.00    
4 1 HIS A 168 ? ? -145.58 28.87   
5 1 ASN A 179 ? ? 53.00   -127.79 
# 
loop_
_pdbx_unobs_or_zero_occ_residues.id 
_pdbx_unobs_or_zero_occ_residues.PDB_model_num 
_pdbx_unobs_or_zero_occ_residues.polymer_flag 
_pdbx_unobs_or_zero_occ_residues.occupancy_flag 
_pdbx_unobs_or_zero_occ_residues.auth_asym_id 
_pdbx_unobs_or_zero_occ_residues.auth_comp_id 
_pdbx_unobs_or_zero_occ_residues.auth_seq_id 
_pdbx_unobs_or_zero_occ_residues.PDB_ins_code 
_pdbx_unobs_or_zero_occ_residues.label_asym_id 
_pdbx_unobs_or_zero_occ_residues.label_comp_id 
_pdbx_unobs_or_zero_occ_residues.label_seq_id 
1  1 Y 1 A GLY 242 ? A GLY 144 
2  1 Y 1 A ASN 243 ? A ASN 145 
3  1 Y 1 A GLY 244 ? A GLY 146 
4  1 Y 1 A ASP 245 ? A ASP 147 
5  1 Y 1 A PRO 246 ? A PRO 148 
6  1 Y 1 A GLN 247 ? A GLN 149 
7  1 Y 1 A LYS 265 ? A LYS 167 
8  1 Y 1 A ARG 266 ? A ARG 168 
9  1 Y 1 A SER 267 ? A SER 169 
10 1 Y 1 A ASN 268 ? A ASN 170 
11 1 Y 1 A SER 269 ? A SER 171 
12 1 Y 1 A ARG 270 ? A ARG 172 
13 1 Y 1 A LYS 271 ? A LYS 173 
14 1 Y 1 A LYS 272 ? A LYS 174 
# 
loop_
_chem_comp_atom.comp_id 
_chem_comp_atom.atom_id 
_chem_comp_atom.type_symbol 
_chem_comp_atom.pdbx_aromatic_flag 
_chem_comp_atom.pdbx_stereo_config 
_chem_comp_atom.pdbx_ordinal 
ALA N    N  N N 1   
ALA CA   C  N S 2   
ALA C    C  N N 3   
ALA O    O  N N 4   
ALA CB   C  N N 5   
ALA OXT  O  N N 6   
ALA H    H  N N 7   
ALA H2   H  N N 8   
ALA HA   H  N N 9   
ALA HB1  H  N N 10  
ALA HB2  H  N N 11  
ALA HB3  H  N N 12  
ALA HXT  H  N N 13  
ARG N    N  N N 14  
ARG CA   C  N S 15  
ARG C    C  N N 16  
ARG O    O  N N 17  
ARG CB   C  N N 18  
ARG CG   C  N N 19  
ARG CD   C  N N 20  
ARG NE   N  N N 21  
ARG CZ   C  N N 22  
ARG NH1  N  N N 23  
ARG NH2  N  N N 24  
ARG OXT  O  N N 25  
ARG H    H  N N 26  
ARG H2   H  N N 27  
ARG HA   H  N N 28  
ARG HB2  H  N N 29  
ARG HB3  H  N N 30  
ARG HG2  H  N N 31  
ARG HG3  H  N N 32  
ARG HD2  H  N N 33  
ARG HD3  H  N N 34  
ARG HE   H  N N 35  
ARG HH11 H  N N 36  
ARG HH12 H  N N 37  
ARG HH21 H  N N 38  
ARG HH22 H  N N 39  
ARG HXT  H  N N 40  
ASN N    N  N N 41  
ASN CA   C  N S 42  
ASN C    C  N N 43  
ASN O    O  N N 44  
ASN CB   C  N N 45  
ASN CG   C  N N 46  
ASN OD1  O  N N 47  
ASN ND2  N  N N 48  
ASN OXT  O  N N 49  
ASN H    H  N N 50  
ASN H2   H  N N 51  
ASN HA   H  N N 52  
ASN HB2  H  N N 53  
ASN HB3  H  N N 54  
ASN HD21 H  N N 55  
ASN HD22 H  N N 56  
ASN HXT  H  N N 57  
ASP N    N  N N 58  
ASP CA   C  N S 59  
ASP C    C  N N 60  
ASP O    O  N N 61  
ASP CB   C  N N 62  
ASP CG   C  N N 63  
ASP OD1  O  N N 64  
ASP OD2  O  N N 65  
ASP OXT  O  N N 66  
ASP H    H  N N 67  
ASP H2   H  N N 68  
ASP HA   H  N N 69  
ASP HB2  H  N N 70  
ASP HB3  H  N N 71  
ASP HD2  H  N N 72  
ASP HXT  H  N N 73  
CA  CA   CA N N 74  
GLN N    N  N N 75  
GLN CA   C  N S 76  
GLN C    C  N N 77  
GLN O    O  N N 78  
GLN CB   C  N N 79  
GLN CG   C  N N 80  
GLN CD   C  N N 81  
GLN OE1  O  N N 82  
GLN NE2  N  N N 83  
GLN OXT  O  N N 84  
GLN H    H  N N 85  
GLN H2   H  N N 86  
GLN HA   H  N N 87  
GLN HB2  H  N N 88  
GLN HB3  H  N N 89  
GLN HG2  H  N N 90  
GLN HG3  H  N N 91  
GLN HE21 H  N N 92  
GLN HE22 H  N N 93  
GLN HXT  H  N N 94  
GLU N    N  N N 95  
GLU CA   C  N S 96  
GLU C    C  N N 97  
GLU O    O  N N 98  
GLU CB   C  N N 99  
GLU CG   C  N N 100 
GLU CD   C  N N 101 
GLU OE1  O  N N 102 
GLU OE2  O  N N 103 
GLU OXT  O  N N 104 
GLU H    H  N N 105 
GLU H2   H  N N 106 
GLU HA   H  N N 107 
GLU HB2  H  N N 108 
GLU HB3  H  N N 109 
GLU HG2  H  N N 110 
GLU HG3  H  N N 111 
GLU HE2  H  N N 112 
GLU HXT  H  N N 113 
GLY N    N  N N 114 
GLY CA   C  N N 115 
GLY C    C  N N 116 
GLY O    O  N N 117 
GLY OXT  O  N N 118 
GLY H    H  N N 119 
GLY H2   H  N N 120 
GLY HA2  H  N N 121 
GLY HA3  H  N N 122 
GLY HXT  H  N N 123 
HIS N    N  N N 124 
HIS CA   C  N S 125 
HIS C    C  N N 126 
HIS O    O  N N 127 
HIS CB   C  N N 128 
HIS CG   C  Y N 129 
HIS ND1  N  Y N 130 
HIS CD2  C  Y N 131 
HIS CE1  C  Y N 132 
HIS NE2  N  Y N 133 
HIS OXT  O  N N 134 
HIS H    H  N N 135 
HIS H2   H  N N 136 
HIS HA   H  N N 137 
HIS HB2  H  N N 138 
HIS HB3  H  N N 139 
HIS HD1  H  N N 140 
HIS HD2  H  N N 141 
HIS HE1  H  N N 142 
HIS HE2  H  N N 143 
HIS HXT  H  N N 144 
HOH O    O  N N 145 
HOH H1   H  N N 146 
HOH H2   H  N N 147 
ILE N    N  N N 148 
ILE CA   C  N S 149 
ILE C    C  N N 150 
ILE O    O  N N 151 
ILE CB   C  N S 152 
ILE CG1  C  N N 153 
ILE CG2  C  N N 154 
ILE CD1  C  N N 155 
ILE OXT  O  N N 156 
ILE H    H  N N 157 
ILE H2   H  N N 158 
ILE HA   H  N N 159 
ILE HB   H  N N 160 
ILE HG12 H  N N 161 
ILE HG13 H  N N 162 
ILE HG21 H  N N 163 
ILE HG22 H  N N 164 
ILE HG23 H  N N 165 
ILE HD11 H  N N 166 
ILE HD12 H  N N 167 
ILE HD13 H  N N 168 
ILE HXT  H  N N 169 
LEU N    N  N N 170 
LEU CA   C  N S 171 
LEU C    C  N N 172 
LEU O    O  N N 173 
LEU CB   C  N N 174 
LEU CG   C  N N 175 
LEU CD1  C  N N 176 
LEU CD2  C  N N 177 
LEU OXT  O  N N 178 
LEU H    H  N N 179 
LEU H2   H  N N 180 
LEU HA   H  N N 181 
LEU HB2  H  N N 182 
LEU HB3  H  N N 183 
LEU HG   H  N N 184 
LEU HD11 H  N N 185 
LEU HD12 H  N N 186 
LEU HD13 H  N N 187 
LEU HD21 H  N N 188 
LEU HD22 H  N N 189 
LEU HD23 H  N N 190 
LEU HXT  H  N N 191 
LYS N    N  N N 192 
LYS CA   C  N S 193 
LYS C    C  N N 194 
LYS O    O  N N 195 
LYS CB   C  N N 196 
LYS CG   C  N N 197 
LYS CD   C  N N 198 
LYS CE   C  N N 199 
LYS NZ   N  N N 200 
LYS OXT  O  N N 201 
LYS H    H  N N 202 
LYS H2   H  N N 203 
LYS HA   H  N N 204 
LYS HB2  H  N N 205 
LYS HB3  H  N N 206 
LYS HG2  H  N N 207 
LYS HG3  H  N N 208 
LYS HD2  H  N N 209 
LYS HD3  H  N N 210 
LYS HE2  H  N N 211 
LYS HE3  H  N N 212 
LYS HZ1  H  N N 213 
LYS HZ2  H  N N 214 
LYS HZ3  H  N N 215 
LYS HXT  H  N N 216 
MET N    N  N N 217 
MET CA   C  N S 218 
MET C    C  N N 219 
MET O    O  N N 220 
MET CB   C  N N 221 
MET CG   C  N N 222 
MET SD   S  N N 223 
MET CE   C  N N 224 
MET OXT  O  N N 225 
MET H    H  N N 226 
MET H2   H  N N 227 
MET HA   H  N N 228 
MET HB2  H  N N 229 
MET HB3  H  N N 230 
MET HG2  H  N N 231 
MET HG3  H  N N 232 
MET HE1  H  N N 233 
MET HE2  H  N N 234 
MET HE3  H  N N 235 
MET HXT  H  N N 236 
PHE N    N  N N 237 
PHE CA   C  N S 238 
PHE C    C  N N 239 
PHE O    O  N N 240 
PHE CB   C  N N 241 
PHE CG   C  Y N 242 
PHE CD1  C  Y N 243 
PHE CD2  C  Y N 244 
PHE CE1  C  Y N 245 
PHE CE2  C  Y N 246 
PHE CZ   C  Y N 247 
PHE OXT  O  N N 248 
PHE H    H  N N 249 
PHE H2   H  N N 250 
PHE HA   H  N N 251 
PHE HB2  H  N N 252 
PHE HB3  H  N N 253 
PHE HD1  H  N N 254 
PHE HD2  H  N N 255 
PHE HE1  H  N N 256 
PHE HE2  H  N N 257 
PHE HZ   H  N N 258 
PHE HXT  H  N N 259 
PRO N    N  N N 260 
PRO CA   C  N S 261 
PRO C    C  N N 262 
PRO O    O  N N 263 
PRO CB   C  N N 264 
PRO CG   C  N N 265 
PRO CD   C  N N 266 
PRO OXT  O  N N 267 
PRO H    H  N N 268 
PRO HA   H  N N 269 
PRO HB2  H  N N 270 
PRO HB3  H  N N 271 
PRO HG2  H  N N 272 
PRO HG3  H  N N 273 
PRO HD2  H  N N 274 
PRO HD3  H  N N 275 
PRO HXT  H  N N 276 
SER N    N  N N 277 
SER CA   C  N S 278 
SER C    C  N N 279 
SER O    O  N N 280 
SER CB   C  N N 281 
SER OG   O  N N 282 
SER OXT  O  N N 283 
SER H    H  N N 284 
SER H2   H  N N 285 
SER HA   H  N N 286 
SER HB2  H  N N 287 
SER HB3  H  N N 288 
SER HG   H  N N 289 
SER HXT  H  N N 290 
SO4 S    S  N N 291 
SO4 O1   O  N N 292 
SO4 O2   O  N N 293 
SO4 O3   O  N N 294 
SO4 O4   O  N N 295 
THR N    N  N N 296 
THR CA   C  N S 297 
THR C    C  N N 298 
THR O    O  N N 299 
THR CB   C  N R 300 
THR OG1  O  N N 301 
THR CG2  C  N N 302 
THR OXT  O  N N 303 
THR H    H  N N 304 
THR H2   H  N N 305 
THR HA   H  N N 306 
THR HB   H  N N 307 
THR HG1  H  N N 308 
THR HG21 H  N N 309 
THR HG22 H  N N 310 
THR HG23 H  N N 311 
THR HXT  H  N N 312 
TQJ N1   N  N N 313 
TQJ S2   S  N N 314 
TQJ C3   C  N N 315 
TQJ C4   C  N N 316 
TQJ C5   C  N N 317 
TQJ O6   O  N N 318 
TQJ O7   O  N N 319 
TQJ C8   C  N N 320 
TQJ C9   C  N N 321 
TQJ C10  C  N S 322 
TQJ N11  N  N N 323 
TQJ C12  C  N N 324 
TQJ N13  N  N N 325 
TQJ C14  C  Y N 326 
TQJ C15  C  N N 327 
TQJ C16  C  N N 328 
TQJ O17  O  N N 329 
TQJ C18  C  Y N 330 
TQJ N19  N  Y N 331 
TQJ C20  C  N N 332 
TQJ O21  O  N N 333 
TQJ C22  C  Y N 334 
TQJ C23  C  Y N 335 
TQJ C24  C  Y N 336 
TQJ C25  C  Y N 337 
TQJ N26  N  Y N 338 
TQJ N27  N  Y N 339 
TQJ BR28 BR N N 340 
TQJ C29  C  Y N 341 
TQJ C30  C  Y N 342 
TQJ C31  C  Y N 343 
TQJ H3   H  N N 344 
TQJ H3A  H  N N 345 
TQJ H4   H  N N 346 
TQJ H4A  H  N N 347 
TQJ H5   H  N N 348 
TQJ H5A  H  N N 349 
TQJ H8   H  N N 350 
TQJ H8A  H  N N 351 
TQJ H9   H  N N 352 
TQJ H9A  H  N N 353 
TQJ H10  H  N N 354 
TQJ H12  H  N N 355 
TQJ H12A H  N N 356 
TQJ H15  H  N N 357 
TQJ H15A H  N N 358 
TQJ H16  H  N N 359 
TQJ HO17 H  N N 360 
TQJ H18  H  N N 361 
TQJ H20  H  N N 362 
TQJ H20A H  N N 363 
TQJ H22  H  N N 364 
TQJ H23  H  N N 365 
TQJ H29  H  N N 366 
TQJ H30  H  N N 367 
TQJ H31  H  N N 368 
TRP N    N  N N 369 
TRP CA   C  N S 370 
TRP C    C  N N 371 
TRP O    O  N N 372 
TRP CB   C  N N 373 
TRP CG   C  Y N 374 
TRP CD1  C  Y N 375 
TRP CD2  C  Y N 376 
TRP NE1  N  Y N 377 
TRP CE2  C  Y N 378 
TRP CE3  C  Y N 379 
TRP CZ2  C  Y N 380 
TRP CZ3  C  Y N 381 
TRP CH2  C  Y N 382 
TRP OXT  O  N N 383 
TRP H    H  N N 384 
TRP H2   H  N N 385 
TRP HA   H  N N 386 
TRP HB2  H  N N 387 
TRP HB3  H  N N 388 
TRP HD1  H  N N 389 
TRP HE1  H  N N 390 
TRP HE3  H  N N 391 
TRP HZ2  H  N N 392 
TRP HZ3  H  N N 393 
TRP HH2  H  N N 394 
TRP HXT  H  N N 395 
TYR N    N  N N 396 
TYR CA   C  N S 397 
TYR C    C  N N 398 
TYR O    O  N N 399 
TYR CB   C  N N 400 
TYR CG   C  Y N 401 
TYR CD1  C  Y N 402 
TYR CD2  C  Y N 403 
TYR CE1  C  Y N 404 
TYR CE2  C  Y N 405 
TYR CZ   C  Y N 406 
TYR OH   O  N N 407 
TYR OXT  O  N N 408 
TYR H    H  N N 409 
TYR H2   H  N N 410 
TYR HA   H  N N 411 
TYR HB2  H  N N 412 
TYR HB3  H  N N 413 
TYR HD1  H  N N 414 
TYR HD2  H  N N 415 
TYR HE1  H  N N 416 
TYR HE2  H  N N 417 
TYR HH   H  N N 418 
TYR HXT  H  N N 419 
VAL N    N  N N 420 
VAL CA   C  N S 421 
VAL C    C  N N 422 
VAL O    O  N N 423 
VAL CB   C  N N 424 
VAL CG1  C  N N 425 
VAL CG2  C  N N 426 
VAL OXT  O  N N 427 
VAL H    H  N N 428 
VAL H2   H  N N 429 
VAL HA   H  N N 430 
VAL HB   H  N N 431 
VAL HG11 H  N N 432 
VAL HG12 H  N N 433 
VAL HG13 H  N N 434 
VAL HG21 H  N N 435 
VAL HG22 H  N N 436 
VAL HG23 H  N N 437 
VAL HXT  H  N N 438 
ZN  ZN   ZN N N 439 
# 
loop_
_chem_comp_bond.comp_id 
_chem_comp_bond.atom_id_1 
_chem_comp_bond.atom_id_2 
_chem_comp_bond.value_order 
_chem_comp_bond.pdbx_aromatic_flag 
_chem_comp_bond.pdbx_stereo_config 
_chem_comp_bond.pdbx_ordinal 
ALA N   CA   sing N N 1   
ALA N   H    sing N N 2   
ALA N   H2   sing N N 3   
ALA CA  C    sing N N 4   
ALA CA  CB   sing N N 5   
ALA CA  HA   sing N N 6   
ALA C   O    doub N N 7   
ALA C   OXT  sing N N 8   
ALA CB  HB1  sing N N 9   
ALA CB  HB2  sing N N 10  
ALA CB  HB3  sing N N 11  
ALA OXT HXT  sing N N 12  
ARG N   CA   sing N N 13  
ARG N   H    sing N N 14  
ARG N   H2   sing N N 15  
ARG CA  C    sing N N 16  
ARG CA  CB   sing N N 17  
ARG CA  HA   sing N N 18  
ARG C   O    doub N N 19  
ARG C   OXT  sing N N 20  
ARG CB  CG   sing N N 21  
ARG CB  HB2  sing N N 22  
ARG CB  HB3  sing N N 23  
ARG CG  CD   sing N N 24  
ARG CG  HG2  sing N N 25  
ARG CG  HG3  sing N N 26  
ARG CD  NE   sing N N 27  
ARG CD  HD2  sing N N 28  
ARG CD  HD3  sing N N 29  
ARG NE  CZ   sing N N 30  
ARG NE  HE   sing N N 31  
ARG CZ  NH1  sing N N 32  
ARG CZ  NH2  doub N N 33  
ARG NH1 HH11 sing N N 34  
ARG NH1 HH12 sing N N 35  
ARG NH2 HH21 sing N N 36  
ARG NH2 HH22 sing N N 37  
ARG OXT HXT  sing N N 38  
ASN N   CA   sing N N 39  
ASN N   H    sing N N 40  
ASN N   H2   sing N N 41  
ASN CA  C    sing N N 42  
ASN CA  CB   sing N N 43  
ASN CA  HA   sing N N 44  
ASN C   O    doub N N 45  
ASN C   OXT  sing N N 46  
ASN CB  CG   sing N N 47  
ASN CB  HB2  sing N N 48  
ASN CB  HB3  sing N N 49  
ASN CG  OD1  doub N N 50  
ASN CG  ND2  sing N N 51  
ASN ND2 HD21 sing N N 52  
ASN ND2 HD22 sing N N 53  
ASN OXT HXT  sing N N 54  
ASP N   CA   sing N N 55  
ASP N   H    sing N N 56  
ASP N   H2   sing N N 57  
ASP CA  C    sing N N 58  
ASP CA  CB   sing N N 59  
ASP CA  HA   sing N N 60  
ASP C   O    doub N N 61  
ASP C   OXT  sing N N 62  
ASP CB  CG   sing N N 63  
ASP CB  HB2  sing N N 64  
ASP CB  HB3  sing N N 65  
ASP CG  OD1  doub N N 66  
ASP CG  OD2  sing N N 67  
ASP OD2 HD2  sing N N 68  
ASP OXT HXT  sing N N 69  
GLN N   CA   sing N N 70  
GLN N   H    sing N N 71  
GLN N   H2   sing N N 72  
GLN CA  C    sing N N 73  
GLN CA  CB   sing N N 74  
GLN CA  HA   sing N N 75  
GLN C   O    doub N N 76  
GLN C   OXT  sing N N 77  
GLN CB  CG   sing N N 78  
GLN CB  HB2  sing N N 79  
GLN CB  HB3  sing N N 80  
GLN CG  CD   sing N N 81  
GLN CG  HG2  sing N N 82  
GLN CG  HG3  sing N N 83  
GLN CD  OE1  doub N N 84  
GLN CD  NE2  sing N N 85  
GLN NE2 HE21 sing N N 86  
GLN NE2 HE22 sing N N 87  
GLN OXT HXT  sing N N 88  
GLU N   CA   sing N N 89  
GLU N   H    sing N N 90  
GLU N   H2   sing N N 91  
GLU CA  C    sing N N 92  
GLU CA  CB   sing N N 93  
GLU CA  HA   sing N N 94  
GLU C   O    doub N N 95  
GLU C   OXT  sing N N 96  
GLU CB  CG   sing N N 97  
GLU CB  HB2  sing N N 98  
GLU CB  HB3  sing N N 99  
GLU CG  CD   sing N N 100 
GLU CG  HG2  sing N N 101 
GLU CG  HG3  sing N N 102 
GLU CD  OE1  doub N N 103 
GLU CD  OE2  sing N N 104 
GLU OE2 HE2  sing N N 105 
GLU OXT HXT  sing N N 106 
GLY N   CA   sing N N 107 
GLY N   H    sing N N 108 
GLY N   H2   sing N N 109 
GLY CA  C    sing N N 110 
GLY CA  HA2  sing N N 111 
GLY CA  HA3  sing N N 112 
GLY C   O    doub N N 113 
GLY C   OXT  sing N N 114 
GLY OXT HXT  sing N N 115 
HIS N   CA   sing N N 116 
HIS N   H    sing N N 117 
HIS N   H2   sing N N 118 
HIS CA  C    sing N N 119 
HIS CA  CB   sing N N 120 
HIS CA  HA   sing N N 121 
HIS C   O    doub N N 122 
HIS C   OXT  sing N N 123 
HIS CB  CG   sing N N 124 
HIS CB  HB2  sing N N 125 
HIS CB  HB3  sing N N 126 
HIS CG  ND1  sing Y N 127 
HIS CG  CD2  doub Y N 128 
HIS ND1 CE1  doub Y N 129 
HIS ND1 HD1  sing N N 130 
HIS CD2 NE2  sing Y N 131 
HIS CD2 HD2  sing N N 132 
HIS CE1 NE2  sing Y N 133 
HIS CE1 HE1  sing N N 134 
HIS NE2 HE2  sing N N 135 
HIS OXT HXT  sing N N 136 
HOH O   H1   sing N N 137 
HOH O   H2   sing N N 138 
ILE N   CA   sing N N 139 
ILE N   H    sing N N 140 
ILE N   H2   sing N N 141 
ILE CA  C    sing N N 142 
ILE CA  CB   sing N N 143 
ILE CA  HA   sing N N 144 
ILE C   O    doub N N 145 
ILE C   OXT  sing N N 146 
ILE CB  CG1  sing N N 147 
ILE CB  CG2  sing N N 148 
ILE CB  HB   sing N N 149 
ILE CG1 CD1  sing N N 150 
ILE CG1 HG12 sing N N 151 
ILE CG1 HG13 sing N N 152 
ILE CG2 HG21 sing N N 153 
ILE CG2 HG22 sing N N 154 
ILE CG2 HG23 sing N N 155 
ILE CD1 HD11 sing N N 156 
ILE CD1 HD12 sing N N 157 
ILE CD1 HD13 sing N N 158 
ILE OXT HXT  sing N N 159 
LEU N   CA   sing N N 160 
LEU N   H    sing N N 161 
LEU N   H2   sing N N 162 
LEU CA  C    sing N N 163 
LEU CA  CB   sing N N 164 
LEU CA  HA   sing N N 165 
LEU C   O    doub N N 166 
LEU C   OXT  sing N N 167 
LEU CB  CG   sing N N 168 
LEU CB  HB2  sing N N 169 
LEU CB  HB3  sing N N 170 
LEU CG  CD1  sing N N 171 
LEU CG  CD2  sing N N 172 
LEU CG  HG   sing N N 173 
LEU CD1 HD11 sing N N 174 
LEU CD1 HD12 sing N N 175 
LEU CD1 HD13 sing N N 176 
LEU CD2 HD21 sing N N 177 
LEU CD2 HD22 sing N N 178 
LEU CD2 HD23 sing N N 179 
LEU OXT HXT  sing N N 180 
LYS N   CA   sing N N 181 
LYS N   H    sing N N 182 
LYS N   H2   sing N N 183 
LYS CA  C    sing N N 184 
LYS CA  CB   sing N N 185 
LYS CA  HA   sing N N 186 
LYS C   O    doub N N 187 
LYS C   OXT  sing N N 188 
LYS CB  CG   sing N N 189 
LYS CB  HB2  sing N N 190 
LYS CB  HB3  sing N N 191 
LYS CG  CD   sing N N 192 
LYS CG  HG2  sing N N 193 
LYS CG  HG3  sing N N 194 
LYS CD  CE   sing N N 195 
LYS CD  HD2  sing N N 196 
LYS CD  HD3  sing N N 197 
LYS CE  NZ   sing N N 198 
LYS CE  HE2  sing N N 199 
LYS CE  HE3  sing N N 200 
LYS NZ  HZ1  sing N N 201 
LYS NZ  HZ2  sing N N 202 
LYS NZ  HZ3  sing N N 203 
LYS OXT HXT  sing N N 204 
MET N   CA   sing N N 205 
MET N   H    sing N N 206 
MET N   H2   sing N N 207 
MET CA  C    sing N N 208 
MET CA  CB   sing N N 209 
MET CA  HA   sing N N 210 
MET C   O    doub N N 211 
MET C   OXT  sing N N 212 
MET CB  CG   sing N N 213 
MET CB  HB2  sing N N 214 
MET CB  HB3  sing N N 215 
MET CG  SD   sing N N 216 
MET CG  HG2  sing N N 217 
MET CG  HG3  sing N N 218 
MET SD  CE   sing N N 219 
MET CE  HE1  sing N N 220 
MET CE  HE2  sing N N 221 
MET CE  HE3  sing N N 222 
MET OXT HXT  sing N N 223 
PHE N   CA   sing N N 224 
PHE N   H    sing N N 225 
PHE N   H2   sing N N 226 
PHE CA  C    sing N N 227 
PHE CA  CB   sing N N 228 
PHE CA  HA   sing N N 229 
PHE C   O    doub N N 230 
PHE C   OXT  sing N N 231 
PHE CB  CG   sing N N 232 
PHE CB  HB2  sing N N 233 
PHE CB  HB3  sing N N 234 
PHE CG  CD1  doub Y N 235 
PHE CG  CD2  sing Y N 236 
PHE CD1 CE1  sing Y N 237 
PHE CD1 HD1  sing N N 238 
PHE CD2 CE2  doub Y N 239 
PHE CD2 HD2  sing N N 240 
PHE CE1 CZ   doub Y N 241 
PHE CE1 HE1  sing N N 242 
PHE CE2 CZ   sing Y N 243 
PHE CE2 HE2  sing N N 244 
PHE CZ  HZ   sing N N 245 
PHE OXT HXT  sing N N 246 
PRO N   CA   sing N N 247 
PRO N   CD   sing N N 248 
PRO N   H    sing N N 249 
PRO CA  C    sing N N 250 
PRO CA  CB   sing N N 251 
PRO CA  HA   sing N N 252 
PRO C   O    doub N N 253 
PRO C   OXT  sing N N 254 
PRO CB  CG   sing N N 255 
PRO CB  HB2  sing N N 256 
PRO CB  HB3  sing N N 257 
PRO CG  CD   sing N N 258 
PRO CG  HG2  sing N N 259 
PRO CG  HG3  sing N N 260 
PRO CD  HD2  sing N N 261 
PRO CD  HD3  sing N N 262 
PRO OXT HXT  sing N N 263 
SER N   CA   sing N N 264 
SER N   H    sing N N 265 
SER N   H2   sing N N 266 
SER CA  C    sing N N 267 
SER CA  CB   sing N N 268 
SER CA  HA   sing N N 269 
SER C   O    doub N N 270 
SER C   OXT  sing N N 271 
SER CB  OG   sing N N 272 
SER CB  HB2  sing N N 273 
SER CB  HB3  sing N N 274 
SER OG  HG   sing N N 275 
SER OXT HXT  sing N N 276 
SO4 S   O1   doub N N 277 
SO4 S   O2   doub N N 278 
SO4 S   O3   sing N N 279 
SO4 S   O4   sing N N 280 
THR N   CA   sing N N 281 
THR N   H    sing N N 282 
THR N   H2   sing N N 283 
THR CA  C    sing N N 284 
THR CA  CB   sing N N 285 
THR CA  HA   sing N N 286 
THR C   O    doub N N 287 
THR C   OXT  sing N N 288 
THR CB  OG1  sing N N 289 
THR CB  CG2  sing N N 290 
THR CB  HB   sing N N 291 
THR OG1 HG1  sing N N 292 
THR CG2 HG21 sing N N 293 
THR CG2 HG22 sing N N 294 
THR CG2 HG23 sing N N 295 
THR OXT HXT  sing N N 296 
TQJ N1  S2   sing N N 297 
TQJ N1  C3   sing N N 298 
TQJ N1  C4   sing N N 299 
TQJ S2  C5   sing N N 300 
TQJ S2  O6   doub N N 301 
TQJ S2  O7   doub N N 302 
TQJ C3  C8   sing N N 303 
TQJ C4  C9   sing N N 304 
TQJ C5  C10  sing N N 305 
TQJ C8  N11  sing N N 306 
TQJ C9  N11  sing N N 307 
TQJ C10 C12  sing N N 308 
TQJ C10 N13  sing N N 309 
TQJ N11 C14  sing N N 310 
TQJ C12 C15  sing N N 311 
TQJ N13 C16  sing N N 312 
TQJ N13 O17  sing N N 313 
TQJ C14 C18  doub Y N 314 
TQJ C14 N19  sing Y N 315 
TQJ C15 C20  sing N N 316 
TQJ C16 O21  doub N N 317 
TQJ C18 C22  sing Y N 318 
TQJ N19 C23  doub Y N 319 
TQJ C20 C24  sing N N 320 
TQJ C22 C25  doub Y N 321 
TQJ C23 C25  sing Y N 322 
TQJ C24 N26  doub Y N 323 
TQJ C24 N27  sing Y N 324 
TQJ C25 BR28 sing N N 325 
TQJ N26 C29  sing Y N 326 
TQJ N27 C30  doub Y N 327 
TQJ C29 C31  doub Y N 328 
TQJ C30 C31  sing Y N 329 
TQJ C3  H3   sing N N 330 
TQJ C3  H3A  sing N N 331 
TQJ C4  H4   sing N N 332 
TQJ C4  H4A  sing N N 333 
TQJ C5  H5   sing N N 334 
TQJ C5  H5A  sing N N 335 
TQJ C8  H8   sing N N 336 
TQJ C8  H8A  sing N N 337 
TQJ C9  H9   sing N N 338 
TQJ C9  H9A  sing N N 339 
TQJ C10 H10  sing N N 340 
TQJ C12 H12  sing N N 341 
TQJ C12 H12A sing N N 342 
TQJ C15 H15  sing N N 343 
TQJ C15 H15A sing N N 344 
TQJ C16 H16  sing N N 345 
TQJ O17 HO17 sing N N 346 
TQJ C18 H18  sing N N 347 
TQJ C20 H20  sing N N 348 
TQJ C20 H20A sing N N 349 
TQJ C22 H22  sing N N 350 
TQJ C23 H23  sing N N 351 
TQJ C29 H29  sing N N 352 
TQJ C30 H30  sing N N 353 
TQJ C31 H31  sing N N 354 
TRP N   CA   sing N N 355 
TRP N   H    sing N N 356 
TRP N   H2   sing N N 357 
TRP CA  C    sing N N 358 
TRP CA  CB   sing N N 359 
TRP CA  HA   sing N N 360 
TRP C   O    doub N N 361 
TRP C   OXT  sing N N 362 
TRP CB  CG   sing N N 363 
TRP CB  HB2  sing N N 364 
TRP CB  HB3  sing N N 365 
TRP CG  CD1  doub Y N 366 
TRP CG  CD2  sing Y N 367 
TRP CD1 NE1  sing Y N 368 
TRP CD1 HD1  sing N N 369 
TRP CD2 CE2  doub Y N 370 
TRP CD2 CE3  sing Y N 371 
TRP NE1 CE2  sing Y N 372 
TRP NE1 HE1  sing N N 373 
TRP CE2 CZ2  sing Y N 374 
TRP CE3 CZ3  doub Y N 375 
TRP CE3 HE3  sing N N 376 
TRP CZ2 CH2  doub Y N 377 
TRP CZ2 HZ2  sing N N 378 
TRP CZ3 CH2  sing Y N 379 
TRP CZ3 HZ3  sing N N 380 
TRP CH2 HH2  sing N N 381 
TRP OXT HXT  sing N N 382 
TYR N   CA   sing N N 383 
TYR N   H    sing N N 384 
TYR N   H2   sing N N 385 
TYR CA  C    sing N N 386 
TYR CA  CB   sing N N 387 
TYR CA  HA   sing N N 388 
TYR C   O    doub N N 389 
TYR C   OXT  sing N N 390 
TYR CB  CG   sing N N 391 
TYR CB  HB2  sing N N 392 
TYR CB  HB3  sing N N 393 
TYR CG  CD1  doub Y N 394 
TYR CG  CD2  sing Y N 395 
TYR CD1 CE1  sing Y N 396 
TYR CD1 HD1  sing N N 397 
TYR CD2 CE2  doub Y N 398 
TYR CD2 HD2  sing N N 399 
TYR CE1 CZ   doub Y N 400 
TYR CE1 HE1  sing N N 401 
TYR CE2 CZ   sing Y N 402 
TYR CE2 HE2  sing N N 403 
TYR CZ  OH   sing N N 404 
TYR OH  HH   sing N N 405 
TYR OXT HXT  sing N N 406 
VAL N   CA   sing N N 407 
VAL N   H    sing N N 408 
VAL N   H2   sing N N 409 
VAL CA  C    sing N N 410 
VAL CA  CB   sing N N 411 
VAL CA  HA   sing N N 412 
VAL C   O    doub N N 413 
VAL C   OXT  sing N N 414 
VAL CB  CG1  sing N N 415 
VAL CB  CG2  sing N N 416 
VAL CB  HB   sing N N 417 
VAL CG1 HG11 sing N N 418 
VAL CG1 HG12 sing N N 419 
VAL CG1 HG13 sing N N 420 
VAL CG2 HG21 sing N N 421 
VAL CG2 HG22 sing N N 422 
VAL CG2 HG23 sing N N 423 
VAL OXT HXT  sing N N 424 
# 
_atom_sites.entry_id                    2Y6D 
_atom_sites.fract_transf_matrix[1][1]   0.00837461 
_atom_sites.fract_transf_matrix[1][2]   -0.00904720 
_atom_sites.fract_transf_matrix[1][3]   -0.00430108 
_atom_sites.fract_transf_matrix[2][1]   -0.00481428 
_atom_sites.fract_transf_matrix[2][2]   0.00128138 
_atom_sites.fract_transf_matrix[2][3]   -0.01206922 
_atom_sites.fract_transf_matrix[3][1]   0.01104349 
_atom_sites.fract_transf_matrix[3][2]   0.01172490 
_atom_sites.fract_transf_matrix[3][3]   -0.00316030 
_atom_sites.fract_transf_vector[1]      -0.303483 
_atom_sites.fract_transf_vector[2]      0.113060 
_atom_sites.fract_transf_vector[3]      0.165341 
# 
loop_
_atom_type.symbol 
BR 
C  
CA 
N  
O  
S  
ZN 
# 
loop_
_atom_site.group_PDB 
_atom_site.id 
_atom_site.type_symbol 
_atom_site.label_atom_id 
_atom_site.label_alt_id 
_atom_site.label_comp_id 
_atom_site.label_asym_id 
_atom_site.label_entity_id 
_atom_site.label_seq_id 
_atom_site.pdbx_PDB_ins_code 
_atom_site.Cartn_x 
_atom_site.Cartn_y 
_atom_site.Cartn_z 
_atom_site.occupancy 
_atom_site.B_iso_or_equiv 
_atom_site.pdbx_formal_charge 
_atom_site.auth_seq_id 
_atom_site.auth_comp_id 
_atom_site.auth_asym_id 
_atom_site.auth_atom_id 
_atom_site.pdbx_PDB_model_num 
ATOM   1    N  N    . GLY A 1 1   ? -17.662 -6.125  -6.410  1.00 24.38 ? 99   GLY A N    1 
ATOM   2    C  CA   . GLY A 1 1   ? -18.069 -5.517  -5.116  1.00 23.50 ? 99   GLY A CA   1 
ATOM   3    C  C    . GLY A 1 1   ? -16.877 -5.298  -4.208  1.00 23.17 ? 99   GLY A C    1 
ATOM   4    O  O    . GLY A 1 1   ? -16.192 -6.249  -3.821  1.00 23.14 ? 99   GLY A O    1 
ATOM   5    N  N    . TYR A 1 2   ? -16.629 -4.037  -3.870  1.00 22.65 ? 100  TYR A N    1 
ATOM   6    C  CA   . TYR A 1 2   ? -15.517 -3.693  -3.003  1.00 21.99 ? 100  TYR A CA   1 
ATOM   7    C  C    . TYR A 1 2   ? -15.813 -4.113  -1.576  1.00 21.77 ? 100  TYR A C    1 
ATOM   8    O  O    . TYR A 1 2   ? -16.956 -4.409  -1.222  1.00 21.32 ? 100  TYR A O    1 
ATOM   9    C  CB   . TYR A 1 2   ? -15.277 -2.184  -3.006  1.00 22.10 ? 100  TYR A CB   1 
ATOM   10   C  CG   . TYR A 1 2   ? -16.380 -1.396  -2.328  1.00 21.93 ? 100  TYR A CG   1 
ATOM   11   C  CD1  . TYR A 1 2   ? -16.385 -1.215  -0.949  1.00 22.21 ? 100  TYR A CD1  1 
ATOM   12   C  CD2  . TYR A 1 2   ? -17.423 -0.847  -3.063  1.00 22.46 ? 100  TYR A CD2  1 
ATOM   13   C  CE1  . TYR A 1 2   ? -17.391 -0.504  -0.326  1.00 22.43 ? 100  TYR A CE1  1 
ATOM   14   C  CE2  . TYR A 1 2   ? -18.433 -0.129  -2.447  1.00 22.50 ? 100  TYR A CE2  1 
ATOM   15   C  CZ   . TYR A 1 2   ? -18.413 0.032   -1.076  1.00 22.88 ? 100  TYR A CZ   1 
ATOM   16   O  OH   . TYR A 1 2   ? -19.411 0.746   -0.451  1.00 24.40 ? 100  TYR A OH   1 
ATOM   17   N  N    A SER A 1 3   ? -14.765 -4.139  -0.762  0.50 21.54 ? 101  SER A N    1 
ATOM   18   N  N    B SER A 1 3   ? -14.774 -4.139  -0.753  0.50 21.55 ? 101  SER A N    1 
ATOM   19   C  CA   A SER A 1 3   ? -14.878 -4.481  0.645   0.50 21.52 ? 101  SER A CA   1 
ATOM   20   C  CA   B SER A 1 3   ? -14.938 -4.453  0.655   0.50 21.54 ? 101  SER A CA   1 
ATOM   21   C  C    A SER A 1 3   ? -13.997 -3.542  1.450   0.50 21.50 ? 101  SER A C    1 
ATOM   22   C  C    B SER A 1 3   ? -14.005 -3.557  1.451   0.50 21.52 ? 101  SER A C    1 
ATOM   23   O  O    A SER A 1 3   ? -13.069 -2.938  0.913   0.50 21.23 ? 101  SER A O    1 
ATOM   24   O  O    B SER A 1 3   ? -13.049 -3.002  0.910   0.50 21.25 ? 101  SER A O    1 
ATOM   25   C  CB   A SER A 1 3   ? -14.428 -5.922  0.893   0.50 21.51 ? 101  SER A CB   1 
ATOM   26   C  CB   B SER A 1 3   ? -14.637 -5.925  0.945   0.50 21.56 ? 101  SER A CB   1 
ATOM   27   O  OG   A SER A 1 3   ? -15.231 -6.849  0.187   0.50 21.73 ? 101  SER A OG   1 
ATOM   28   O  OG   B SER A 1 3   ? -13.264 -6.213  0.776   0.50 21.73 ? 101  SER A OG   1 
ATOM   29   N  N    . LEU A 1 4   ? -14.303 -3.406  2.733   1.00 21.67 ? 102  LEU A N    1 
ATOM   30   C  CA   . LEU A 1 4   ? -13.488 -2.604  3.620   1.00 22.00 ? 102  LEU A CA   1 
ATOM   31   C  C    . LEU A 1 4   ? -12.980 -3.612  4.644   1.00 22.55 ? 102  LEU A C    1 
ATOM   32   O  O    . LEU A 1 4   ? -12.993 -4.811  4.377   1.00 22.66 ? 102  LEU A O    1 
ATOM   33   C  CB   . LEU A 1 4   ? -14.318 -1.513  4.287   1.00 22.01 ? 102  LEU A CB   1 
ATOM   34   C  CG   . LEU A 1 4   ? -15.080 -0.564  3.358   1.00 21.75 ? 102  LEU A CG   1 
ATOM   35   C  CD1  . LEU A 1 4   ? -15.852 0.459   4.173   1.00 21.66 ? 102  LEU A CD1  1 
ATOM   36   C  CD2  . LEU A 1 4   ? -14.138 0.132   2.380   1.00 21.55 ? 102  LEU A CD2  1 
ATOM   37   N  N    . PHE A 1 5   ? -12.526 -3.139  5.797   1.00 23.36 ? 103  PHE A N    1 
ATOM   38   C  CA   . PHE A 1 5   ? -12.079 -4.040  6.855   1.00 24.26 ? 103  PHE A CA   1 
ATOM   39   C  C    . PHE A 1 5   ? -13.159 -4.148  7.919   1.00 24.71 ? 103  PHE A C    1 
ATOM   40   O  O    . PHE A 1 5   ? -13.967 -3.237  8.083   1.00 24.53 ? 103  PHE A O    1 
ATOM   41   C  CB   . PHE A 1 5   ? -10.770 -3.558  7.491   1.00 24.20 ? 103  PHE A CB   1 
ATOM   42   C  CG   . PHE A 1 5   ? -9.559  -3.771  6.632   1.00 24.84 ? 103  PHE A CG   1 
ATOM   43   C  CD1  . PHE A 1 5   ? -8.899  -4.989  6.633   1.00 25.59 ? 103  PHE A CD1  1 
ATOM   44   C  CD2  . PHE A 1 5   ? -9.062  -2.747  5.844   1.00 25.27 ? 103  PHE A CD2  1 
ATOM   45   C  CE1  . PHE A 1 5   ? -7.773  -5.187  5.848   1.00 26.21 ? 103  PHE A CE1  1 
ATOM   46   C  CE2  . PHE A 1 5   ? -7.937  -2.937  5.058   1.00 25.27 ? 103  PHE A CE2  1 
ATOM   47   C  CZ   . PHE A 1 5   ? -7.292  -4.157  5.061   1.00 25.76 ? 103  PHE A CZ   1 
ATOM   48   N  N    . PRO A 1 6   ? -13.180 -5.271  8.649   1.00 25.54 ? 104  PRO A N    1 
ATOM   49   C  CA   . PRO A 1 6   ? -14.175 -5.431  9.701   1.00 26.12 ? 104  PRO A CA   1 
ATOM   50   C  C    . PRO A 1 6   ? -14.136 -4.241  10.655  1.00 26.45 ? 104  PRO A C    1 
ATOM   51   O  O    . PRO A 1 6   ? -13.063 -3.856  11.129  1.00 26.66 ? 104  PRO A O    1 
ATOM   52   C  CB   . PRO A 1 6   ? -13.723 -6.705  10.419  1.00 26.15 ? 104  PRO A CB   1 
ATOM   53   C  CG   . PRO A 1 6   ? -12.985 -7.478  9.378   1.00 26.02 ? 104  PRO A CG   1 
ATOM   54   C  CD   . PRO A 1 6   ? -12.297 -6.444  8.528   1.00 25.57 ? 104  PRO A CD   1 
ATOM   55   N  N    . ASN A 1 7   ? -15.300 -3.661  10.921  1.00 26.83 ? 105  ASN A N    1 
ATOM   56   C  CA   . ASN A 1 7   ? -15.406 -2.509  11.806  1.00 26.88 ? 105  ASN A CA   1 
ATOM   57   C  C    . ASN A 1 7   ? -15.078 -1.213  11.064  1.00 26.38 ? 105  ASN A C    1 
ATOM   58   O  O    . ASN A 1 7   ? -15.066 -0.127  11.648  1.00 26.59 ? 105  ASN A O    1 
ATOM   59   C  CB   . ASN A 1 7   ? -14.509 -2.681  13.031  1.00 27.45 ? 105  ASN A CB   1 
ATOM   60   C  CG   . ASN A 1 7   ? -14.854 -1.714  14.142  1.00 28.86 ? 105  ASN A CG   1 
ATOM   61   O  OD1  . ASN A 1 7   ? -15.796 -0.928  14.024  1.00 31.42 ? 105  ASN A OD1  1 
ATOM   62   N  ND2  . ASN A 1 7   ? -14.103 -1.773  15.238  1.00 30.25 ? 105  ASN A ND2  1 
ATOM   63   N  N    . SER A 1 8   ? -14.802 -1.355  9.771   1.00 25.60 ? 106  SER A N    1 
ATOM   64   C  CA   . SER A 1 8   ? -14.515 -0.236  8.865   1.00 24.55 ? 106  SER A CA   1 
ATOM   65   C  C    . SER A 1 8   ? -13.547 0.836   9.369   1.00 23.27 ? 106  SER A C    1 
ATOM   66   O  O    . SER A 1 8   ? -13.880 2.022   9.389   1.00 23.38 ? 106  SER A O    1 
ATOM   67   C  CB   . SER A 1 8   ? -15.825 0.406   8.388   1.00 24.91 ? 106  SER A CB   1 
ATOM   68   O  OG   . SER A 1 8   ? -16.626 -0.551  7.708   1.00 26.44 ? 106  SER A OG   1 
ATOM   69   N  N    . PRO A 1 9   ? -12.332 0.423   9.761   1.00 21.71 ? 107  PRO A N    1 
ATOM   70   C  CA   . PRO A 1 9   ? -11.341 1.377   10.238  1.00 20.60 ? 107  PRO A CA   1 
ATOM   71   C  C    . PRO A 1 9   ? -10.919 2.332   9.128   1.00 19.60 ? 107  PRO A C    1 
ATOM   72   O  O    . PRO A 1 9   ? -10.857 1.942   7.964   1.00 19.40 ? 107  PRO A O    1 
ATOM   73   C  CB   . PRO A 1 9   ? -10.166 0.486   10.645  1.00 20.48 ? 107  PRO A CB   1 
ATOM   74   C  CG   . PRO A 1 9   ? -10.319 -0.734  9.816   1.00 21.00 ? 107  PRO A CG   1 
ATOM   75   C  CD   . PRO A 1 9   ? -11.807 -0.952  9.746   1.00 21.62 ? 107  PRO A CD   1 
ATOM   76   N  N    . LYS A 1 10  ? -10.646 3.578   9.496   1.00 18.53 ? 108  LYS A N    1 
ATOM   77   C  CA   . LYS A 1 10  ? -10.211 4.591   8.547   1.00 17.40 ? 108  LYS A CA   1 
ATOM   78   C  C    . LYS A 1 10  ? -9.373  5.604   9.296   1.00 16.57 ? 108  LYS A C    1 
ATOM   79   O  O    . LYS A 1 10  ? -9.412  5.664   10.526  1.00 16.42 ? 108  LYS A O    1 
ATOM   80   C  CB   . LYS A 1 10  ? -11.413 5.313   7.937   1.00 17.80 ? 108  LYS A CB   1 
ATOM   81   C  CG   . LYS A 1 10  ? -12.277 6.009   8.986   1.00 18.43 ? 108  LYS A CG   1 
ATOM   82   C  CD   . LYS A 1 10  ? -13.436 6.792   8.377   1.00 19.77 ? 108  LYS A CD   1 
ATOM   83   C  CE   . LYS A 1 10  ? -12.975 8.055   7.677   1.00 21.19 ? 108  LYS A CE   1 
ATOM   84   N  NZ   . LYS A 1 10  ? -14.143 8.878   7.233   1.00 22.87 ? 108  LYS A NZ   1 
ATOM   85   N  N    . TRP A 1 11  ? -8.605  6.396   8.561   1.00 15.59 ? 109  TRP A N    1 
ATOM   86   C  CA   . TRP A 1 11  ? -7.848  7.459   9.183   1.00 15.13 ? 109  TRP A CA   1 
ATOM   87   C  C    . TRP A 1 11  ? -8.868  8.554   9.468   1.00 15.66 ? 109  TRP A C    1 
ATOM   88   O  O    . TRP A 1 11  ? -9.664  8.899   8.607   1.00 15.43 ? 109  TRP A O    1 
ATOM   89   C  CB   . TRP A 1 11  ? -6.739  7.960   8.267   1.00 14.78 ? 109  TRP A CB   1 
ATOM   90   C  CG   . TRP A 1 11  ? -5.744  6.887   7.928   1.00 12.29 ? 109  TRP A CG   1 
ATOM   91   C  CD1  . TRP A 1 11  ? -5.622  6.221   6.738   1.00 11.90 ? 109  TRP A CD1  1 
ATOM   92   C  CD2  . TRP A 1 11  ? -4.753  6.335   8.802   1.00 11.28 ? 109  TRP A CD2  1 
ATOM   93   N  NE1  . TRP A 1 11  ? -4.595  5.302   6.818   1.00 10.51 ? 109  TRP A NE1  1 
ATOM   94   C  CE2  . TRP A 1 11  ? -4.058  5.347   8.078   1.00 10.99 ? 109  TRP A CE2  1 
ATOM   95   C  CE3  . TRP A 1 11  ? -4.393  6.579   10.134  1.00 10.40 ? 109  TRP A CE3  1 
ATOM   96   C  CZ2  . TRP A 1 11  ? -3.020  4.607   8.638   1.00 10.98 ? 109  TRP A CZ2  1 
ATOM   97   C  CZ3  . TRP A 1 11  ? -3.366  5.848   10.685  1.00 10.59 ? 109  TRP A CZ3  1 
ATOM   98   C  CH2  . TRP A 1 11  ? -2.684  4.874   9.938   1.00 10.42 ? 109  TRP A CH2  1 
ATOM   99   N  N    . THR A 1 12  ? -8.857  9.073   10.685  1.00 16.27 ? 110  THR A N    1 
ATOM   100  C  CA   . THR A 1 12  ? -9.834  10.090  11.058  1.00 17.23 ? 110  THR A CA   1 
ATOM   101  C  C    . THR A 1 12  ? -9.245  11.488  11.145  1.00 17.50 ? 110  THR A C    1 
ATOM   102  O  O    . THR A 1 12  ? -9.978  12.464  11.319  1.00 17.61 ? 110  THR A O    1 
ATOM   103  C  CB   . THR A 1 12  ? -10.556 9.718   12.359  1.00 17.19 ? 110  THR A CB   1 
ATOM   104  O  OG1  . THR A 1 12  ? -9.588  9.391   13.364  1.00 18.40 ? 110  THR A OG1  1 
ATOM   105  C  CG2  . THR A 1 12  ? -11.465 8.518   12.123  1.00 17.97 ? 110  THR A CG2  1 
ATOM   106  N  N    . SER A 1 13  ? -7.928  11.588  11.017  1.00 17.78 ? 111  SER A N    1 
ATOM   107  C  CA   . SER A 1 13  ? -7.274  12.886  11.025  1.00 18.58 ? 111  SER A CA   1 
ATOM   108  C  C    . SER A 1 13  ? -7.279  13.473  9.613   1.00 18.60 ? 111  SER A C    1 
ATOM   109  O  O    . SER A 1 13  ? -7.416  12.746  8.627   1.00 18.88 ? 111  SER A O    1 
ATOM   110  C  CB   . SER A 1 13  ? -5.844  12.775  11.559  1.00 18.69 ? 111  SER A CB   1 
ATOM   111  O  OG   . SER A 1 13  ? -5.055  11.943  10.731  1.00 20.38 ? 111  SER A OG   1 
ATOM   112  N  N    . LYS A 1 14  ? -7.143  14.790  9.518   1.00 18.73 ? 112  LYS A N    1 
ATOM   113  C  CA   . LYS A 1 14  ? -7.133  15.471  8.229   1.00 19.14 ? 112  LYS A CA   1 
ATOM   114  C  C    . LYS A 1 14  ? -5.856  15.164  7.450   1.00 18.81 ? 112  LYS A C    1 
ATOM   115  O  O    . LYS A 1 14  ? -5.859  15.126  6.217   1.00 18.98 ? 112  LYS A O    1 
ATOM   116  C  CB   . LYS A 1 14  ? -7.264  16.982  8.426   1.00 19.73 ? 112  LYS A CB   1 
ATOM   117  C  CG   . LYS A 1 14  ? -8.551  17.402  9.129   1.00 21.66 ? 112  LYS A CG   1 
ATOM   118  C  CD   . LYS A 1 14  ? -9.760  16.956  8.337   1.00 25.09 ? 112  LYS A CD   1 
ATOM   119  C  CE   . LYS A 1 14  ? -9.826  17.666  6.998   1.00 26.39 ? 112  LYS A CE   1 
ATOM   120  N  NZ   . LYS A 1 14  ? -10.024 19.131  7.176   1.00 28.80 ? 112  LYS A NZ   1 
ATOM   121  N  N    . VAL A 1 15  ? -4.768  14.942  8.182   1.00 18.37 ? 113  VAL A N    1 
ATOM   122  C  CA   . VAL A 1 15  ? -3.466  14.677  7.585   1.00 18.11 ? 113  VAL A CA   1 
ATOM   123  C  C    . VAL A 1 15  ? -2.901  13.359  8.092   1.00 17.33 ? 113  VAL A C    1 
ATOM   124  O  O    . VAL A 1 15  ? -2.908  13.090  9.293   1.00 17.59 ? 113  VAL A O    1 
ATOM   125  C  CB   . VAL A 1 15  ? -2.455  15.792  7.946   1.00 18.24 ? 113  VAL A CB   1 
ATOM   126  C  CG1  . VAL A 1 15  ? -1.095  15.513  7.316   1.00 18.70 ? 113  VAL A CG1  1 
ATOM   127  C  CG2  . VAL A 1 15  ? -2.986  17.149  7.524   1.00 18.95 ? 113  VAL A CG2  1 
ATOM   128  N  N    . VAL A 1 16  ? -2.423  12.536  7.168   1.00 16.74 ? 114  VAL A N    1 
ATOM   129  C  CA   . VAL A 1 16  ? -1.814  11.257  7.509   1.00 16.38 ? 114  VAL A CA   1 
ATOM   130  C  C    . VAL A 1 16  ? -0.376  11.289  7.006   1.00 15.46 ? 114  VAL A C    1 
ATOM   131  O  O    . VAL A 1 16  ? -0.126  11.609  5.845   1.00 15.14 ? 114  VAL A O    1 
ATOM   132  C  CB   . VAL A 1 16  ? -2.575  10.088  6.841   1.00 16.69 ? 114  VAL A CB   1 
ATOM   133  C  CG1  . VAL A 1 16  ? -1.913  8.749   7.154   1.00 17.78 ? 114  VAL A CG1  1 
ATOM   134  C  CG2  . VAL A 1 16  ? -4.036  10.085  7.296   1.00 17.89 ? 114  VAL A CG2  1 
ATOM   135  N  N    . THR A 1 17  ? 0.573   10.966  7.874   1.00 14.09 ? 115  THR A N    1 
ATOM   136  C  CA   . THR A 1 17  ? 1.974   10.980  7.459   1.00 13.48 ? 115  THR A CA   1 
ATOM   137  C  C    . THR A 1 17  ? 2.402   9.602   6.969   1.00 12.64 ? 115  THR A C    1 
ATOM   138  O  O    . THR A 1 17  ? 1.817   8.587   7.351   1.00 12.02 ? 115  THR A O    1 
ATOM   139  C  CB   . THR A 1 17  ? 2.916   11.415  8.596   1.00 13.66 ? 115  THR A CB   1 
ATOM   140  O  OG1  . THR A 1 17  ? 2.751   10.544  9.718   1.00 14.51 ? 115  THR A OG1  1 
ATOM   141  C  CG2  . THR A 1 17  ? 2.636   12.858  9.035   1.00 14.67 ? 115  THR A CG2  1 
ATOM   142  N  N    . TYR A 1 18  ? 3.402   9.577   6.094   1.00 12.17 ? 116  TYR A N    1 
ATOM   143  C  CA   . TYR A 1 18  ? 3.949   8.313   5.607   1.00 11.43 ? 116  TYR A CA   1 
ATOM   144  C  C    . TYR A 1 18  ? 5.455   8.417   5.485   1.00 11.37 ? 116  TYR A C    1 
ATOM   145  O  O    . TYR A 1 18  ? 5.997   9.504   5.310   1.00 11.14 ? 116  TYR A O    1 
ATOM   146  C  CB   . TYR A 1 18  ? 3.332   7.900   4.270   1.00 11.93 ? 116  TYR A CB   1 
ATOM   147  C  CG   . TYR A 1 18  ? 3.820   8.667   3.068   1.00 12.22 ? 116  TYR A CG   1 
ATOM   148  C  CD1  . TYR A 1 18  ? 3.204   9.845   2.675   1.00 14.09 ? 116  TYR A CD1  1 
ATOM   149  C  CD2  . TYR A 1 18  ? 4.879   8.185   2.300   1.00 13.83 ? 116  TYR A CD2  1 
ATOM   150  C  CE1  . TYR A 1 18  ? 3.638   10.538  1.561   1.00 15.09 ? 116  TYR A CE1  1 
ATOM   151  C  CE2  . TYR A 1 18  ? 5.320   8.871   1.182   1.00 15.71 ? 116  TYR A CE2  1 
ATOM   152  C  CZ   . TYR A 1 18  ? 4.695   10.046  0.818   1.00 16.20 ? 116  TYR A CZ   1 
ATOM   153  O  OH   . TYR A 1 18  ? 5.121   10.735  -0.299  1.00 17.95 ? 116  TYR A OH   1 
ATOM   154  N  N    . ARG A 1 19  ? 6.134   7.281   5.591   1.00 11.12 ? 117  ARG A N    1 
ATOM   155  C  CA   . ARG A 1 19  ? 7.584   7.256   5.482   1.00 11.81 ? 117  ARG A CA   1 
ATOM   156  C  C    . ARG A 1 19  ? 8.014   6.000   4.750   1.00 12.27 ? 117  ARG A C    1 
ATOM   157  O  O    . ARG A 1 19  ? 7.500   4.914   5.023   1.00 12.11 ? 117  ARG A O    1 
ATOM   158  C  CB   . ARG A 1 19  ? 8.229   7.246   6.869   1.00 11.61 ? 117  ARG A CB   1 
ATOM   159  C  CG   . ARG A 1 19  ? 9.745   7.084   6.804   1.00 12.89 ? 117  ARG A CG   1 
ATOM   160  C  CD   . ARG A 1 19  ? 10.361  6.771   8.163   1.00 14.08 ? 117  ARG A CD   1 
ATOM   161  N  NE   . ARG A 1 19  ? 11.762  6.387   8.000   1.00 15.48 ? 117  ARG A NE   1 
ATOM   162  C  CZ   . ARG A 1 19  ? 12.476  5.743   8.916   1.00 16.28 ? 117  ARG A CZ   1 
ATOM   163  N  NH1  . ARG A 1 19  ? 11.929  5.403   10.076  1.00 16.72 ? 117  ARG A NH1  1 
ATOM   164  N  NH2  . ARG A 1 19  ? 13.739  5.427   8.661   1.00 16.41 ? 117  ARG A NH2  1 
ATOM   165  N  N    . ILE A 1 20  ? 8.939   6.148   3.813   1.00 12.83 ? 118  ILE A N    1 
ATOM   166  C  CA   . ILE A 1 20  ? 9.497   4.987   3.141   1.00 13.66 ? 118  ILE A CA   1 
ATOM   167  C  C    . ILE A 1 20  ? 10.723  4.672   3.982   1.00 13.97 ? 118  ILE A C    1 
ATOM   168  O  O    . ILE A 1 20  ? 11.715  5.399   3.965   1.00 13.46 ? 118  ILE A O    1 
ATOM   169  C  CB   . ILE A 1 20  ? 9.834   5.266   1.677   1.00 13.79 ? 118  ILE A CB   1 
ATOM   170  C  CG1  . ILE A 1 20  ? 8.559   5.660   0.925   1.00 14.61 ? 118  ILE A CG1  1 
ATOM   171  C  CG2  . ILE A 1 20  ? 10.476  4.037   1.038   1.00 14.32 ? 118  ILE A CG2  1 
ATOM   172  C  CD1  . ILE A 1 20  ? 8.781   6.028   -0.517  1.00 17.16 ? 118  ILE A CD1  1 
ATOM   173  N  N    . VAL A 1 21  ? 10.612  3.602   4.760   1.00 14.75 ? 119  VAL A N    1 
ATOM   174  C  CA   . VAL A 1 21  ? 11.630  3.227   5.736   1.00 15.50 ? 119  VAL A CA   1 
ATOM   175  C  C    . VAL A 1 21  ? 12.811  2.447   5.180   1.00 15.89 ? 119  VAL A C    1 
ATOM   176  O  O    . VAL A 1 21  ? 13.947  2.641   5.615   1.00 16.49 ? 119  VAL A O    1 
ATOM   177  C  CB   . VAL A 1 21  ? 10.988  2.408   6.871   1.00 15.42 ? 119  VAL A CB   1 
ATOM   178  C  CG1  . VAL A 1 21  ? 12.015  2.063   7.924   1.00 16.14 ? 119  VAL A CG1  1 
ATOM   179  C  CG2  . VAL A 1 21  ? 9.822   3.193   7.478   1.00 15.97 ? 119  VAL A CG2  1 
ATOM   180  N  N    . SER A 1 22  ? 12.543  1.560   4.232   1.00 15.74 ? 120  SER A N    1 
ATOM   181  C  CA   . SER A 1 22  ? 13.595  0.746   3.654   1.00 15.84 ? 120  SER A CA   1 
ATOM   182  C  C    . SER A 1 22  ? 13.314  0.519   2.184   1.00 15.64 ? 120  SER A C    1 
ATOM   183  O  O    . SER A 1 22  ? 12.162  0.494   1.754   1.00 15.28 ? 120  SER A O    1 
ATOM   184  C  CB   . SER A 1 22  ? 13.716  -0.577  4.397   1.00 15.77 ? 120  SER A CB   1 
ATOM   185  O  OG   . SER A 1 22  ? 12.473  -1.246  4.418   1.00 16.96 ? 120  SER A OG   1 
ATOM   186  N  N    . TYR A 1 23  ? 14.380  0.341   1.421   1.00 15.60 ? 121  TYR A N    1 
ATOM   187  C  CA   . TYR A 1 23  ? 14.271  0.212   -0.018  1.00 15.99 ? 121  TYR A CA   1 
ATOM   188  C  C    . TYR A 1 23  ? 14.687  -1.145  -0.556  1.00 16.43 ? 121  TYR A C    1 
ATOM   189  O  O    . TYR A 1 23  ? 15.039  -2.047  0.198   1.00 16.52 ? 121  TYR A O    1 
ATOM   190  C  CB   . TYR A 1 23  ? 15.116  1.310   -0.669  1.00 16.05 ? 121  TYR A CB   1 
ATOM   191  C  CG   . TYR A 1 23  ? 14.605  2.699   -0.369  1.00 15.56 ? 121  TYR A CG   1 
ATOM   192  C  CD1  . TYR A 1 23  ? 14.991  3.376   0.782   1.00 16.17 ? 121  TYR A CD1  1 
ATOM   193  C  CD2  . TYR A 1 23  ? 13.722  3.329   -1.230  1.00 16.13 ? 121  TYR A CD2  1 
ATOM   194  C  CE1  . TYR A 1 23  ? 14.518  4.650   1.057   1.00 17.03 ? 121  TYR A CE1  1 
ATOM   195  C  CE2  . TYR A 1 23  ? 13.244  4.593   -0.965  1.00 16.61 ? 121  TYR A CE2  1 
ATOM   196  C  CZ   . TYR A 1 23  ? 13.644  5.251   0.179   1.00 17.45 ? 121  TYR A CZ   1 
ATOM   197  O  OH   . TYR A 1 23  ? 13.156  6.514   0.432   1.00 17.71 ? 121  TYR A OH   1 
ATOM   198  N  N    . THR A 1 24  ? 14.635  -1.269  -1.876  1.00 17.02 ? 122  THR A N    1 
ATOM   199  C  CA   . THR A 1 24  ? 15.019  -2.494  -2.557  1.00 18.00 ? 122  THR A CA   1 
ATOM   200  C  C    . THR A 1 24  ? 16.222  -2.246  -3.457  1.00 18.02 ? 122  THR A C    1 
ATOM   201  O  O    . THR A 1 24  ? 16.335  -1.190  -4.075  1.00 18.40 ? 122  THR A O    1 
ATOM   202  C  CB   . THR A 1 24  ? 13.867  -3.050  -3.416  1.00 17.73 ? 122  THR A CB   1 
ATOM   203  O  OG1  . THR A 1 24  ? 14.359  -4.122  -4.225  1.00 19.30 ? 122  THR A OG1  1 
ATOM   204  C  CG2  . THR A 1 24  ? 13.298  -1.973  -4.335  1.00 18.87 ? 122  THR A CG2  1 
ATOM   205  N  N    . ARG A 1 25  ? 17.124  -3.220  -3.530  1.00 18.39 ? 123  ARG A N    1 
ATOM   206  C  CA   . ARG A 1 25  ? 18.286  -3.090  -4.394  1.00 18.53 ? 123  ARG A CA   1 
ATOM   207  C  C    . ARG A 1 25  ? 17.865  -3.192  -5.856  1.00 18.51 ? 123  ARG A C    1 
ATOM   208  O  O    . ARG A 1 25  ? 18.642  -2.885  -6.755  1.00 18.85 ? 123  ARG A O    1 
ATOM   209  C  CB   . ARG A 1 25  ? 19.327  -4.158  -4.067  1.00 18.92 ? 123  ARG A CB   1 
ATOM   210  C  CG   . ARG A 1 25  ? 19.886  -4.070  -2.654  1.00 19.78 ? 123  ARG A CG   1 
ATOM   211  N  N    . ASP A 1 26  ? 16.629  -3.629  -6.091  1.00 18.31 ? 124  ASP A N    1 
ATOM   212  C  CA   . ASP A 1 26  ? 16.118  -3.779  -7.453  1.00 18.09 ? 124  ASP A CA   1 
ATOM   213  C  C    . ASP A 1 26  ? 15.907  -2.437  -8.155  1.00 17.88 ? 124  ASP A C    1 
ATOM   214  O  O    . ASP A 1 26  ? 15.907  -2.377  -9.385  1.00 17.89 ? 124  ASP A O    1 
ATOM   215  C  CB   . ASP A 1 26  ? 14.787  -4.548  -7.460  1.00 18.20 ? 124  ASP A CB   1 
ATOM   216  C  CG   . ASP A 1 26  ? 14.933  -6.007  -7.043  1.00 18.86 ? 124  ASP A CG   1 
ATOM   217  O  OD1  . ASP A 1 26  ? 16.027  -6.581  -7.221  1.00 18.97 ? 124  ASP A OD1  1 
ATOM   218  O  OD2  . ASP A 1 26  ? 13.933  -6.590  -6.555  1.00 18.30 ? 124  ASP A OD2  1 
ATOM   219  N  N    . LEU A 1 27  ? 15.718  -1.369  -7.379  1.00 17.41 ? 125  LEU A N    1 
ATOM   220  C  CA   . LEU A 1 27  ? 15.429  -0.052  -7.953  1.00 17.30 ? 125  LEU A CA   1 
ATOM   221  C  C    . LEU A 1 27  ? 16.089  1.102   -7.217  1.00 16.77 ? 125  LEU A C    1 
ATOM   222  O  O    . LEU A 1 27  ? 16.442  0.983   -6.048  1.00 16.49 ? 125  LEU A O    1 
ATOM   223  C  CB   . LEU A 1 27  ? 13.921  0.201   -7.930  1.00 17.63 ? 125  LEU A CB   1 
ATOM   224  C  CG   . LEU A 1 27  ? 12.988  -0.745  -8.682  1.00 18.31 ? 125  LEU A CG   1 
ATOM   225  C  CD1  . LEU A 1 27  ? 11.547  -0.376  -8.390  1.00 19.60 ? 125  LEU A CD1  1 
ATOM   226  C  CD2  . LEU A 1 27  ? 13.269  -0.708  -10.180 1.00 19.53 ? 125  LEU A CD2  1 
ATOM   227  N  N    . PRO A 1 28  ? 16.243  2.243   -7.907  1.00 16.29 ? 126  PRO A N    1 
ATOM   228  C  CA   . PRO A 1 28  ? 16.790  3.402   -7.227  1.00 15.94 ? 126  PRO A CA   1 
ATOM   229  C  C    . PRO A 1 28  ? 15.821  3.806   -6.119  1.00 15.49 ? 126  PRO A C    1 
ATOM   230  O  O    . PRO A 1 28  ? 14.614  3.568   -6.239  1.00 15.27 ? 126  PRO A O    1 
ATOM   231  C  CB   . PRO A 1 28  ? 16.803  4.482   -8.315  1.00 15.94 ? 126  PRO A CB   1 
ATOM   232  C  CG   . PRO A 1 28  ? 16.789  3.730   -9.617  1.00 15.79 ? 126  PRO A CG   1 
ATOM   233  C  CD   . PRO A 1 28  ? 15.993  2.485   -9.339  1.00 16.31 ? 126  PRO A CD   1 
ATOM   234  N  N    . HIS A 1 29  ? 16.345  4.390   -5.047  1.00 15.31 ? 127  HIS A N    1 
ATOM   235  C  CA   . HIS A 1 29  ? 15.516  4.851   -3.944  1.00 15.04 ? 127  HIS A CA   1 
ATOM   236  C  C    . HIS A 1 29  ? 14.502  5.860   -4.450  1.00 14.84 ? 127  HIS A C    1 
ATOM   237  O  O    . HIS A 1 29  ? 13.326  5.809   -4.090  1.00 14.61 ? 127  HIS A O    1 
ATOM   238  C  CB   . HIS A 1 29  ? 16.388  5.491   -2.860  1.00 15.17 ? 127  HIS A CB   1 
ATOM   239  C  CG   . HIS A 1 29  ? 17.178  4.507   -2.057  1.00 16.11 ? 127  HIS A CG   1 
ATOM   240  N  ND1  . HIS A 1 29  ? 17.600  3.298   -2.565  1.00 17.28 ? 127  HIS A ND1  1 
ATOM   241  C  CD2  . HIS A 1 29  ? 17.679  4.582   -0.801  1.00 16.74 ? 127  HIS A CD2  1 
ATOM   242  C  CE1  . HIS A 1 29  ? 18.295  2.654   -1.645  1.00 16.68 ? 127  HIS A CE1  1 
ATOM   243  N  NE2  . HIS A 1 29  ? 18.364  3.414   -0.568  1.00 17.94 ? 127  HIS A NE2  1 
ATOM   244  N  N    . ILE A 1 30  ? 14.957  6.767   -5.306  1.00 14.15 ? 128  ILE A N    1 
ATOM   245  C  CA   . ILE A 1 30  ? 14.087  7.814   -5.823  1.00 14.42 ? 128  ILE A CA   1 
ATOM   246  C  C    . ILE A 1 30  ? 12.916  7.262   -6.643  1.00 14.15 ? 128  ILE A C    1 
ATOM   247  O  O    . ILE A 1 30  ? 11.846  7.856   -6.679  1.00 13.89 ? 128  ILE A O    1 
ATOM   248  C  CB   . ILE A 1 30  ? 14.894  8.859   -6.626  1.00 14.55 ? 128  ILE A CB   1 
ATOM   249  C  CG1  . ILE A 1 30  ? 14.043  10.103  -6.904  1.00 15.73 ? 128  ILE A CG1  1 
ATOM   250  C  CG2  . ILE A 1 30  ? 15.445  8.243   -7.903  1.00 15.05 ? 128  ILE A CG2  1 
ATOM   251  C  CD1  . ILE A 1 30  ? 14.841  11.250  -7.512  1.00 17.67 ? 128  ILE A CD1  1 
ATOM   252  N  N    . THR A 1 31  ? 13.130  6.130   -7.308  1.00 13.97 ? 129  THR A N    1 
ATOM   253  C  CA   . THR A 1 31  ? 12.075  5.511   -8.097  1.00 13.97 ? 129  THR A CA   1 
ATOM   254  C  C    . THR A 1 31  ? 10.988  5.011   -7.163  1.00 13.41 ? 129  THR A C    1 
ATOM   255  O  O    . THR A 1 31  ? 9.799   5.227   -7.400  1.00 13.53 ? 129  THR A O    1 
ATOM   256  C  CB   . THR A 1 31  ? 12.602  4.342   -8.936  1.00 14.02 ? 129  THR A CB   1 
ATOM   257  O  OG1  . THR A 1 31  ? 13.628  4.825   -9.814  1.00 15.00 ? 129  THR A OG1  1 
ATOM   258  C  CG2  . THR A 1 31  ? 11.468  3.730   -9.757  1.00 14.15 ? 129  THR A CG2  1 
ATOM   259  N  N    . VAL A 1 32  ? 11.402  4.341   -6.095  1.00 13.35 ? 130  VAL A N    1 
ATOM   260  C  CA   . VAL A 1 32  ? 10.448  3.858   -5.106  1.00 13.21 ? 130  VAL A CA   1 
ATOM   261  C  C    . VAL A 1 32  ? 9.703   5.044   -4.500  1.00 13.28 ? 130  VAL A C    1 
ATOM   262  O  O    . VAL A 1 32  ? 8.487   5.000   -4.348  1.00 13.12 ? 130  VAL A O    1 
ATOM   263  C  CB   . VAL A 1 32  ? 11.134  3.013   -4.013  1.00 13.04 ? 130  VAL A CB   1 
ATOM   264  C  CG1  . VAL A 1 32  ? 10.206  2.813   -2.827  1.00 13.24 ? 130  VAL A CG1  1 
ATOM   265  C  CG2  . VAL A 1 32  ? 11.574  1.671   -4.593  1.00 12.43 ? 130  VAL A CG2  1 
ATOM   266  N  N    . ASP A 1 33  ? 10.436  6.104   -4.159  1.00 13.41 ? 131  ASP A N    1 
ATOM   267  C  CA   . ASP A 1 33  ? 9.828   7.321   -3.616  1.00 13.68 ? 131  ASP A CA   1 
ATOM   268  C  C    . ASP A 1 33  ? 8.743   7.879   -4.536  1.00 13.41 ? 131  ASP A C    1 
ATOM   269  O  O    . ASP A 1 33  ? 7.644   8.188   -4.086  1.00 13.08 ? 131  ASP A O    1 
ATOM   270  C  CB   . ASP A 1 33  ? 10.887  8.410   -3.394  1.00 14.10 ? 131  ASP A CB   1 
ATOM   271  C  CG   . ASP A 1 33  ? 11.819  8.100   -2.243  1.00 16.23 ? 131  ASP A CG   1 
ATOM   272  O  OD1  . ASP A 1 33  ? 11.441  7.305   -1.355  1.00 18.75 ? 131  ASP A OD1  1 
ATOM   273  O  OD2  . ASP A 1 33  ? 12.934  8.674   -2.210  1.00 20.15 ? 131  ASP A OD2  1 
ATOM   274  N  N    . ARG A 1 34  ? 9.062   8.026   -5.822  1.00 12.99 ? 132  ARG A N    1 
ATOM   275  C  CA   . ARG A 1 34  ? 8.109   8.579   -6.786  1.00 13.35 ? 132  ARG A CA   1 
ATOM   276  C  C    . ARG A 1 34  ? 6.897   7.684   -7.004  1.00 12.86 ? 132  ARG A C    1 
ATOM   277  O  O    . ARG A 1 34  ? 5.778   8.175   -7.134  1.00 12.61 ? 132  ARG A O    1 
ATOM   278  C  CB   . ARG A 1 34  ? 8.782   8.851   -8.132  1.00 13.84 ? 132  ARG A CB   1 
ATOM   279  C  CG   . ARG A 1 34  ? 9.879   9.893   -8.070  1.00 15.66 ? 132  ARG A CG   1 
ATOM   280  C  CD   . ARG A 1 34  ? 9.336   11.284  -7.795  1.00 19.62 ? 132  ARG A CD   1 
ATOM   281  N  NE   . ARG A 1 34  ? 10.426  12.255  -7.727  1.00 22.83 ? 132  ARG A NE   1 
ATOM   282  C  CZ   . ARG A 1 34  ? 11.000  12.800  -8.795  1.00 24.61 ? 132  ARG A CZ   1 
ATOM   283  N  NH1  . ARG A 1 34  ? 10.587  12.475  -10.012 1.00 25.96 ? 132  ARG A NH1  1 
ATOM   284  N  NH2  . ARG A 1 34  ? 11.989  13.672  -8.648  1.00 25.94 ? 132  ARG A NH2  1 
ATOM   285  N  N    . LEU A 1 35  ? 7.123   6.376   -7.059  1.00 12.67 ? 133  LEU A N    1 
ATOM   286  C  CA   . LEU A 1 35  ? 6.025   5.438   -7.274  1.00 12.61 ? 133  LEU A CA   1 
ATOM   287  C  C    . LEU A 1 35  ? 5.096   5.378   -6.067  1.00 12.59 ? 133  LEU A C    1 
ATOM   288  O  O    . LEU A 1 35  ? 3.882   5.251   -6.221  1.00 12.44 ? 133  LEU A O    1 
ATOM   289  C  CB   . LEU A 1 35  ? 6.545   4.056   -7.676  1.00 12.65 ? 133  LEU A CB   1 
ATOM   290  C  CG   . LEU A 1 35  ? 7.297   4.041   -9.014  1.00 12.92 ? 133  LEU A CG   1 
ATOM   291  C  CD1  . LEU A 1 35  ? 7.818   2.649   -9.322  1.00 13.10 ? 133  LEU A CD1  1 
ATOM   292  C  CD2  . LEU A 1 35  ? 6.413   4.546   -10.153 1.00 13.71 ? 133  LEU A CD2  1 
ATOM   293  N  N    . VAL A 1 36  ? 5.661   5.478   -4.866  1.00 12.43 ? 134  VAL A N    1 
ATOM   294  C  CA   . VAL A 1 36  ? 4.835   5.504   -3.667  1.00 12.96 ? 134  VAL A CA   1 
ATOM   295  C  C    . VAL A 1 36  ? 3.955   6.750   -3.665  1.00 13.19 ? 134  VAL A C    1 
ATOM   296  O  O    . VAL A 1 36  ? 2.773   6.675   -3.361  1.00 13.19 ? 134  VAL A O    1 
ATOM   297  C  CB   . VAL A 1 36  ? 5.664   5.431   -2.386  1.00 12.86 ? 134  VAL A CB   1 
ATOM   298  C  CG1  . VAL A 1 36  ? 4.827   5.844   -1.169  1.00 12.65 ? 134  VAL A CG1  1 
ATOM   299  C  CG2  . VAL A 1 36  ? 6.233   4.034   -2.217  1.00 13.68 ? 134  VAL A CG2  1 
ATOM   300  N  N    A SER A 1 37  ? 4.537   7.894   -4.005  0.50 13.40 ? 135  SER A N    1 
ATOM   301  N  N    B SER A 1 37  ? 4.542   7.891   -4.010  0.50 13.40 ? 135  SER A N    1 
ATOM   302  C  CA   A SER A 1 37  ? 3.774   9.134   -4.060  0.50 13.89 ? 135  SER A CA   1 
ATOM   303  C  CA   B SER A 1 37  ? 3.791   9.141   -4.069  0.50 13.89 ? 135  SER A CA   1 
ATOM   304  C  C    A SER A 1 37  ? 2.655   9.020   -5.092  0.50 14.08 ? 135  SER A C    1 
ATOM   305  C  C    B SER A 1 37  ? 2.663   9.025   -5.092  0.50 14.08 ? 135  SER A C    1 
ATOM   306  O  O    A SER A 1 37  ? 1.524   9.441   -4.849  0.50 14.34 ? 135  SER A O    1 
ATOM   307  O  O    B SER A 1 37  ? 1.534   9.446   -4.840  0.50 14.35 ? 135  SER A O    1 
ATOM   308  C  CB   A SER A 1 37  ? 4.687   10.317  -4.392  0.50 13.94 ? 135  SER A CB   1 
ATOM   309  C  CB   B SER A 1 37  ? 4.717   10.308  -4.430  0.50 13.93 ? 135  SER A CB   1 
ATOM   310  O  OG   A SER A 1 37  ? 5.653   10.508  -3.376  0.50 14.77 ? 135  SER A OG   1 
ATOM   311  O  OG   B SER A 1 37  ? 4.006   11.535  -4.466  0.50 14.76 ? 135  SER A OG   1 
ATOM   312  N  N    . LYS A 1 38  ? 2.970   8.441   -6.244  1.00 14.22 ? 136  LYS A N    1 
ATOM   313  C  CA   . LYS A 1 38  ? 1.980   8.277   -7.301  1.00 14.62 ? 136  LYS A CA   1 
ATOM   314  C  C    . LYS A 1 38  ? 0.835   7.364   -6.844  1.00 14.73 ? 136  LYS A C    1 
ATOM   315  O  O    . LYS A 1 38  ? -0.337  7.639   -7.110  1.00 14.56 ? 136  LYS A O    1 
ATOM   316  C  CB   . LYS A 1 38  ? 2.643   7.731   -8.567  1.00 15.02 ? 136  LYS A CB   1 
ATOM   317  C  CG   . LYS A 1 38  ? 1.719   7.622   -9.757  1.00 16.67 ? 136  LYS A CG   1 
ATOM   318  C  CD   . LYS A 1 38  ? 2.482   7.172   -10.996 1.00 18.82 ? 136  LYS A CD   1 
ATOM   319  C  CE   . LYS A 1 38  ? 1.556   7.018   -12.199 1.00 21.14 ? 136  LYS A CE   1 
ATOM   320  N  N    . ALA A 1 39  ? 1.182   6.288   -6.145  1.00 14.97 ? 137  ALA A N    1 
ATOM   321  C  CA   . ALA A 1 39  ? 0.183   5.353   -5.637  1.00 15.32 ? 137  ALA A CA   1 
ATOM   322  C  C    . ALA A 1 39  ? -0.741  6.033   -4.626  1.00 15.92 ? 137  ALA A C    1 
ATOM   323  O  O    . ALA A 1 39  ? -1.963  5.945   -4.735  1.00 15.47 ? 137  ALA A O    1 
ATOM   324  C  CB   . ALA A 1 39  ? 0.861   4.143   -5.010  1.00 15.29 ? 137  ALA A CB   1 
ATOM   325  N  N    . LEU A 1 40  ? -0.154  6.696   -3.633  1.00 16.30 ? 138  LEU A N    1 
ATOM   326  C  CA   . LEU A 1 40  ? -0.942  7.398   -2.627  1.00 17.10 ? 138  LEU A CA   1 
ATOM   327  C  C    . LEU A 1 40  ? -1.845  8.427   -3.271  1.00 17.63 ? 138  LEU A C    1 
ATOM   328  O  O    . LEU A 1 40  ? -3.029  8.519   -2.950  1.00 18.00 ? 138  LEU A O    1 
ATOM   329  C  CB   . LEU A 1 40  ? -0.040  8.103   -1.615  1.00 17.17 ? 138  LEU A CB   1 
ATOM   330  C  CG   . LEU A 1 40  ? 0.674   7.219   -0.601  1.00 17.86 ? 138  LEU A CG   1 
ATOM   331  C  CD1  . LEU A 1 40  ? 1.641   8.060   0.228   1.00 18.40 ? 138  LEU A CD1  1 
ATOM   332  C  CD2  . LEU A 1 40  ? -0.351  6.516   0.285   1.00 19.21 ? 138  LEU A CD2  1 
ATOM   333  N  N    . ASN A 1 41  ? -1.279  9.212   -4.176  1.00 17.99 ? 139  ASN A N    1 
ATOM   334  C  CA   . ASN A 1 41  ? -2.049  10.249  -4.838  1.00 18.66 ? 139  ASN A CA   1 
ATOM   335  C  C    . ASN A 1 41  ? -3.214  9.719   -5.657  1.00 18.43 ? 139  ASN A C    1 
ATOM   336  O  O    . ASN A 1 41  ? -4.206  10.419  -5.830  1.00 18.13 ? 139  ASN A O    1 
ATOM   337  C  CB   . ASN A 1 41  ? -1.144  11.159  -5.669  1.00 18.92 ? 139  ASN A CB   1 
ATOM   338  C  CG   . ASN A 1 41  ? -0.257  12.027  -4.806  1.00 21.20 ? 139  ASN A CG   1 
ATOM   339  O  OD1  . ASN A 1 41  ? -0.549  12.250  -3.629  1.00 24.44 ? 139  ASN A OD1  1 
ATOM   340  N  ND2  . ASN A 1 41  ? 0.826   12.536  -5.386  1.00 23.70 ? 139  ASN A ND2  1 
ATOM   341  N  N    . MET A 1 42  ? -3.104  8.489   -6.158  1.00 18.02 ? 140  MET A N    1 
ATOM   342  C  CA   . MET A 1 42  ? -4.215  7.905   -6.915  1.00 17.98 ? 140  MET A CA   1 
ATOM   343  C  C    . MET A 1 42  ? -5.436  7.784   -6.011  1.00 16.97 ? 140  MET A C    1 
ATOM   344  O  O    . MET A 1 42  ? -6.557  8.094   -6.412  1.00 16.52 ? 140  MET A O    1 
ATOM   345  C  CB   . MET A 1 42  ? -3.847  6.548   -7.515  1.00 18.32 ? 140  MET A CB   1 
ATOM   346  C  CG   . MET A 1 42  ? -2.781  6.623   -8.597  1.00 20.71 ? 140  MET A CG   1 
ATOM   347  S  SD   . MET A 1 42  ? -2.505  5.026   -9.383  1.00 26.94 ? 140  MET A SD   1 
ATOM   348  C  CE   . MET A 1 42  ? -4.157  4.652   -9.943  1.00 24.04 ? 140  MET A CE   1 
ATOM   349  N  N    . TRP A 1 43  ? -5.212  7.346   -4.778  1.00 16.15 ? 141  TRP A N    1 
ATOM   350  C  CA   . TRP A 1 43  ? -6.292  7.227   -3.813  1.00 15.72 ? 141  TRP A CA   1 
ATOM   351  C  C    . TRP A 1 43  ? -6.653  8.603   -3.275  1.00 16.30 ? 141  TRP A C    1 
ATOM   352  O  O    . TRP A 1 43  ? -7.829  8.942   -3.131  1.00 16.26 ? 141  TRP A O    1 
ATOM   353  C  CB   . TRP A 1 43  ? -5.876  6.334   -2.647  1.00 15.08 ? 141  TRP A CB   1 
ATOM   354  C  CG   . TRP A 1 43  ? -5.686  4.897   -3.009  1.00 13.19 ? 141  TRP A CG   1 
ATOM   355  C  CD1  . TRP A 1 43  ? -4.502  4.225   -3.125  1.00 12.86 ? 141  TRP A CD1  1 
ATOM   356  C  CD2  . TRP A 1 43  ? -6.720  3.939   -3.274  1.00 12.28 ? 141  TRP A CD2  1 
ATOM   357  N  NE1  . TRP A 1 43  ? -4.737  2.909   -3.448  1.00 12.12 ? 141  TRP A NE1  1 
ATOM   358  C  CE2  . TRP A 1 43  ? -6.088  2.709   -3.554  1.00 11.22 ? 141  TRP A CE2  1 
ATOM   359  C  CE3  . TRP A 1 43  ? -8.117  4.007   -3.313  1.00 11.56 ? 141  TRP A CE3  1 
ATOM   360  C  CZ2  . TRP A 1 43  ? -6.806  1.550   -3.858  1.00 10.74 ? 141  TRP A CZ2  1 
ATOM   361  C  CZ3  . TRP A 1 43  ? -8.830  2.854   -3.619  1.00 12.34 ? 141  TRP A CZ3  1 
ATOM   362  C  CH2  . TRP A 1 43  ? -8.172  1.644   -3.889  1.00 11.89 ? 141  TRP A CH2  1 
ATOM   363  N  N    . GLY A 1 44  ? -5.618  9.391   -2.995  1.00 17.05 ? 142  GLY A N    1 
ATOM   364  C  CA   . GLY A 1 44  ? -5.775  10.724  -2.427  1.00 18.21 ? 142  GLY A CA   1 
ATOM   365  C  C    . GLY A 1 44  ? -6.682  11.658  -3.198  1.00 18.97 ? 142  GLY A C    1 
ATOM   366  O  O    . GLY A 1 44  ? -7.446  12.414  -2.601  1.00 19.20 ? 142  GLY A O    1 
ATOM   367  N  N    . LYS A 1 45  ? -6.603  11.612  -4.522  1.00 19.56 ? 143  LYS A N    1 
ATOM   368  C  CA   . LYS A 1 45  ? -7.400  12.510  -5.353  1.00 20.95 ? 143  LYS A CA   1 
ATOM   369  C  C    . LYS A 1 45  ? -8.899  12.261  -5.251  1.00 21.31 ? 143  LYS A C    1 
ATOM   370  O  O    . LYS A 1 45  ? -9.699  13.083  -5.698  1.00 21.77 ? 143  LYS A O    1 
ATOM   371  C  CB   . LYS A 1 45  ? -6.968  12.424  -6.818  1.00 21.30 ? 143  LYS A CB   1 
ATOM   372  C  CG   . LYS A 1 45  ? -7.152  11.056  -7.446  1.00 23.22 ? 143  LYS A CG   1 
ATOM   373  C  CD   . LYS A 1 45  ? -6.889  11.090  -8.949  1.00 25.96 ? 143  LYS A CD   1 
ATOM   374  C  CE   . LYS A 1 45  ? -7.932  11.931  -9.668  1.00 27.40 ? 143  LYS A CE   1 
ATOM   375  N  NZ   . LYS A 1 45  ? -7.707  11.980  -11.138 1.00 29.08 ? 143  LYS A NZ   1 
ATOM   376  N  N    . GLU A 1 46  ? -9.280  11.130  -4.666  1.00 21.40 ? 144  GLU A N    1 
ATOM   377  C  CA   . GLU A 1 46  ? -10.690 10.765  -4.573  1.00 21.77 ? 144  GLU A CA   1 
ATOM   378  C  C    . GLU A 1 46  ? -11.301 11.074  -3.209  1.00 21.80 ? 144  GLU A C    1 
ATOM   379  O  O    . GLU A 1 46  ? -12.513 10.938  -3.024  1.00 21.89 ? 144  GLU A O    1 
ATOM   380  C  CB   . GLU A 1 46  ? -10.845 9.264   -4.848  1.00 21.75 ? 144  GLU A CB   1 
ATOM   381  C  CG   . GLU A 1 46  ? -10.145 8.770   -6.107  1.00 22.67 ? 144  GLU A CG   1 
ATOM   382  C  CD   . GLU A 1 46  ? -10.768 9.292   -7.387  1.00 23.65 ? 144  GLU A CD   1 
ATOM   383  O  OE1  . GLU A 1 46  ? -11.874 9.869   -7.320  1.00 24.78 ? 144  GLU A OE1  1 
ATOM   384  O  OE2  . GLU A 1 46  ? -10.156 9.114   -8.464  1.00 24.17 ? 144  GLU A OE2  1 
ATOM   385  N  N    . ILE A 1 47  ? -10.476 11.496  -2.257  1.00 21.68 ? 145  ILE A N    1 
ATOM   386  C  CA   . ILE A 1 47  ? -10.971 11.704  -0.899  1.00 21.68 ? 145  ILE A CA   1 
ATOM   387  C  C    . ILE A 1 47  ? -10.410 12.924  -0.171  1.00 21.89 ? 145  ILE A C    1 
ATOM   388  O  O    . ILE A 1 47  ? -9.383  13.471  -0.562  1.00 21.64 ? 145  ILE A O    1 
ATOM   389  C  CB   . ILE A 1 47  ? -10.677 10.461  -0.041  1.00 21.52 ? 145  ILE A CB   1 
ATOM   390  C  CG1  . ILE A 1 47  ? -9.170  10.187  -0.014  1.00 21.58 ? 145  ILE A CG1  1 
ATOM   391  C  CG2  . ILE A 1 47  ? -11.434 9.245   -0.580  1.00 21.43 ? 145  ILE A CG2  1 
ATOM   392  C  CD1  . ILE A 1 47  ? -8.774  9.001   0.840   1.00 21.23 ? 145  ILE A CD1  1 
ATOM   393  N  N    . PRO A 1 48  ? -11.105 13.354  0.898   1.00 22.20 ? 146  PRO A N    1 
ATOM   394  C  CA   . PRO A 1 48  ? -10.680 14.476  1.728   1.00 22.41 ? 146  PRO A CA   1 
ATOM   395  C  C    . PRO A 1 48  ? -9.644  14.027  2.755   1.00 22.54 ? 146  PRO A C    1 
ATOM   396  O  O    . PRO A 1 48  ? -9.869  14.127  3.963   1.00 23.01 ? 146  PRO A O    1 
ATOM   397  C  CB   . PRO A 1 48  ? -11.973 14.896  2.431   1.00 22.48 ? 146  PRO A CB   1 
ATOM   398  C  CG   . PRO A 1 48  ? -12.761 13.658  2.525   1.00 22.49 ? 146  PRO A CG   1 
ATOM   399  C  CD   . PRO A 1 48  ? -12.424 12.837  1.303   1.00 22.24 ? 146  PRO A CD   1 
ATOM   400  N  N    . LEU A 1 49  ? -8.522  13.519  2.266   1.00 22.38 ? 147  LEU A N    1 
ATOM   401  C  CA   . LEU A 1 49  ? -7.443  13.078  3.134   1.00 22.38 ? 147  LEU A CA   1 
ATOM   402  C  C    . LEU A 1 49  ? -6.149  13.579  2.508   1.00 22.17 ? 147  LEU A C    1 
ATOM   403  O  O    . LEU A 1 49  ? -5.973  13.498  1.297   1.00 22.16 ? 147  LEU A O    1 
ATOM   404  C  CB   . LEU A 1 49  ? -7.435  11.551  3.241   1.00 22.23 ? 147  LEU A CB   1 
ATOM   405  C  CG   . LEU A 1 49  ? -6.527  10.899  4.282   1.00 22.50 ? 147  LEU A CG   1 
ATOM   406  C  CD1  . LEU A 1 49  ? -6.964  11.302  5.683   1.00 22.44 ? 147  LEU A CD1  1 
ATOM   407  C  CD2  . LEU A 1 49  ? -6.542  9.377   4.137   1.00 20.68 ? 147  LEU A CD2  1 
ATOM   408  N  N    . HIS A 1 50  ? -5.251  14.115  3.327   1.00 22.23 ? 148  HIS A N    1 
ATOM   409  C  CA   . HIS A 1 50  ? -3.990  14.626  2.816   1.00 22.19 ? 148  HIS A CA   1 
ATOM   410  C  C    . HIS A 1 50  ? -2.817  13.833  3.376   1.00 21.61 ? 148  HIS A C    1 
ATOM   411  O  O    . HIS A 1 50  ? -2.804  13.489  4.557   1.00 21.66 ? 148  HIS A O    1 
ATOM   412  C  CB   . HIS A 1 50  ? -3.844  16.109  3.152   1.00 22.71 ? 148  HIS A CB   1 
ATOM   413  C  CG   . HIS A 1 50  ? -4.964  16.952  2.623   1.00 24.41 ? 148  HIS A CG   1 
ATOM   414  N  ND1  . HIS A 1 50  ? -4.963  17.477  1.350   1.00 26.03 ? 148  HIS A ND1  1 
ATOM   415  C  CD2  . HIS A 1 50  ? -6.129  17.345  3.192   1.00 26.23 ? 148  HIS A CD2  1 
ATOM   416  C  CE1  . HIS A 1 50  ? -6.075  18.164  1.157   1.00 26.71 ? 148  HIS A CE1  1 
ATOM   417  N  NE2  . HIS A 1 50  ? -6.800  18.101  2.260   1.00 27.22 ? 148  HIS A NE2  1 
ATOM   418  N  N    . PHE A 1 51  ? -1.840  13.547  2.518   1.00 21.04 ? 149  PHE A N    1 
ATOM   419  C  CA   . PHE A 1 51  ? -0.661  12.784  2.923   1.00 20.31 ? 149  PHE A CA   1 
ATOM   420  C  C    . PHE A 1 51  ? 0.580   13.655  3.030   1.00 20.38 ? 149  PHE A C    1 
ATOM   421  O  O    . PHE A 1 51  ? 0.852   14.475  2.154   1.00 20.46 ? 149  PHE A O    1 
ATOM   422  C  CB   . PHE A 1 51  ? -0.393  11.636  1.951   1.00 20.15 ? 149  PHE A CB   1 
ATOM   423  C  CG   . PHE A 1 51  ? -1.563  10.733  1.762   1.00 19.54 ? 149  PHE A CG   1 
ATOM   424  C  CD1  . PHE A 1 51  ? -1.945  9.859   2.766   1.00 18.92 ? 149  PHE A CD1  1 
ATOM   425  C  CD2  . PHE A 1 51  ? -2.289  10.761  0.585   1.00 18.62 ? 149  PHE A CD2  1 
ATOM   426  C  CE1  . PHE A 1 51  ? -3.037  9.037   2.597   1.00 19.56 ? 149  PHE A CE1  1 
ATOM   427  C  CE2  . PHE A 1 51  ? -3.374  9.936   0.411   1.00 18.47 ? 149  PHE A CE2  1 
ATOM   428  C  CZ   . PHE A 1 51  ? -3.750  9.078   1.414   1.00 18.30 ? 149  PHE A CZ   1 
ATOM   429  N  N    . ARG A 1 52  ? 1.331   13.470  4.109   1.00 20.01 ? 150  ARG A N    1 
ATOM   430  C  CA   . ARG A 1 52  ? 2.550   14.233  4.314   1.00 20.15 ? 150  ARG A CA   1 
ATOM   431  C  C    . ARG A 1 52  ? 3.716   13.277  4.493   1.00 19.63 ? 150  ARG A C    1 
ATOM   432  O  O    . ARG A 1 52  ? 3.690   12.411  5.366   1.00 19.04 ? 150  ARG A O    1 
ATOM   433  C  CB   . ARG A 1 52  ? 2.423   15.153  5.527   1.00 20.45 ? 150  ARG A CB   1 
ATOM   434  C  CG   . ARG A 1 52  ? 3.595   16.116  5.674   1.00 23.03 ? 150  ARG A CG   1 
ATOM   435  C  CD   . ARG A 1 52  ? 3.373   17.109  6.807   1.00 26.78 ? 150  ARG A CD   1 
ATOM   436  N  NE   . ARG A 1 52  ? 3.413   16.473  8.120   1.00 29.91 ? 150  ARG A NE   1 
ATOM   437  C  CZ   . ARG A 1 52  ? 4.533   16.248  8.801   1.00 30.85 ? 150  ARG A CZ   1 
ATOM   438  N  NH1  . ARG A 1 52  ? 5.704   16.601  8.287   1.00 32.27 ? 150  ARG A NH1  1 
ATOM   439  N  NH2  . ARG A 1 52  ? 4.486   15.670  9.993   1.00 32.28 ? 150  ARG A NH2  1 
ATOM   440  N  N    . LYS A 1 53  ? 4.736   13.444  3.662   1.00 19.44 ? 151  LYS A N    1 
ATOM   441  C  CA   . LYS A 1 53  ? 5.910   12.583  3.698   1.00 19.69 ? 151  LYS A CA   1 
ATOM   442  C  C    . LYS A 1 53  ? 6.910   12.972  4.781   1.00 19.67 ? 151  LYS A C    1 
ATOM   443  O  O    . LYS A 1 53  ? 7.247   14.150  4.935   1.00 19.97 ? 151  LYS A O    1 
ATOM   444  C  CB   . LYS A 1 53  ? 6.601   12.620  2.337   1.00 19.74 ? 151  LYS A CB   1 
ATOM   445  C  CG   . LYS A 1 53  ? 7.844   11.751  2.207   1.00 20.97 ? 151  LYS A CG   1 
ATOM   446  C  CD   . LYS A 1 53  ? 8.513   12.024  0.864   1.00 22.96 ? 151  LYS A CD   1 
ATOM   447  C  CE   . LYS A 1 53  ? 9.711   11.123  0.613   1.00 24.65 ? 151  LYS A CE   1 
ATOM   448  N  NZ   . LYS A 1 53  ? 9.325   9.697   0.425   1.00 26.28 ? 151  LYS A NZ   1 
ATOM   449  N  N    . VAL A 1 54  ? 7.380   11.975  5.527   1.00 19.27 ? 152  VAL A N    1 
ATOM   450  C  CA   . VAL A 1 54  ? 8.405   12.177  6.549   1.00 19.32 ? 152  VAL A CA   1 
ATOM   451  C  C    . VAL A 1 54  ? 9.559   11.229  6.221   1.00 19.04 ? 152  VAL A C    1 
ATOM   452  O  O    . VAL A 1 54  ? 9.339   10.139  5.687   1.00 18.54 ? 152  VAL A O    1 
ATOM   453  C  CB   . VAL A 1 54  ? 7.886   11.936  7.973   1.00 19.37 ? 152  VAL A CB   1 
ATOM   454  C  CG1  . VAL A 1 54  ? 6.713   12.872  8.276   1.00 19.90 ? 152  VAL A CG1  1 
ATOM   455  C  CG2  . VAL A 1 54  ? 7.488   10.489  8.160   1.00 20.00 ? 152  VAL A CG2  1 
ATOM   456  N  N    . VAL A 1 55  ? 10.782  11.642  6.529   1.00 18.98 ? 153  VAL A N    1 
ATOM   457  C  CA   . VAL A 1 55  ? 11.958  10.854  6.156   1.00 19.44 ? 153  VAL A CA   1 
ATOM   458  C  C    . VAL A 1 55  ? 12.713  10.230  7.321   1.00 19.37 ? 153  VAL A C    1 
ATOM   459  O  O    . VAL A 1 55  ? 13.839  9.757   7.156   1.00 19.83 ? 153  VAL A O    1 
ATOM   460  C  CB   . VAL A 1 55  ? 12.949  11.715  5.354   1.00 19.30 ? 153  VAL A CB   1 
ATOM   461  C  CG1  . VAL A 1 55  ? 12.254  12.323  4.151   1.00 20.13 ? 153  VAL A CG1  1 
ATOM   462  C  CG2  . VAL A 1 55  ? 13.534  12.808  6.242   1.00 20.23 ? 153  VAL A CG2  1 
ATOM   463  N  N    . TRP A 1 56  ? 12.098  10.213  8.494   1.00 19.20 ? 154  TRP A N    1 
ATOM   464  C  CA   . TRP A 1 56  ? 12.757  9.675   9.667   1.00 19.15 ? 154  TRP A CA   1 
ATOM   465  C  C    . TRP A 1 56  ? 11.723  9.341   10.733  1.00 19.00 ? 154  TRP A C    1 
ATOM   466  O  O    . TRP A 1 56  ? 10.589  9.830   10.694  1.00 18.60 ? 154  TRP A O    1 
ATOM   467  C  CB   . TRP A 1 56  ? 13.711  10.728  10.228  1.00 19.16 ? 154  TRP A CB   1 
ATOM   468  C  CG   . TRP A 1 56  ? 12.946  11.874  10.785  1.00 19.54 ? 154  TRP A CG   1 
ATOM   469  C  CD1  . TRP A 1 56  ? 12.460  12.953  10.099  1.00 20.22 ? 154  TRP A CD1  1 
ATOM   470  C  CD2  . TRP A 1 56  ? 12.524  12.037  12.141  1.00 19.88 ? 154  TRP A CD2  1 
ATOM   471  N  NE1  . TRP A 1 56  ? 11.771  13.781  10.952  1.00 20.56 ? 154  TRP A NE1  1 
ATOM   472  C  CE2  . TRP A 1 56  ? 11.803  13.245  12.213  1.00 20.20 ? 154  TRP A CE2  1 
ATOM   473  C  CE3  . TRP A 1 56  ? 12.701  11.283  13.306  1.00 20.40 ? 154  TRP A CE3  1 
ATOM   474  C  CZ2  . TRP A 1 56  ? 11.252  13.715  13.403  1.00 20.92 ? 154  TRP A CZ2  1 
ATOM   475  C  CZ3  . TRP A 1 56  ? 12.152  11.751  14.489  1.00 21.22 ? 154  TRP A CZ3  1 
ATOM   476  C  CH2  . TRP A 1 56  ? 11.439  12.956  14.528  1.00 20.99 ? 154  TRP A CH2  1 
ATOM   477  N  N    . GLY A 1 57  ? 12.127  8.514   11.690  1.00 18.96 ? 155  GLY A N    1 
ATOM   478  C  CA   . GLY A 1 57  ? 11.259  8.135   12.796  1.00 18.91 ? 155  GLY A CA   1 
ATOM   479  C  C    . GLY A 1 57  ? 9.980   7.445   12.383  1.00 18.90 ? 155  GLY A C    1 
ATOM   480  O  O    . GLY A 1 57  ? 9.922   6.752   11.365  1.00 18.80 ? 155  GLY A O    1 
ATOM   481  N  N    . THR A 1 58  ? 8.940   7.656   13.175  1.00 18.80 ? 156  THR A N    1 
ATOM   482  C  CA   . THR A 1 58  ? 7.664   7.027   12.913  1.00 18.75 ? 156  THR A CA   1 
ATOM   483  C  C    . THR A 1 58  ? 6.722   7.952   12.150  1.00 17.88 ? 156  THR A C    1 
ATOM   484  O  O    . THR A 1 58  ? 6.722   9.170   12.345  1.00 18.59 ? 156  THR A O    1 
ATOM   485  C  CB   . THR A 1 58  ? 6.985   6.609   14.224  1.00 19.16 ? 156  THR A CB   1 
ATOM   486  O  OG1  . THR A 1 58  ? 6.562   7.780   14.934  1.00 21.82 ? 156  THR A OG1  1 
ATOM   487  C  CG2  . THR A 1 58  ? 7.946   5.815   15.084  1.00 19.79 ? 156  THR A CG2  1 
ATOM   488  N  N    . ALA A 1 59  ? 5.951   7.357   11.252  1.00 16.48 ? 157  ALA A N    1 
ATOM   489  C  CA   . ALA A 1 59  ? 4.929   8.062   10.501  1.00 15.10 ? 157  ALA A CA   1 
ATOM   490  C  C    . ALA A 1 59  ? 3.713   7.165   10.631  1.00 14.12 ? 157  ALA A C    1 
ATOM   491  O  O    . ALA A 1 59  ? 3.839   6.007   11.037  1.00 14.42 ? 157  ALA A O    1 
ATOM   492  C  CB   . ALA A 1 59  ? 5.326   8.216   9.045   1.00 15.12 ? 157  ALA A CB   1 
ATOM   493  N  N    . ASP A 1 60  ? 2.539   7.679   10.292  1.00 13.20 ? 158  ASP A N    1 
ATOM   494  C  CA   . ASP A 1 60  ? 1.323   6.872   10.397  1.00 12.61 ? 158  ASP A CA   1 
ATOM   495  C  C    . ASP A 1 60  ? 1.414   5.642   9.494   1.00 11.98 ? 158  ASP A C    1 
ATOM   496  O  O    . ASP A 1 60  ? 1.134   4.525   9.923   1.00 11.72 ? 158  ASP A O    1 
ATOM   497  C  CB   . ASP A 1 60  ? 0.099   7.710   10.044  1.00 13.02 ? 158  ASP A CB   1 
ATOM   498  C  CG   . ASP A 1 60  ? -0.091  8.893   10.987  1.00 14.33 ? 158  ASP A CG   1 
ATOM   499  O  OD1  . ASP A 1 60  ? 0.082   8.721   12.213  1.00 17.03 ? 158  ASP A OD1  1 
ATOM   500  O  OD2  . ASP A 1 60  ? -0.429  9.988   10.495  1.00 17.36 ? 158  ASP A OD2  1 
ATOM   501  N  N    . ILE A 1 61  ? 1.792   5.863   8.241   1.00 11.13 ? 159  ILE A N    1 
ATOM   502  C  CA   . ILE A 1 61  ? 1.934   4.779   7.274   1.00 11.08 ? 159  ILE A CA   1 
ATOM   503  C  C    . ILE A 1 61  ? 3.417   4.503   7.068   1.00 11.07 ? 159  ILE A C    1 
ATOM   504  O  O    . ILE A 1 61  ? 4.113   5.293   6.440   1.00 11.41 ? 159  ILE A O    1 
ATOM   505  C  CB   . ILE A 1 61  ? 1.268   5.149   5.931   1.00 10.57 ? 159  ILE A CB   1 
ATOM   506  C  CG1  . ILE A 1 61  ? -0.253  5.259   6.125   1.00 11.17 ? 159  ILE A CG1  1 
ATOM   507  C  CG2  . ILE A 1 61  ? 1.608   4.125   4.854   1.00 10.74 ? 159  ILE A CG2  1 
ATOM   508  C  CD1  . ILE A 1 61  ? -1.022  5.716   4.892   1.00 12.29 ? 159  ILE A CD1  1 
ATOM   509  N  N    . MET A 1 62  ? 3.897   3.399   7.631   1.00 11.39 ? 160  MET A N    1 
ATOM   510  C  CA   . MET A 1 62  ? 5.297   2.999   7.491   1.00 11.01 ? 160  MET A CA   1 
ATOM   511  C  C    . MET A 1 62  ? 5.387   2.044   6.309   1.00 11.25 ? 160  MET A C    1 
ATOM   512  O  O    . MET A 1 62  ? 4.710   1.016   6.287   1.00 10.95 ? 160  MET A O    1 
ATOM   513  C  CB   . MET A 1 62  ? 5.795   2.332   8.772   1.00 11.53 ? 160  MET A CB   1 
ATOM   514  C  CG   . MET A 1 62  ? 5.761   3.257   9.979   1.00 11.95 ? 160  MET A CG   1 
ATOM   515  S  SD   . MET A 1 62  ? 7.081   4.491   9.923   1.00 16.45 ? 160  MET A SD   1 
ATOM   516  C  CE   . MET A 1 62  ? 8.452   3.511   10.522  1.00 15.92 ? 160  MET A CE   1 
ATOM   517  N  N    . ILE A 1 63  ? 6.215   2.397   5.329   1.00 11.20 ? 161  ILE A N    1 
ATOM   518  C  CA   . ILE A 1 63  ? 6.349   1.606   4.109   1.00 11.71 ? 161  ILE A CA   1 
ATOM   519  C  C    . ILE A 1 63  ? 7.772   1.105   3.942   1.00 11.48 ? 161  ILE A C    1 
ATOM   520  O  O    . ILE A 1 63  ? 8.725   1.871   4.068   1.00 11.96 ? 161  ILE A O    1 
ATOM   521  C  CB   . ILE A 1 63  ? 6.005   2.460   2.868   1.00 11.90 ? 161  ILE A CB   1 
ATOM   522  C  CG1  . ILE A 1 63  ? 4.642   3.133   3.036   1.00 12.74 ? 161  ILE A CG1  1 
ATOM   523  C  CG2  . ILE A 1 63  ? 6.075   1.622   1.594   1.00 12.81 ? 161  ILE A CG2  1 
ATOM   524  C  CD1  . ILE A 1 63  ? 4.298   4.094   1.908   1.00 14.27 ? 161  ILE A CD1  1 
ATOM   525  N  N    . GLY A 1 64  ? 7.938   -0.175  3.633   1.00 10.88 ? 162  GLY A N    1 
ATOM   526  C  CA   . GLY A 1 64  ? 9.290   -0.664  3.433   1.00 10.30 ? 162  GLY A CA   1 
ATOM   527  C  C    . GLY A 1 64  ? 9.414   -2.083  2.935   1.00 10.12 ? 162  GLY A C    1 
ATOM   528  O  O    . GLY A 1 64  ? 8.438   -2.836  2.886   1.00 9.27  ? 162  GLY A O    1 
ATOM   529  N  N    . PHE A 1 65  ? 10.642  -2.428  2.565   1.00 10.17 ? 163  PHE A N    1 
ATOM   530  C  CA   . PHE A 1 65  ? 10.998  -3.753  2.104   1.00 9.96  ? 163  PHE A CA   1 
ATOM   531  C  C    . PHE A 1 65  ? 11.739  -4.455  3.219   1.00 9.98  ? 163  PHE A C    1 
ATOM   532  O  O    . PHE A 1 65  ? 12.532  -3.843  3.937   1.00 10.47 ? 163  PHE A O    1 
ATOM   533  C  CB   . PHE A 1 65  ? 11.913  -3.677  0.879   1.00 10.21 ? 163  PHE A CB   1 
ATOM   534  C  CG   . PHE A 1 65  ? 11.228  -3.187  -0.356  1.00 10.10 ? 163  PHE A CG   1 
ATOM   535  C  CD1  . PHE A 1 65  ? 11.039  -1.830  -0.569  1.00 10.35 ? 163  PHE A CD1  1 
ATOM   536  C  CD2  . PHE A 1 65  ? 10.757  -4.082  -1.295  1.00 10.51 ? 163  PHE A CD2  1 
ATOM   537  C  CE1  . PHE A 1 65  ? 10.403  -1.375  -1.711  1.00 11.47 ? 163  PHE A CE1  1 
ATOM   538  C  CE2  . PHE A 1 65  ? 10.124  -3.635  -2.440  1.00 10.52 ? 163  PHE A CE2  1 
ATOM   539  C  CZ   . PHE A 1 65  ? 9.940   -2.281  -2.646  1.00 11.39 ? 163  PHE A CZ   1 
ATOM   540  N  N    . ALA A 1 66  ? 11.474  -5.744  3.374   1.00 9.70  ? 164  ALA A N    1 
ATOM   541  C  CA   . ALA A 1 66  ? 12.139  -6.509  4.410   1.00 10.27 ? 164  ALA A CA   1 
ATOM   542  C  C    . ALA A 1 66  ? 12.293  -7.962  4.002   1.00 10.66 ? 164  ALA A C    1 
ATOM   543  O  O    . ALA A 1 66  ? 11.534  -8.475  3.180   1.00 10.58 ? 164  ALA A O    1 
ATOM   544  C  CB   . ALA A 1 66  ? 11.356  -6.413  5.721   1.00 10.48 ? 164  ALA A CB   1 
ATOM   545  N  N    . ARG A 1 67  ? 13.299  -8.602  4.584   1.00 11.46 ? 165  ARG A N    1 
ATOM   546  C  CA   . ARG A 1 67  ? 13.560  -10.013 4.410   1.00 12.13 ? 165  ARG A CA   1 
ATOM   547  C  C    . ARG A 1 67  ? 13.174  -10.713 5.712   1.00 11.62 ? 165  ARG A C    1 
ATOM   548  O  O    . ARG A 1 67  ? 13.449  -10.205 6.806   1.00 12.01 ? 165  ARG A O    1 
ATOM   549  C  CB   . ARG A 1 67  ? 15.047  -10.230 4.124   1.00 12.76 ? 165  ARG A CB   1 
ATOM   550  C  CG   . ARG A 1 67  ? 15.500  -11.671 4.144   1.00 15.47 ? 165  ARG A CG   1 
ATOM   551  C  CD   . ARG A 1 67  ? 16.979  -11.766 3.830   1.00 18.09 ? 165  ARG A CD   1 
ATOM   552  N  NE   . ARG A 1 67  ? 17.268  -11.268 2.486   1.00 18.13 ? 165  ARG A NE   1 
ATOM   553  N  N    . GLY A 1 68  ? 12.495  -11.848 5.597   1.00 10.72 ? 166  GLY A N    1 
ATOM   554  C  CA   . GLY A 1 68  ? 12.144  -12.656 6.767   1.00 10.37 ? 166  GLY A CA   1 
ATOM   555  C  C    . GLY A 1 68  ? 11.345  -11.951 7.848   1.00 9.97  ? 166  GLY A C    1 
ATOM   556  O  O    . GLY A 1 68  ? 10.462  -11.149 7.552   1.00 8.97  ? 166  GLY A O    1 
ATOM   557  N  N    . ALA A 1 69  ? 11.629  -12.286 9.105   1.00 10.06 ? 167  ALA A N    1 
ATOM   558  C  CA   . ALA A 1 69  ? 10.923  -11.699 10.239  1.00 10.03 ? 167  ALA A CA   1 
ATOM   559  C  C    . ALA A 1 69  ? 11.370  -10.262 10.355  1.00 10.15 ? 167  ALA A C    1 
ATOM   560  O  O    . ALA A 1 69  ? 12.555  -9.979  10.249  1.00 10.10 ? 167  ALA A O    1 
ATOM   561  C  CB   . ALA A 1 69  ? 11.236  -12.461 11.514  1.00 10.70 ? 167  ALA A CB   1 
ATOM   562  N  N    . HIS A 1 70  ? 10.433  -9.348  10.591  1.00 9.82  ? 168  HIS A N    1 
ATOM   563  C  CA   . HIS A 1 70  ? 10.794  -7.945  10.604  1.00 10.98 ? 168  HIS A CA   1 
ATOM   564  C  C    . HIS A 1 70  ? 10.018  -7.096  11.604  1.00 11.69 ? 168  HIS A C    1 
ATOM   565  O  O    . HIS A 1 70  ? 9.812   -5.902  11.379  1.00 12.32 ? 168  HIS A O    1 
ATOM   566  C  CB   . HIS A 1 70  ? 10.617  -7.377  9.199   1.00 10.43 ? 168  HIS A CB   1 
ATOM   567  C  CG   . HIS A 1 70  ? 9.272   -7.668  8.619   1.00 10.06 ? 168  HIS A CG   1 
ATOM   568  N  ND1  . HIS A 1 70  ? 8.990   -8.838  7.945   1.00 9.37  ? 168  HIS A ND1  1 
ATOM   569  C  CD2  . HIS A 1 70  ? 8.119   -6.956  8.637   1.00 9.56  ? 168  HIS A CD2  1 
ATOM   570  C  CE1  . HIS A 1 70  ? 7.722   -8.831  7.569   1.00 10.62 ? 168  HIS A CE1  1 
ATOM   571  N  NE2  . HIS A 1 70  ? 7.171   -7.705  7.984   1.00 7.97  ? 168  HIS A NE2  1 
ATOM   572  N  N    . GLY A 1 71  ? 9.580   -7.705  12.697  1.00 13.03 ? 169  GLY A N    1 
ATOM   573  C  CA   . GLY A 1 71  ? 8.938   -6.920  13.741  1.00 14.35 ? 169  GLY A CA   1 
ATOM   574  C  C    . GLY A 1 71  ? 7.433   -6.967  13.873  1.00 15.05 ? 169  GLY A C    1 
ATOM   575  O  O    . GLY A 1 71  ? 6.861   -6.221  14.673  1.00 16.10 ? 169  GLY A O    1 
ATOM   576  N  N    . ASP A 1 72  ? 6.781   -7.818  13.093  1.00 15.36 ? 170  ASP A N    1 
ATOM   577  C  CA   . ASP A 1 72  ? 5.341   -7.997  13.230  1.00 15.65 ? 170  ASP A CA   1 
ATOM   578  C  C    . ASP A 1 72  ? 5.070   -9.503  13.252  1.00 16.64 ? 170  ASP A C    1 
ATOM   579  O  O    . ASP A 1 72  ? 6.011   -10.290 13.277  1.00 17.27 ? 170  ASP A O    1 
ATOM   580  C  CB   . ASP A 1 72  ? 4.564   -7.235  12.147  1.00 15.04 ? 170  ASP A CB   1 
ATOM   581  C  CG   . ASP A 1 72  ? 4.897   -7.692  10.738  1.00 13.12 ? 170  ASP A CG   1 
ATOM   582  O  OD1  . ASP A 1 72  ? 5.259   -8.867  10.555  1.00 12.12 ? 170  ASP A OD1  1 
ATOM   583  O  OD2  . ASP A 1 72  ? 4.775   -6.872  9.806   1.00 10.12 ? 170  ASP A OD2  1 
ATOM   584  N  N    . SER A 1 73  ? 3.808   -9.920  13.241  1.00 17.76 ? 171  SER A N    1 
ATOM   585  C  CA   . SER A 1 73  ? 3.510   -11.357 13.314  1.00 18.48 ? 171  SER A CA   1 
ATOM   586  C  C    . SER A 1 73  ? 3.350   -12.046 11.963  1.00 18.18 ? 171  SER A C    1 
ATOM   587  O  O    . SER A 1 73  ? 2.783   -13.138 11.865  1.00 18.19 ? 171  SER A O    1 
ATOM   588  C  CB   . SER A 1 73  ? 2.280   -11.602 14.182  1.00 18.70 ? 171  SER A CB   1 
ATOM   589  O  OG   . SER A 1 73  ? 2.539   -11.183 15.505  1.00 21.81 ? 171  SER A OG   1 
ATOM   590  N  N    . TYR A 1 74  ? 3.874   -11.414 10.922  1.00 17.24 ? 172  TYR A N    1 
ATOM   591  C  CA   . TYR A 1 74  ? 3.780   -11.962 9.584   1.00 16.66 ? 172  TYR A CA   1 
ATOM   592  C  C    . TYR A 1 74  ? 5.142   -11.940 8.921   1.00 15.37 ? 172  TYR A C    1 
ATOM   593  O  O    . TYR A 1 74  ? 5.361   -11.211 7.967   1.00 14.82 ? 172  TYR A O    1 
ATOM   594  C  CB   . TYR A 1 74  ? 2.774   -11.165 8.760   1.00 17.28 ? 172  TYR A CB   1 
ATOM   595  C  CG   . TYR A 1 74  ? 1.405   -11.136 9.400   1.00 19.48 ? 172  TYR A CG   1 
ATOM   596  C  CD1  . TYR A 1 74  ? 0.539   -12.212 9.276   1.00 22.21 ? 172  TYR A CD1  1 
ATOM   597  C  CD2  . TYR A 1 74  ? 0.987   -10.036 10.136  1.00 21.35 ? 172  TYR A CD2  1 
ATOM   598  C  CE1  . TYR A 1 74  ? -0.714  -12.194 9.865   1.00 23.76 ? 172  TYR A CE1  1 
ATOM   599  C  CE2  . TYR A 1 74  ? -0.265  -10.009 10.730  1.00 23.72 ? 172  TYR A CE2  1 
ATOM   600  C  CZ   . TYR A 1 74  ? -1.106  -11.088 10.590  1.00 24.64 ? 172  TYR A CZ   1 
ATOM   601  O  OH   . TYR A 1 74  ? -2.350  -11.061 11.178  1.00 26.73 ? 172  TYR A OH   1 
ATOM   602  N  N    . PRO A 1 75  ? 6.071   -12.753 9.433   1.00 14.30 ? 173  PRO A N    1 
ATOM   603  C  CA   . PRO A 1 75  ? 7.393   -12.768 8.829   1.00 13.63 ? 173  PRO A CA   1 
ATOM   604  C  C    . PRO A 1 75  ? 7.339   -13.182 7.368   1.00 13.04 ? 173  PRO A C    1 
ATOM   605  O  O    . PRO A 1 75  ? 6.497   -13.997 6.991   1.00 12.17 ? 173  PRO A O    1 
ATOM   606  C  CB   . PRO A 1 75  ? 8.140   -13.846 9.631   1.00 13.67 ? 173  PRO A CB   1 
ATOM   607  C  CG   . PRO A 1 75  ? 7.068   -14.661 10.293  1.00 14.77 ? 173  PRO A CG   1 
ATOM   608  C  CD   . PRO A 1 75  ? 5.932   -13.719 10.534  1.00 14.62 ? 173  PRO A CD   1 
ATOM   609  N  N    . PHE A 1 76  ? 8.210   -12.596 6.553   1.00 12.64 ? 174  PHE A N    1 
ATOM   610  C  CA   . PHE A 1 76  ? 8.312   -13.005 5.165   1.00 13.01 ? 174  PHE A CA   1 
ATOM   611  C  C    . PHE A 1 76  ? 9.028   -14.349 5.121   1.00 13.89 ? 174  PHE A C    1 
ATOM   612  O  O    . PHE A 1 76  ? 9.624   -14.773 6.114   1.00 13.99 ? 174  PHE A O    1 
ATOM   613  C  CB   . PHE A 1 76  ? 8.959   -11.935 4.295   1.00 12.66 ? 174  PHE A CB   1 
ATOM   614  C  CG   . PHE A 1 76  ? 8.073   -10.737 4.068   1.00 10.83 ? 174  PHE A CG   1 
ATOM   615  C  CD1  . PHE A 1 76  ? 6.784   -10.909 3.605   1.00 12.55 ? 174  PHE A CD1  1 
ATOM   616  C  CD2  . PHE A 1 76  ? 8.544   -9.451  4.255   1.00 10.03 ? 174  PHE A CD2  1 
ATOM   617  C  CE1  . PHE A 1 76  ? 5.953   -9.812  3.384   1.00 10.68 ? 174  PHE A CE1  1 
ATOM   618  C  CE2  . PHE A 1 76  ? 7.729   -8.354  4.031   1.00 11.05 ? 174  PHE A CE2  1 
ATOM   619  C  CZ   . PHE A 1 76  ? 6.433   -8.539  3.592   1.00 11.54 ? 174  PHE A CZ   1 
ATOM   620  N  N    . ASP A 1 77  ? 8.991   -14.990 3.959   1.00 15.06 ? 175  ASP A N    1 
ATOM   621  C  CA   . ASP A 1 77  ? 9.424   -16.371 3.820   1.00 15.67 ? 175  ASP A CA   1 
ATOM   622  C  C    . ASP A 1 77  ? 10.424  -16.687 2.712   1.00 15.52 ? 175  ASP A C    1 
ATOM   623  O  O    . ASP A 1 77  ? 10.541  -17.843 2.295   1.00 16.03 ? 175  ASP A O    1 
ATOM   624  C  CB   . ASP A 1 77  ? 8.161   -17.196 3.570   1.00 16.38 ? 175  ASP A CB   1 
ATOM   625  C  CG   . ASP A 1 77  ? 7.230   -16.541 2.540   1.00 17.44 ? 175  ASP A CG   1 
ATOM   626  O  OD1  . ASP A 1 77  ? 7.684   -15.663 1.762   1.00 15.70 ? 175  ASP A OD1  1 
ATOM   627  O  OD2  . ASP A 1 77  ? 6.030   -16.890 2.511   1.00 20.66 ? 175  ASP A OD2  1 
ATOM   628  N  N    . GLY A 1 78  ? 11.157  -15.692 2.243   1.00 14.81 ? 176  GLY A N    1 
ATOM   629  C  CA   . GLY A 1 78  ? 12.098  -15.921 1.158   1.00 14.54 ? 176  GLY A CA   1 
ATOM   630  C  C    . GLY A 1 78  ? 11.383  -15.821 -0.175  1.00 14.10 ? 176  GLY A C    1 
ATOM   631  O  O    . GLY A 1 78  ? 10.213  -15.439 -0.229  1.00 13.98 ? 176  GLY A O    1 
ATOM   632  N  N    . PRO A 1 79  ? 12.084  -16.175 -1.262  1.00 14.23 ? 177  PRO A N    1 
ATOM   633  C  CA   . PRO A 1 79  ? 11.542  -16.084 -2.619  1.00 14.20 ? 177  PRO A CA   1 
ATOM   634  C  C    . PRO A 1 79  ? 10.219  -16.824 -2.778  1.00 14.27 ? 177  PRO A C    1 
ATOM   635  O  O    . PRO A 1 79  ? 10.083  -17.955 -2.321  1.00 14.36 ? 177  PRO A O    1 
ATOM   636  C  CB   . PRO A 1 79  ? 12.614  -16.752 -3.485  1.00 14.39 ? 177  PRO A CB   1 
ATOM   637  C  CG   . PRO A 1 79  ? 13.867  -16.727 -2.676  1.00 14.86 ? 177  PRO A CG   1 
ATOM   638  C  CD   . PRO A 1 79  ? 13.486  -16.631 -1.229  1.00 14.17 ? 177  PRO A CD   1 
ATOM   639  N  N    . GLY A 1 80  ? 9.255   -16.190 -3.434  1.00 14.35 ? 178  GLY A N    1 
ATOM   640  C  CA   . GLY A 1 80  ? 7.958   -16.810 -3.661  1.00 15.32 ? 178  GLY A CA   1 
ATOM   641  C  C    . GLY A 1 80  ? 7.034   -16.740 -2.467  1.00 16.05 ? 178  GLY A C    1 
ATOM   642  O  O    . GLY A 1 80  ? 7.278   -15.985 -1.527  1.00 15.47 ? 178  GLY A O    1 
ATOM   643  N  N    . ASN A 1 81  ? 5.975   -17.541 -2.502  1.00 16.63 ? 179  ASN A N    1 
ATOM   644  C  CA   . ASN A 1 81  ? 4.982   -17.545 -1.434  1.00 17.48 ? 179  ASN A CA   1 
ATOM   645  C  C    . ASN A 1 81  ? 4.458   -16.131 -1.164  1.00 16.77 ? 179  ASN A C    1 
ATOM   646  O  O    . ASN A 1 81  ? 4.043   -15.444 -2.091  1.00 16.67 ? 179  ASN A O    1 
ATOM   647  C  CB   . ASN A 1 81  ? 5.538   -18.234 -0.188  1.00 18.13 ? 179  ASN A CB   1 
ATOM   648  C  CG   . ASN A 1 81  ? 5.650   -19.740 -0.368  1.00 21.24 ? 179  ASN A CG   1 
ATOM   649  O  OD1  . ASN A 1 81  ? 4.677   -20.404 -0.729  1.00 24.77 ? 179  ASN A OD1  1 
ATOM   650  N  ND2  . ASN A 1 81  ? 6.836   -20.286 -0.116  1.00 23.15 ? 179  ASN A ND2  1 
ATOM   651  N  N    . THR A 1 82  ? 4.488   -15.686 0.089   1.00 16.19 ? 180  THR A N    1 
ATOM   652  C  CA   . THR A 1 82  ? 3.977   -14.351 0.404   1.00 15.61 ? 180  THR A CA   1 
ATOM   653  C  C    . THR A 1 82  ? 4.870   -13.266 -0.194  1.00 14.62 ? 180  THR A C    1 
ATOM   654  O  O    . THR A 1 82  ? 6.090   -13.361 -0.126  1.00 14.33 ? 180  THR A O    1 
ATOM   655  C  CB   . THR A 1 82  ? 3.810   -14.149 1.915   1.00 15.88 ? 180  THR A CB   1 
ATOM   656  O  OG1  . THR A 1 82  ? 5.069   -14.343 2.570   1.00 18.10 ? 180  THR A OG1  1 
ATOM   657  C  CG2  . THR A 1 82  ? 2.809   -15.153 2.461   1.00 16.74 ? 180  THR A CG2  1 
ATOM   658  N  N    . LEU A 1 83  ? 4.244   -12.242 -0.774  1.00 13.17 ? 181  LEU A N    1 
ATOM   659  C  CA   . LEU A 1 83  ? 4.971   -11.181 -1.466  1.00 12.61 ? 181  LEU A CA   1 
ATOM   660  C  C    . LEU A 1 83  ? 4.917   -9.838  -0.749  1.00 11.58 ? 181  LEU A C    1 
ATOM   661  O  O    . LEU A 1 83  ? 5.824   -9.014  -0.877  1.00 10.66 ? 181  LEU A O    1 
ATOM   662  C  CB   . LEU A 1 83  ? 4.382   -10.998 -2.863  1.00 13.00 ? 181  LEU A CB   1 
ATOM   663  C  CG   . LEU A 1 83  ? 4.198   -12.251 -3.724  1.00 14.52 ? 181  LEU A CG   1 
ATOM   664  C  CD1  . LEU A 1 83  ? 3.525   -11.874 -5.033  1.00 15.54 ? 181  LEU A CD1  1 
ATOM   665  C  CD2  . LEU A 1 83  ? 5.522   -12.965 -3.951  1.00 15.48 ? 181  LEU A CD2  1 
ATOM   666  N  N    . ALA A 1 84  ? 3.828   -9.606  -0.025  1.00 10.35 ? 182  ALA A N    1 
ATOM   667  C  CA   . ALA A 1 84  ? 3.626   -8.333  0.656   1.00 10.10 ? 182  ALA A CA   1 
ATOM   668  C  C    . ALA A 1 84  ? 2.392   -8.408  1.535   1.00 9.76  ? 182  ALA A C    1 
ATOM   669  O  O    . ALA A 1 84  ? 1.576   -9.326  1.408   1.00 10.02 ? 182  ALA A O    1 
ATOM   670  C  CB   . ALA A 1 84  ? 3.451   -7.206  -0.381  1.00 10.17 ? 182  ALA A CB   1 
ATOM   671  N  N    . HIS A 1 85  ? 2.292   -7.467  2.464   1.00 10.05 ? 183  HIS A N    1 
ATOM   672  C  CA   . HIS A 1 85  ? 1.110   -7.336  3.298   1.00 9.79  ? 183  HIS A CA   1 
ATOM   673  C  C    . HIS A 1 85  ? 1.024   -5.915  3.829   1.00 9.99  ? 183  HIS A C    1 
ATOM   674  O  O    . HIS A 1 85  ? 2.026   -5.192  3.898   1.00 9.32  ? 183  HIS A O    1 
ATOM   675  C  CB   . HIS A 1 85  ? 1.060   -8.362  4.430   1.00 10.02 ? 183  HIS A CB   1 
ATOM   676  C  CG   . HIS A 1 85  ? 2.280   -8.379  5.295   1.00 9.67  ? 183  HIS A CG   1 
ATOM   677  N  ND1  . HIS A 1 85  ? 3.099   -9.483  5.396   1.00 12.30 ? 183  HIS A ND1  1 
ATOM   678  C  CD2  . HIS A 1 85  ? 2.826   -7.428  6.090   1.00 9.21  ? 183  HIS A CD2  1 
ATOM   679  C  CE1  . HIS A 1 85  ? 4.088   -9.217  6.230   1.00 11.93 ? 183  HIS A CE1  1 
ATOM   680  N  NE2  . HIS A 1 85  ? 3.954   -7.973  6.656   1.00 11.66 ? 183  HIS A NE2  1 
ATOM   681  N  N    . ALA A 1 86  ? -0.187  -5.499  4.165   1.00 10.04 ? 184  ALA A N    1 
ATOM   682  C  CA   . ALA A 1 86  ? -0.403  -4.162  4.689   1.00 11.20 ? 184  ALA A CA   1 
ATOM   683  C  C    . ALA A 1 86  ? -1.514  -4.252  5.715   1.00 11.66 ? 184  ALA A C    1 
ATOM   684  O  O    . ALA A 1 86  ? -2.342  -5.164  5.667   1.00 12.48 ? 184  ALA A O    1 
ATOM   685  C  CB   . ALA A 1 86  ? -0.751  -3.185  3.567   1.00 11.15 ? 184  ALA A CB   1 
ATOM   686  N  N    . PHE A 1 87  ? -1.520  -3.318  6.652   1.00 11.71 ? 185  PHE A N    1 
ATOM   687  C  CA   . PHE A 1 87  ? -2.475  -3.353  7.748   1.00 11.61 ? 185  PHE A CA   1 
ATOM   688  C  C    . PHE A 1 87  ? -3.471  -2.208  7.697   1.00 11.32 ? 185  PHE A C    1 
ATOM   689  O  O    . PHE A 1 87  ? -3.129  -1.090  7.315   1.00 11.25 ? 185  PHE A O    1 
ATOM   690  C  CB   . PHE A 1 87  ? -1.725  -3.332  9.083   1.00 12.17 ? 185  PHE A CB   1 
ATOM   691  C  CG   . PHE A 1 87  ? -0.707  -4.437  9.223   1.00 14.09 ? 185  PHE A CG   1 
ATOM   692  C  CD1  . PHE A 1 87  ? -1.093  -5.713  9.609   1.00 16.96 ? 185  PHE A CD1  1 
ATOM   693  C  CD2  . PHE A 1 87  ? 0.632   -4.199  8.952   1.00 15.57 ? 185  PHE A CD2  1 
ATOM   694  C  CE1  . PHE A 1 87  ? -0.157  -6.732  9.731   1.00 18.63 ? 185  PHE A CE1  1 
ATOM   695  C  CE2  . PHE A 1 87  ? 1.575   -5.215  9.079   1.00 16.70 ? 185  PHE A CE2  1 
ATOM   696  C  CZ   . PHE A 1 87  ? 1.179   -6.478  9.464   1.00 18.29 ? 185  PHE A CZ   1 
ATOM   697  N  N    . ALA A 1 88  ? -4.707  -2.502  8.092   1.00 11.14 ? 186  ALA A N    1 
ATOM   698  C  CA   . ALA A 1 88  ? -5.765  -1.500  8.127   1.00 11.41 ? 186  ALA A CA   1 
ATOM   699  C  C    . ALA A 1 88  ? -5.382  -0.321  9.017   1.00 11.33 ? 186  ALA A C    1 
ATOM   700  O  O    . ALA A 1 88  ? -4.568  -0.453  9.925   1.00 11.43 ? 186  ALA A O    1 
ATOM   701  C  CB   . ALA A 1 88  ? -7.063  -2.132  8.623   1.00 11.88 ? 186  ALA A CB   1 
ATOM   702  N  N    . PRO A 1 89  ? -5.977  0.848   8.758   1.00 11.63 ? 187  PRO A N    1 
ATOM   703  C  CA   . PRO A 1 89  ? -5.694  2.024   9.573   1.00 11.23 ? 187  PRO A CA   1 
ATOM   704  C  C    . PRO A 1 89  ? -5.869  1.767   11.069  1.00 11.26 ? 187  PRO A C    1 
ATOM   705  O  O    . PRO A 1 89  ? -6.773  1.032   11.492  1.00 11.07 ? 187  PRO A O    1 
ATOM   706  C  CB   . PRO A 1 89  ? -6.731  3.037   9.089   1.00 11.36 ? 187  PRO A CB   1 
ATOM   707  C  CG   . PRO A 1 89  ? -6.963  2.656   7.665   1.00 11.48 ? 187  PRO A CG   1 
ATOM   708  C  CD   . PRO A 1 89  ? -6.884  1.151   7.639   1.00 11.67 ? 187  PRO A CD   1 
ATOM   709  N  N    . GLY A 1 90  ? -4.993  2.376   11.849  1.00 11.73 ? 188  GLY A N    1 
ATOM   710  C  CA   . GLY A 1 90  ? -4.988  2.233   13.299  1.00 12.02 ? 188  GLY A CA   1 
ATOM   711  C  C    . GLY A 1 90  ? -3.619  2.656   13.784  1.00 12.60 ? 188  GLY A C    1 
ATOM   712  O  O    . GLY A 1 90  ? -2.760  3.033   12.987  1.00 12.34 ? 188  GLY A O    1 
ATOM   713  N  N    . THR A 1 91  ? -3.408  2.612   15.093  1.00 13.02 ? 189  THR A N    1 
ATOM   714  C  CA   . THR A 1 91  ? -2.126  2.997   15.646  1.00 13.44 ? 189  THR A CA   1 
ATOM   715  C  C    . THR A 1 91  ? -1.106  1.887   15.446  1.00 13.27 ? 189  THR A C    1 
ATOM   716  O  O    . THR A 1 91  ? -1.460  0.761   15.092  1.00 13.86 ? 189  THR A O    1 
ATOM   717  C  CB   . THR A 1 91  ? -2.253  3.273   17.152  1.00 13.37 ? 189  THR A CB   1 
ATOM   718  O  OG1  . THR A 1 91  ? -2.682  2.072   17.809  1.00 14.56 ? 189  THR A OG1  1 
ATOM   719  C  CG2  . THR A 1 91  ? -3.275  4.361   17.399  1.00 14.65 ? 189  THR A CG2  1 
ATOM   720  N  N    . GLY A 1 92  ? 0.161   2.210   15.682  1.00 13.41 ? 190  GLY A N    1 
ATOM   721  C  CA   . GLY A 1 92  ? 1.243   1.229   15.594  1.00 13.13 ? 190  GLY A CA   1 
ATOM   722  C  C    . GLY A 1 92  ? 1.374   0.613   14.218  1.00 12.98 ? 190  GLY A C    1 
ATOM   723  O  O    . GLY A 1 92  ? 1.564   1.324   13.239  1.00 13.31 ? 190  GLY A O    1 
ATOM   724  N  N    . LEU A 1 93  ? 1.275   -0.712  14.139  1.00 12.71 ? 191  LEU A N    1 
ATOM   725  C  CA   . LEU A 1 93  ? 1.401   -1.402  12.850  1.00 12.37 ? 191  LEU A CA   1 
ATOM   726  C  C    . LEU A 1 93  ? 0.294   -1.008  11.877  1.00 11.80 ? 191  LEU A C    1 
ATOM   727  O  O    . LEU A 1 93  ? 0.428   -1.177  10.669  1.00 11.31 ? 191  LEU A O    1 
ATOM   728  C  CB   . LEU A 1 93  ? 1.417   -2.923  13.037  1.00 13.07 ? 191  LEU A CB   1 
ATOM   729  C  CG   . LEU A 1 93  ? 2.665   -3.535  13.670  1.00 15.43 ? 191  LEU A CG   1 
ATOM   730  C  CD1  . LEU A 1 93  ? 2.415   -5.006  13.929  1.00 17.20 ? 191  LEU A CD1  1 
ATOM   731  C  CD2  . LEU A 1 93  ? 3.881   -3.337  12.765  1.00 17.36 ? 191  LEU A CD2  1 
ATOM   732  N  N    . GLY A 1 94  ? -0.805  -0.475  12.398  1.00 11.41 ? 192  GLY A N    1 
ATOM   733  C  CA   . GLY A 1 94  ? -1.910  -0.076  11.539  1.00 10.76 ? 192  GLY A CA   1 
ATOM   734  C  C    . GLY A 1 94  ? -1.434  0.841   10.431  1.00 10.37 ? 192  GLY A C    1 
ATOM   735  O  O    . GLY A 1 94  ? -0.633  1.741   10.675  1.00 10.20 ? 192  GLY A O    1 
ATOM   736  N  N    . GLY A 1 95  ? -1.900  0.592   9.211   1.00 9.93  ? 193  GLY A N    1 
ATOM   737  C  CA   . GLY A 1 95  ? -1.541  1.415   8.064   1.00 10.18 ? 193  GLY A CA   1 
ATOM   738  C  C    . GLY A 1 95  ? -0.228  1.085   7.377   1.00 10.52 ? 193  GLY A C    1 
ATOM   739  O  O    . GLY A 1 95  ? 0.021   1.543   6.267   1.00 10.65 ? 193  GLY A O    1 
ATOM   740  N  N    . ASP A 1 96  ? 0.613   0.289   8.029   1.00 10.40 ? 194  ASP A N    1 
ATOM   741  C  CA   . ASP A 1 96  ? 1.927   -0.037  7.479   1.00 10.46 ? 194  ASP A CA   1 
ATOM   742  C  C    . ASP A 1 96  ? 1.832   -0.993  6.287   1.00 10.30 ? 194  ASP A C    1 
ATOM   743  O  O    . ASP A 1 96  ? 0.928   -1.833  6.219   1.00 10.68 ? 194  ASP A O    1 
ATOM   744  C  CB   . ASP A 1 96  ? 2.843   -0.594  8.571   1.00 10.62 ? 194  ASP A CB   1 
ATOM   745  C  CG   . ASP A 1 96  ? 3.069   0.399   9.726   1.00 10.95 ? 194  ASP A CG   1 
ATOM   746  O  OD1  . ASP A 1 96  ? 2.532   1.536   9.692   1.00 11.76 ? 194  ASP A OD1  1 
ATOM   747  O  OD2  . ASP A 1 96  ? 3.781   0.039   10.687  1.00 12.72 ? 194  ASP A OD2  1 
ATOM   748  N  N    . ALA A 1 97  ? 2.767   -0.845  5.350   1.00 9.64  ? 195  ALA A N    1 
ATOM   749  C  CA   . ALA A 1 97  ? 2.791   -1.652  4.138   1.00 9.50  ? 195  ALA A CA   1 
ATOM   750  C  C    . ALA A 1 97  ? 4.187   -2.214  3.970   1.00 9.24  ? 195  ALA A C    1 
ATOM   751  O  O    . ALA A 1 97  ? 5.157   -1.461  3.840   1.00 9.43  ? 195  ALA A O    1 
ATOM   752  C  CB   . ALA A 1 97  ? 2.402   -0.809  2.934   1.00 9.76  ? 195  ALA A CB   1 
ATOM   753  N  N    . HIS A 1 98  ? 4.285   -3.535  3.993   1.00 9.14  ? 196  HIS A N    1 
ATOM   754  C  CA   . HIS A 1 98  ? 5.575   -4.219  3.888   1.00 8.99  ? 196  HIS A CA   1 
ATOM   755  C  C    . HIS A 1 98  ? 5.672   -5.057  2.616   1.00 8.58  ? 196  HIS A C    1 
ATOM   756  O  O    . HIS A 1 98  ? 4.702   -5.693  2.210   1.00 8.47  ? 196  HIS A O    1 
ATOM   757  C  CB   . HIS A 1 98  ? 5.842   -5.104  5.111   1.00 9.19  ? 196  HIS A CB   1 
ATOM   758  C  CG   . HIS A 1 98  ? 5.770   -4.376  6.421   1.00 9.31  ? 196  HIS A CG   1 
ATOM   759  N  ND1  . HIS A 1 98  ? 5.355   -4.986  7.586   1.00 11.76 ? 196  HIS A ND1  1 
ATOM   760  C  CD2  . HIS A 1 98  ? 6.041   -3.089  6.746   1.00 10.49 ? 196  HIS A CD2  1 
ATOM   761  C  CE1  . HIS A 1 98  ? 5.388   -4.110  8.576   1.00 9.69  ? 196  HIS A CE1  1 
ATOM   762  N  NE2  . HIS A 1 98  ? 5.801   -2.951  8.093   1.00 9.94  ? 196  HIS A NE2  1 
ATOM   763  N  N    . PHE A 1 99  ? 6.854   -5.054  2.004   1.00 8.27  ? 197  PHE A N    1 
ATOM   764  C  CA   . PHE A 1 99  ? 7.107   -5.794  0.759   1.00 8.06  ? 197  PHE A CA   1 
ATOM   765  C  C    . PHE A 1 99  ? 8.277   -6.748  0.965   1.00 8.23  ? 197  PHE A C    1 
ATOM   766  O  O    . PHE A 1 99  ? 9.293   -6.361  1.536   1.00 8.20  ? 197  PHE A O    1 
ATOM   767  C  CB   . PHE A 1 99  ? 7.432   -4.815  -0.373  1.00 8.12  ? 197  PHE A CB   1 
ATOM   768  C  CG   . PHE A 1 99  ? 6.322   -3.847  -0.664  1.00 8.08  ? 197  PHE A CG   1 
ATOM   769  C  CD1  . PHE A 1 99  ? 6.147   -2.732  0.136   1.00 8.95  ? 197  PHE A CD1  1 
ATOM   770  C  CD2  . PHE A 1 99  ? 5.434   -4.076  -1.706  1.00 9.12  ? 197  PHE A CD2  1 
ATOM   771  C  CE1  . PHE A 1 99  ? 5.106   -1.834  -0.106  1.00 8.67  ? 197  PHE A CE1  1 
ATOM   772  C  CE2  . PHE A 1 99  ? 4.395   -3.191  -1.958  1.00 9.21  ? 197  PHE A CE2  1 
ATOM   773  C  CZ   . PHE A 1 99  ? 4.233   -2.069  -1.156  1.00 9.90  ? 197  PHE A CZ   1 
ATOM   774  N  N    . ASP A 1 100 ? 8.144   -7.983  0.489   1.00 8.11  ? 198  ASP A N    1 
ATOM   775  C  CA   . ASP A 1 100 ? 9.205   -8.972  0.661   1.00 8.45  ? 198  ASP A CA   1 
ATOM   776  C  C    . ASP A 1 100 ? 10.398  -8.676  -0.261  1.00 9.27  ? 198  ASP A C    1 
ATOM   777  O  O    . ASP A 1 100 ? 10.270  -8.680  -1.486  1.00 8.75  ? 198  ASP A O    1 
ATOM   778  C  CB   . ASP A 1 100 ? 8.648   -10.373 0.415   1.00 7.98  ? 198  ASP A CB   1 
ATOM   779  C  CG   . ASP A 1 100 ? 9.592   -11.473 0.869   1.00 8.14  ? 198  ASP A CG   1 
ATOM   780  O  OD1  . ASP A 1 100 ? 10.780  -11.188 1.079   1.00 8.08  ? 198  ASP A OD1  1 
ATOM   781  O  OD2  . ASP A 1 100 ? 9.132   -12.620 1.028   1.00 9.78  ? 198  ASP A OD2  1 
ATOM   782  N  N    . GLU A 1 101 ? 11.556  -8.421  0.340   1.00 10.82 ? 199  GLU A N    1 
ATOM   783  C  CA   . GLU A 1 101 ? 12.778  -8.130  -0.398  1.00 12.85 ? 199  GLU A CA   1 
ATOM   784  C  C    . GLU A 1 101 ? 13.235  -9.292  -1.268  1.00 12.92 ? 199  GLU A C    1 
ATOM   785  O  O    . GLU A 1 101 ? 14.004  -9.098  -2.213  1.00 13.45 ? 199  GLU A O    1 
ATOM   786  C  CB   . GLU A 1 101 ? 13.927  -7.828  0.567   1.00 13.62 ? 199  GLU A CB   1 
ATOM   787  C  CG   . GLU A 1 101 ? 13.811  -6.570  1.401   1.00 18.01 ? 199  GLU A CG   1 
ATOM   788  C  CD   . GLU A 1 101 ? 15.108  -6.289  2.145   1.00 21.19 ? 199  GLU A CD   1 
ATOM   789  O  OE1  . GLU A 1 101 ? 16.053  -7.098  2.008   1.00 23.58 ? 199  GLU A OE1  1 
ATOM   790  O  OE2  . GLU A 1 101 ? 15.196  -5.261  2.852   1.00 24.69 ? 199  GLU A OE2  1 
ATOM   791  N  N    . ASP A 1 102 ? 12.789  -10.496 -0.931  1.00 12.71 ? 200  ASP A N    1 
ATOM   792  C  CA   . ASP A 1 102 ? 13.241  -11.695 -1.639  1.00 13.20 ? 200  ASP A CA   1 
ATOM   793  C  C    . ASP A 1 102 ? 12.530  -11.988 -2.965  1.00 12.83 ? 200  ASP A C    1 
ATOM   794  O  O    . ASP A 1 102 ? 12.680  -13.071 -3.528  1.00 13.52 ? 200  ASP A O    1 
ATOM   795  C  CB   . ASP A 1 102 ? 13.263  -12.914 -0.704  1.00 13.40 ? 200  ASP A CB   1 
ATOM   796  C  CG   . ASP A 1 102 ? 14.416  -12.859 0.293   1.00 14.87 ? 200  ASP A CG   1 
ATOM   797  O  OD1  . ASP A 1 102 ? 15.437  -12.206 -0.019  1.00 17.81 ? 200  ASP A OD1  1 
ATOM   798  O  OD2  . ASP A 1 102 ? 14.311  -13.467 1.377   1.00 16.77 ? 200  ASP A OD2  1 
ATOM   799  N  N    . GLU A 1 103 ? 11.758  -11.026 -3.458  1.00 12.42 ? 201  GLU A N    1 
ATOM   800  C  CA   . GLU A 1 103 ? 11.122  -11.172 -4.770  1.00 12.31 ? 201  GLU A CA   1 
ATOM   801  C  C    . GLU A 1 103 ? 11.865  -10.224 -5.700  1.00 12.32 ? 201  GLU A C    1 
ATOM   802  O  O    . GLU A 1 103 ? 12.800  -9.541  -5.271  1.00 13.14 ? 201  GLU A O    1 
ATOM   803  C  CB   . GLU A 1 103 ? 9.653   -10.747 -4.710  1.00 12.42 ? 201  GLU A CB   1 
ATOM   804  C  CG   . GLU A 1 103 ? 8.910   -11.192 -3.457  1.00 12.44 ? 201  GLU A CG   1 
ATOM   805  C  CD   . GLU A 1 103 ? 8.949   -12.692 -3.220  1.00 13.27 ? 201  GLU A CD   1 
ATOM   806  O  OE1  . GLU A 1 103 ? 9.227   -13.467 -4.158  1.00 11.32 ? 201  GLU A OE1  1 
ATOM   807  O  OE2  . GLU A 1 103 ? 8.688   -13.101 -2.076  1.00 11.93 ? 201  GLU A OE2  1 
ATOM   808  N  N    . ARG A 1 104 ? 11.465  -10.168 -6.970  1.00 11.65 ? 202  ARG A N    1 
ATOM   809  C  CA   . ARG A 1 104 ? 12.064  -9.208  -7.887  1.00 11.52 ? 202  ARG A CA   1 
ATOM   810  C  C    . ARG A 1 104 ? 11.022  -8.141  -8.194  1.00 11.80 ? 202  ARG A C    1 
ATOM   811  O  O    . ARG A 1 104 ? 9.929   -8.458  -8.669  1.00 11.82 ? 202  ARG A O    1 
ATOM   812  C  CB   . ARG A 1 104 ? 12.533  -9.864  -9.187  1.00 11.34 ? 202  ARG A CB   1 
ATOM   813  C  CG   . ARG A 1 104 ? 13.235  -8.865  -10.087 1.00 11.20 ? 202  ARG A CG   1 
ATOM   814  C  CD   . ARG A 1 104 ? 13.649  -9.440  -11.437 1.00 12.88 ? 202  ARG A CD   1 
ATOM   815  N  NE   . ARG A 1 104 ? 14.305  -8.409  -12.244 1.00 14.93 ? 202  ARG A NE   1 
ATOM   816  C  CZ   . ARG A 1 104 ? 15.609  -8.153  -12.217 1.00 15.70 ? 202  ARG A CZ   1 
ATOM   817  N  NH1  . ARG A 1 104 ? 16.407  -8.861  -11.432 1.00 15.84 ? 202  ARG A NH1  1 
ATOM   818  N  NH2  . ARG A 1 104 ? 16.117  -7.193  -12.981 1.00 17.22 ? 202  ARG A NH2  1 
ATOM   819  N  N    . TRP A 1 105 ? 11.358  -6.884  -7.917  1.00 11.79 ? 203  TRP A N    1 
ATOM   820  C  CA   . TRP A 1 105 ? 10.441  -5.766  -8.137  1.00 11.84 ? 203  TRP A CA   1 
ATOM   821  C  C    . TRP A 1 105 ? 10.963  -4.913  -9.280  1.00 12.36 ? 203  TRP A C    1 
ATOM   822  O  O    . TRP A 1 105 ? 12.170  -4.783  -9.451  1.00 13.12 ? 203  TRP A O    1 
ATOM   823  C  CB   . TRP A 1 105 ? 10.330  -4.919  -6.864  1.00 11.92 ? 203  TRP A CB   1 
ATOM   824  C  CG   . TRP A 1 105 ? 9.886   -5.725  -5.686  1.00 11.25 ? 203  TRP A CG   1 
ATOM   825  C  CD1  . TRP A 1 105 ? 10.687  -6.396  -4.805  1.00 11.47 ? 203  TRP A CD1  1 
ATOM   826  C  CD2  . TRP A 1 105 ? 8.539   -5.981  -5.282  1.00 11.60 ? 203  TRP A CD2  1 
ATOM   827  N  NE1  . TRP A 1 105 ? 9.917   -7.045  -3.869  1.00 11.78 ? 203  TRP A NE1  1 
ATOM   828  C  CE2  . TRP A 1 105 ? 8.596   -6.799  -4.135  1.00 11.61 ? 203  TRP A CE2  1 
ATOM   829  C  CE3  . TRP A 1 105 ? 7.288   -5.575  -5.761  1.00 11.29 ? 203  TRP A CE3  1 
ATOM   830  C  CZ2  . TRP A 1 105 ? 7.453   -7.236  -3.473  1.00 12.20 ? 203  TRP A CZ2  1 
ATOM   831  C  CZ3  . TRP A 1 105 ? 6.159   -6.010  -5.105  1.00 11.76 ? 203  TRP A CZ3  1 
ATOM   832  C  CH2  . TRP A 1 105 ? 6.246   -6.830  -3.972  1.00 12.93 ? 203  TRP A CH2  1 
ATOM   833  N  N    . THR A 1 106 ? 10.059  -4.335  -10.065 1.00 12.83 ? 204  THR A N    1 
ATOM   834  C  CA   . THR A 1 106 ? 10.468  -3.505  -11.188 1.00 13.51 ? 204  THR A CA   1 
ATOM   835  C  C    . THR A 1 106 ? 9.583   -2.271  -11.335 1.00 14.11 ? 204  THR A C    1 
ATOM   836  O  O    . THR A 1 106 ? 8.486   -2.211  -10.791 1.00 13.73 ? 204  THR A O    1 
ATOM   837  C  CB   . THR A 1 106 ? 10.441  -4.301  -12.513 1.00 13.70 ? 204  THR A CB   1 
ATOM   838  O  OG1  . THR A 1 106 ? 10.902  -3.471  -13.586 1.00 13.82 ? 204  THR A OG1  1 
ATOM   839  C  CG2  . THR A 1 106 ? 9.037   -4.776  -12.826 1.00 14.29 ? 204  THR A CG2  1 
ATOM   840  N  N    . ASP A 1 107 ? 10.087  -1.279  -12.061 1.00 15.24 ? 205  ASP A N    1 
ATOM   841  C  CA   . ASP A 1 107 ? 9.319   -0.076  -12.337 1.00 17.01 ? 205  ASP A CA   1 
ATOM   842  C  C    . ASP A 1 107 ? 8.699   -0.203  -13.721 1.00 17.89 ? 205  ASP A C    1 
ATOM   843  O  O    . ASP A 1 107 ? 8.060   0.729   -14.220 1.00 18.33 ? 205  ASP A O    1 
ATOM   844  C  CB   . ASP A 1 107 ? 10.214  1.158   -12.272 1.00 17.27 ? 205  ASP A CB   1 
ATOM   845  C  CG   . ASP A 1 107 ? 11.321  1.127   -13.304 1.00 19.22 ? 205  ASP A CG   1 
ATOM   846  O  OD1  . ASP A 1 107 ? 11.464  0.106   -14.013 1.00 20.13 ? 205  ASP A OD1  1 
ATOM   847  O  OD2  . ASP A 1 107 ? 12.065  2.127   -13.396 1.00 22.29 ? 205  ASP A OD2  1 
ATOM   848  N  N    . GLY A 1 108 ? 8.895   -1.366  -14.334 1.00 18.82 ? 206  GLY A N    1 
ATOM   849  C  CA   . GLY A 1 108 ? 8.361   -1.645  -15.660 1.00 19.92 ? 206  GLY A CA   1 
ATOM   850  C  C    . GLY A 1 108 ? 9.428   -1.862  -16.720 1.00 20.74 ? 206  GLY A C    1 
ATOM   851  O  O    . GLY A 1 108 ? 9.144   -2.399  -17.790 1.00 21.32 ? 206  GLY A O    1 
ATOM   852  N  N    . SER A 1 109 ? 10.665  -1.468  -16.428 1.00 21.16 ? 207  SER A N    1 
ATOM   853  C  CA   . SER A 1 109 ? 11.740  -1.583  -17.419 1.00 21.52 ? 207  SER A CA   1 
ATOM   854  C  C    . SER A 1 109 ? 12.498  -2.906  -17.402 1.00 21.60 ? 207  SER A C    1 
ATOM   855  O  O    . SER A 1 109 ? 13.394  -3.118  -18.221 1.00 21.89 ? 207  SER A O    1 
ATOM   856  C  CB   . SER A 1 109 ? 12.739  -0.434  -17.265 1.00 21.53 ? 207  SER A CB   1 
ATOM   857  O  OG   . SER A 1 109 ? 13.473  -0.561  -16.063 1.00 22.31 ? 207  SER A OG   1 
ATOM   858  N  N    . SER A 1 110 ? 12.150  -3.789  -16.471 1.00 21.30 ? 208  SER A N    1 
ATOM   859  C  CA   . SER A 1 110 ? 12.827  -5.076  -16.357 1.00 20.89 ? 208  SER A CA   1 
ATOM   860  C  C    . SER A 1 110 ? 11.837  -6.149  -15.945 1.00 20.42 ? 208  SER A C    1 
ATOM   861  O  O    . SER A 1 110 ? 10.628  -5.907  -15.913 1.00 20.71 ? 208  SER A O    1 
ATOM   862  C  CB   . SER A 1 110 ? 13.948  -4.990  -15.319 1.00 21.11 ? 208  SER A CB   1 
ATOM   863  O  OG   . SER A 1 110 ? 14.648  -6.218  -15.207 1.00 21.68 ? 208  SER A OG   1 
ATOM   864  N  N    . LEU A 1 111 ? 12.352  -7.338  -15.654 1.00 19.36 ? 209  LEU A N    1 
ATOM   865  C  CA   . LEU A 1 111 ? 11.517  -8.424  -15.176 1.00 18.68 ? 209  LEU A CA   1 
ATOM   866  C  C    . LEU A 1 111 ? 11.174  -8.112  -13.737 1.00 17.32 ? 209  LEU A C    1 
ATOM   867  O  O    . LEU A 1 111 ? 11.958  -7.473  -13.038 1.00 17.38 ? 209  LEU A O    1 
ATOM   868  C  CB   . LEU A 1 111 ? 12.274  -9.755  -15.199 1.00 18.98 ? 209  LEU A CB   1 
ATOM   869  C  CG   . LEU A 1 111 ? 12.572  -10.443 -16.526 1.00 20.30 ? 209  LEU A CG   1 
ATOM   870  C  CD1  . LEU A 1 111 ? 13.305  -11.749 -16.258 1.00 21.51 ? 209  LEU A CD1  1 
ATOM   871  C  CD2  . LEU A 1 111 ? 11.280  -10.699 -17.281 1.00 22.29 ? 209  LEU A CD2  1 
ATOM   872  N  N    . GLY A 1 112 ? 10.015  -8.576  -13.288 1.00 16.31 ? 210  GLY A N    1 
ATOM   873  C  CA   . GLY A 1 112 ? 9.638   -8.378  -11.897 1.00 14.43 ? 210  GLY A CA   1 
ATOM   874  C  C    . GLY A 1 112 ? 8.183   -8.031  -11.665 1.00 13.34 ? 210  GLY A C    1 
ATOM   875  O  O    . GLY A 1 112 ? 7.414   -7.829  -12.600 1.00 13.00 ? 210  GLY A O    1 
ATOM   876  N  N    . ILE A 1 113 ? 7.805   -7.989  -10.394 1.00 12.80 ? 211  ILE A N    1 
ATOM   877  C  CA   . ILE A 1 113 ? 6.469   -7.580  -10.007 1.00 12.38 ? 211  ILE A CA   1 
ATOM   878  C  C    . ILE A 1 113 ? 6.458   -6.072  -10.193 1.00 12.15 ? 211  ILE A C    1 
ATOM   879  O  O    . ILE A 1 113 ? 7.380   -5.383  -9.746  1.00 12.15 ? 211  ILE A O    1 
ATOM   880  C  CB   . ILE A 1 113 ? 6.231   -7.864  -8.524  1.00 12.58 ? 211  ILE A CB   1 
ATOM   881  C  CG1  . ILE A 1 113 ? 6.449   -9.346  -8.227  1.00 12.99 ? 211  ILE A CG1  1 
ATOM   882  C  CG2  . ILE A 1 113 ? 4.838   -7.392  -8.098  1.00 12.40 ? 211  ILE A CG2  1 
ATOM   883  C  CD1  . ILE A 1 113 ? 6.539   -9.656  -6.741  1.00 13.78 ? 211  ILE A CD1  1 
ATOM   884  N  N    . ASN A 1 114 ? 5.431   -5.558  -10.856 1.00 11.72 ? 212  ASN A N    1 
ATOM   885  C  CA   . ASN A 1 114 ? 5.351   -4.126  -11.083 1.00 11.90 ? 212  ASN A CA   1 
ATOM   886  C  C    . ASN A 1 114 ? 5.066   -3.445  -9.751  1.00 11.64 ? 212  ASN A C    1 
ATOM   887  O  O    . ASN A 1 114 ? 4.008   -3.645  -9.161  1.00 11.41 ? 212  ASN A O    1 
ATOM   888  C  CB   . ASN A 1 114 ? 4.289   -3.797  -12.124 1.00 12.51 ? 212  ASN A CB   1 
ATOM   889  C  CG   . ASN A 1 114 ? 4.241   -2.323  -12.448 1.00 13.97 ? 212  ASN A CG   1 
ATOM   890  O  OD1  . ASN A 1 114 ? 3.912   -1.498  -11.591 1.00 15.72 ? 212  ASN A OD1  1 
ATOM   891  N  ND2  . ASN A 1 114 ? 4.548   -1.979  -13.694 1.00 15.82 ? 212  ASN A ND2  1 
ATOM   892  N  N    . PHE A 1 115 ? 6.022   -2.657  -9.279  1.00 11.32 ? 213  PHE A N    1 
ATOM   893  C  CA   . PHE A 1 115 ? 5.899   -2.032  -7.970  1.00 11.25 ? 213  PHE A CA   1 
ATOM   894  C  C    . PHE A 1 115 ? 4.749   -1.029  -7.856  1.00 11.45 ? 213  PHE A C    1 
ATOM   895  O  O    . PHE A 1 115 ? 4.059   -0.987  -6.838  1.00 11.45 ? 213  PHE A O    1 
ATOM   896  C  CB   . PHE A 1 115 ? 7.223   -1.394  -7.531  1.00 11.29 ? 213  PHE A CB   1 
ATOM   897  C  CG   . PHE A 1 115 ? 7.153   -0.781  -6.166  1.00 10.66 ? 213  PHE A CG   1 
ATOM   898  C  CD1  . PHE A 1 115 ? 7.102   -1.585  -5.043  1.00 11.25 ? 213  PHE A CD1  1 
ATOM   899  C  CD2  . PHE A 1 115 ? 7.101   0.598   -6.007  1.00 11.56 ? 213  PHE A CD2  1 
ATOM   900  C  CE1  . PHE A 1 115 ? 7.006   -1.029  -3.769  1.00 11.57 ? 213  PHE A CE1  1 
ATOM   901  C  CE2  . PHE A 1 115 ? 7.013   1.161   -4.744  1.00 11.11 ? 213  PHE A CE2  1 
ATOM   902  C  CZ   . PHE A 1 115 ? 6.967   0.341   -3.625  1.00 11.61 ? 213  PHE A CZ   1 
ATOM   903  N  N    . LEU A 1 116 ? 4.542   -0.219  -8.887  1.00 11.24 ? 214  LEU A N    1 
ATOM   904  C  CA   . LEU A 1 116 ? 3.452   0.757   -8.835  1.00 11.40 ? 214  LEU A CA   1 
ATOM   905  C  C    . LEU A 1 116 ? 2.101   0.092   -8.585  1.00 11.54 ? 214  LEU A C    1 
ATOM   906  O  O    . LEU A 1 116 ? 1.328   0.553   -7.746  1.00 11.55 ? 214  LEU A O    1 
ATOM   907  C  CB   . LEU A 1 116 ? 3.385   1.586   -10.115 1.00 11.80 ? 214  LEU A CB   1 
ATOM   908  C  CG   . LEU A 1 116 ? 2.212   2.570   -10.157 1.00 12.67 ? 214  LEU A CG   1 
ATOM   909  C  CD1  . LEU A 1 116 ? 2.280   3.594   -9.024  1.00 13.14 ? 214  LEU A CD1  1 
ATOM   910  C  CD2  . LEU A 1 116 ? 2.131   3.258   -11.511 1.00 14.49 ? 214  LEU A CD2  1 
ATOM   911  N  N    . TYR A 1 117 ? 1.816   -0.981  -9.317  1.00 11.75 ? 215  TYR A N    1 
ATOM   912  C  CA   . TYR A 1 117 ? 0.539   -1.662  -9.158  1.00 12.11 ? 215  TYR A CA   1 
ATOM   913  C  C    . TYR A 1 117 ? 0.454   -2.296  -7.778  1.00 11.68 ? 215  TYR A C    1 
ATOM   914  O  O    . TYR A 1 117 ? -0.571  -2.201  -7.100  1.00 11.51 ? 215  TYR A O    1 
ATOM   915  C  CB   . TYR A 1 117 ? 0.310   -2.727  -10.241 1.00 12.67 ? 215  TYR A CB   1 
ATOM   916  C  CG   . TYR A 1 117 ? 0.629   -2.286  -11.656 1.00 15.62 ? 215  TYR A CG   1 
ATOM   917  C  CD1  . TYR A 1 117 ? 0.404   -0.980  -12.073 1.00 18.61 ? 215  TYR A CD1  1 
ATOM   918  C  CD2  . TYR A 1 117 ? 1.101   -3.199  -12.593 1.00 18.06 ? 215  TYR A CD2  1 
ATOM   919  C  CE1  . TYR A 1 117 ? 0.692   -0.584  -13.372 1.00 20.53 ? 215  TYR A CE1  1 
ATOM   920  C  CE2  . TYR A 1 117 ? 1.380   -2.817  -13.897 1.00 20.40 ? 215  TYR A CE2  1 
ATOM   921  C  CZ   . TYR A 1 117 ? 1.172   -1.510  -14.280 1.00 20.83 ? 215  TYR A CZ   1 
ATOM   922  O  OH   . TYR A 1 117 ? 1.447   -1.128  -15.576 1.00 23.82 ? 215  TYR A OH   1 
ATOM   923  N  N    . ALA A 1 118 ? 1.531   -2.953  -7.361  1.00 11.20 ? 216  ALA A N    1 
ATOM   924  C  CA   . ALA A 1 118 ? 1.538   -3.602  -6.059  1.00 10.95 ? 216  ALA A CA   1 
ATOM   925  C  C    . ALA A 1 118 ? 1.380   -2.584  -4.937  1.00 10.56 ? 216  ALA A C    1 
ATOM   926  O  O    . ALA A 1 118 ? 0.654   -2.829  -3.984  1.00 11.06 ? 216  ALA A O    1 
ATOM   927  C  CB   . ALA A 1 118 ? 2.806   -4.415  -5.868  1.00 11.01 ? 216  ALA A CB   1 
ATOM   928  N  N    . ALA A 1 119 ? 2.063   -1.451  -5.059  1.00 10.40 ? 217  ALA A N    1 
ATOM   929  C  CA   . ALA A 1 119 ? 2.000   -0.405  -4.042  1.00 10.02 ? 217  ALA A CA   1 
ATOM   930  C  C    . ALA A 1 119 ? 0.610   0.222   -3.979  1.00 9.89  ? 217  ALA A C    1 
ATOM   931  O  O    . ALA A 1 119 ? 0.119   0.550   -2.908  1.00 10.38 ? 217  ALA A O    1 
ATOM   932  C  CB   . ALA A 1 119 ? 3.050   0.667   -4.316  1.00 10.20 ? 217  ALA A CB   1 
ATOM   933  N  N    . THR A 1 120 ? -0.032  0.384   -5.131  1.00 9.94  ? 218  THR A N    1 
ATOM   934  C  CA   . THR A 1 120 ? -1.363  0.990   -5.160  1.00 9.50  ? 218  THR A CA   1 
ATOM   935  C  C    . THR A 1 120 ? -2.366  0.068   -4.446  1.00 9.59  ? 218  THR A C    1 
ATOM   936  O  O    . THR A 1 120 ? -3.234  0.526   -3.687  1.00 9.84  ? 218  THR A O    1 
ATOM   937  C  CB   . THR A 1 120 ? -1.794  1.320   -6.600  1.00 9.36  ? 218  THR A CB   1 
ATOM   938  O  OG1  . THR A 1 120 ? -0.834  2.218   -7.185  1.00 10.42 ? 218  THR A OG1  1 
ATOM   939  C  CG2  . THR A 1 120 ? -3.163  1.985   -6.600  1.00 9.74  ? 218  THR A CG2  1 
ATOM   940  N  N    . HIS A 1 121 ? -2.219  -1.235  -4.680  1.00 9.07  ? 219  HIS A N    1 
ATOM   941  C  CA   . HIS A 1 121 ? -3.045  -2.246  -4.021  1.00 9.03  ? 219  HIS A CA   1 
ATOM   942  C  C    . HIS A 1 121 ? -2.769  -2.241  -2.518  1.00 9.21  ? 219  HIS A C    1 
ATOM   943  O  O    . HIS A 1 121 ? -3.689  -2.112  -1.714  1.00 8.61  ? 219  HIS A O    1 
ATOM   944  C  CB   . HIS A 1 121 ? -2.745  -3.636  -4.600  1.00 9.12  ? 219  HIS A CB   1 
ATOM   945  C  CG   . HIS A 1 121 ? -3.505  -4.750  -3.945  1.00 9.93  ? 219  HIS A CG   1 
ATOM   946  N  ND1  . HIS A 1 121 ? -4.677  -5.257  -4.465  1.00 9.68  ? 219  HIS A ND1  1 
ATOM   947  C  CD2  . HIS A 1 121 ? -3.244  -5.469  -2.831  1.00 9.47  ? 219  HIS A CD2  1 
ATOM   948  C  CE1  . HIS A 1 121 ? -5.112  -6.235  -3.688  1.00 10.35 ? 219  HIS A CE1  1 
ATOM   949  N  NE2  . HIS A 1 121 ? -4.262  -6.382  -2.688  1.00 10.57 ? 219  HIS A NE2  1 
ATOM   950  N  N    . GLU A 1 122 ? -1.504  -2.383  -2.138  1.00 9.45  ? 220  GLU A N    1 
ATOM   951  C  CA   . GLU A 1 122 ? -1.149  -2.402  -0.715  1.00 10.71 ? 220  GLU A CA   1 
ATOM   952  C  C    . GLU A 1 122 ? -1.582  -1.134  0.013   1.00 10.69 ? 220  GLU A C    1 
ATOM   953  O  O    . GLU A 1 122 ? -2.089  -1.190  1.135   1.00 10.43 ? 220  GLU A O    1 
ATOM   954  C  CB   . GLU A 1 122 ? 0.355   -2.618  -0.520  1.00 11.60 ? 220  GLU A CB   1 
ATOM   955  C  CG   . GLU A 1 122 ? 0.866   -3.945  -1.076  1.00 14.83 ? 220  GLU A CG   1 
ATOM   956  C  CD   . GLU A 1 122 ? 0.190   -5.157  -0.455  1.00 19.07 ? 220  GLU A CD   1 
ATOM   957  O  OE1  . GLU A 1 122 ? 0.121   -5.246  0.791   1.00 19.88 ? 220  GLU A OE1  1 
ATOM   958  O  OE2  . GLU A 1 122 ? -0.246  -6.045  -1.219  1.00 23.18 ? 220  GLU A OE2  1 
ATOM   959  N  N    . LEU A 1 123 ? -1.368  0.017   -0.613  1.00 10.36 ? 221  LEU A N    1 
ATOM   960  C  CA   . LEU A 1 123 ? -1.732  1.272   0.030   1.00 10.83 ? 221  LEU A CA   1 
ATOM   961  C  C    . LEU A 1 123 ? -3.247  1.404   0.142   1.00 10.56 ? 221  LEU A C    1 
ATOM   962  O  O    . LEU A 1 123 ? -3.746  2.100   1.024   1.00 10.69 ? 221  LEU A O    1 
ATOM   963  C  CB   . LEU A 1 123 ? -1.061  2.467   -0.649  1.00 11.13 ? 221  LEU A CB   1 
ATOM   964  C  CG   . LEU A 1 123 ? 0.454   2.439   -0.396  1.00 12.15 ? 221  LEU A CG   1 
ATOM   965  C  CD1  . LEU A 1 123 ? 1.193   3.479   -1.213  1.00 13.46 ? 221  LEU A CD1  1 
ATOM   966  C  CD2  . LEU A 1 123 ? 0.781   2.583   1.099   1.00 13.56 ? 221  LEU A CD2  1 
ATOM   967  N  N    . GLY A 1 124 ? -3.973  0.722   -0.738  1.00 10.13 ? 222  GLY A N    1 
ATOM   968  C  CA   . GLY A 1 124 ? -5.428  0.671   -0.635  1.00 9.78  ? 222  GLY A CA   1 
ATOM   969  C  C    . GLY A 1 124 ? -5.752  0.062   0.725   1.00 9.45  ? 222  GLY A C    1 
ATOM   970  O  O    . GLY A 1 124 ? -6.587  0.573   1.463   1.00 9.66  ? 222  GLY A O    1 
ATOM   971  N  N    . HIS A 1 125 ? -5.072  -1.026  1.075   1.00 9.14  ? 223  HIS A N    1 
ATOM   972  C  CA   . HIS A 1 125 ? -5.276  -1.638  2.377   1.00 9.53  ? 223  HIS A CA   1 
ATOM   973  C  C    . HIS A 1 125 ? -4.913  -0.661  3.493   1.00 9.10  ? 223  HIS A C    1 
ATOM   974  O  O    . HIS A 1 125 ? -5.625  -0.555  4.486   1.00 10.19 ? 223  HIS A O    1 
ATOM   975  C  CB   . HIS A 1 125 ? -4.426  -2.903  2.554   1.00 9.41  ? 223  HIS A CB   1 
ATOM   976  C  CG   . HIS A 1 125 ? -4.828  -4.052  1.684   1.00 10.52 ? 223  HIS A CG   1 
ATOM   977  N  ND1  . HIS A 1 125 ? -6.118  -4.532  1.628   1.00 12.76 ? 223  HIS A ND1  1 
ATOM   978  C  CD2  . HIS A 1 125 ? -4.086  -4.880  0.909   1.00 12.12 ? 223  HIS A CD2  1 
ATOM   979  C  CE1  . HIS A 1 125 ? -6.164  -5.574  0.816   1.00 13.21 ? 223  HIS A CE1  1 
ATOM   980  N  NE2  . HIS A 1 125 ? -4.943  -5.806  0.369   1.00 11.28 ? 223  HIS A NE2  1 
ATOM   981  N  N    . SER A 1 126 ? -3.793  0.045   3.331   1.00 9.13  ? 224  SER A N    1 
ATOM   982  C  CA   . SER A 1 126 ? -3.327  0.994   4.347   1.00 8.88  ? 224  SER A CA   1 
ATOM   983  C  C    . SER A 1 126 ? -4.347  2.077   4.629   1.00 9.31  ? 224  SER A C    1 
ATOM   984  O  O    . SER A 1 126 ? -4.329  2.683   5.693   1.00 9.47  ? 224  SER A O    1 
ATOM   985  C  CB   . SER A 1 126 ? -2.018  1.652   3.908   1.00 8.85  ? 224  SER A CB   1 
ATOM   986  O  OG   . SER A 1 126 ? -0.986  0.687   3.766   1.00 9.91  ? 224  SER A OG   1 
ATOM   987  N  N    . LEU A 1 127 ? -5.229  2.316   3.663   1.00 9.58  ? 225  LEU A N    1 
ATOM   988  C  CA   . LEU A 1 127 ? -6.268  3.337   3.795   1.00 10.25 ? 225  LEU A CA   1 
ATOM   989  C  C    . LEU A 1 127 ? -7.608  2.771   4.264   1.00 10.48 ? 225  LEU A C    1 
ATOM   990  O  O    . LEU A 1 127 ? -8.537  3.532   4.579   1.00 11.19 ? 225  LEU A O    1 
ATOM   991  C  CB   . LEU A 1 127 ? -6.438  4.102   2.470   1.00 10.33 ? 225  LEU A CB   1 
ATOM   992  C  CG   . LEU A 1 127 ? -5.196  4.841   1.965   1.00 10.87 ? 225  LEU A CG   1 
ATOM   993  C  CD1  . LEU A 1 127 ? -5.469  5.492   0.619   1.00 11.08 ? 225  LEU A CD1  1 
ATOM   994  C  CD2  . LEU A 1 127 ? -4.722  5.874   2.982   1.00 12.23 ? 225  LEU A CD2  1 
ATOM   995  N  N    . GLY A 1 128 ? -7.716  1.446   4.317   1.00 10.61 ? 226  GLY A N    1 
ATOM   996  C  CA   . GLY A 1 128 ? -8.949  0.811   4.795   1.00 11.27 ? 226  GLY A CA   1 
ATOM   997  C  C    . GLY A 1 128 ? -9.721  -0.036  3.801   1.00 12.02 ? 226  GLY A C    1 
ATOM   998  O  O    . GLY A 1 128 ? -10.798 -0.539  4.121   1.00 11.97 ? 226  GLY A O    1 
ATOM   999  N  N    . MET A 1 129 ? -9.183  -0.215  2.597   1.00 12.38 ? 227  MET A N    1 
ATOM   1000 C  CA   . MET A 1 129 ? -9.846  -1.046  1.598   1.00 13.19 ? 227  MET A CA   1 
ATOM   1001 C  C    . MET A 1 129 ? -9.507  -2.515  1.791   1.00 13.45 ? 227  MET A C    1 
ATOM   1002 O  O    . MET A 1 129 ? -8.368  -2.865  2.092   1.00 13.39 ? 227  MET A O    1 
ATOM   1003 C  CB   . MET A 1 129 ? -9.418  -0.648  0.181   1.00 13.63 ? 227  MET A CB   1 
ATOM   1004 C  CG   . MET A 1 129 ? -9.680  0.790   -0.185  1.00 15.04 ? 227  MET A CG   1 
ATOM   1005 S  SD   . MET A 1 129 ? -11.437 1.150   -0.319  1.00 17.32 ? 227  MET A SD   1 
ATOM   1006 C  CE   . MET A 1 129 ? -11.896 0.177   -1.750  1.00 18.28 ? 227  MET A CE   1 
ATOM   1007 N  N    . GLY A 1 130 ? -10.506 -3.372  1.614   1.00 13.65 ? 228  GLY A N    1 
ATOM   1008 C  CA   . GLY A 1 130 ? -10.299 -4.813  1.655   1.00 14.00 ? 228  GLY A CA   1 
ATOM   1009 C  C    . GLY A 1 130 ? -10.227 -5.266  0.207   1.00 14.52 ? 228  GLY A C    1 
ATOM   1010 O  O    . GLY A 1 130 ? -10.127 -4.432  -0.693  1.00 14.81 ? 228  GLY A O    1 
ATOM   1011 N  N    . HIS A 1 131 ? -10.275 -6.572  -0.035  1.00 14.89 ? 229  HIS A N    1 
ATOM   1012 C  CA   . HIS A 1 131 ? -10.232 -7.071  -1.409  1.00 15.37 ? 229  HIS A CA   1 
ATOM   1013 C  C    . HIS A 1 131 ? -11.595 -6.963  -2.101  1.00 15.66 ? 229  HIS A C    1 
ATOM   1014 O  O    . HIS A 1 131 ? -12.642 -7.046  -1.459  1.00 16.08 ? 229  HIS A O    1 
ATOM   1015 C  CB   . HIS A 1 131 ? -9.693  -8.510  -1.482  1.00 15.63 ? 229  HIS A CB   1 
ATOM   1016 C  CG   . HIS A 1 131 ? -8.235  -8.631  -1.154  1.00 15.65 ? 229  HIS A CG   1 
ATOM   1017 N  ND1  . HIS A 1 131 ? -7.718  -9.675  -0.417  1.00 16.18 ? 229  HIS A ND1  1 
ATOM   1018 C  CD2  . HIS A 1 131 ? -7.191  -7.818  -1.437  1.00 14.42 ? 229  HIS A CD2  1 
ATOM   1019 C  CE1  . HIS A 1 131 ? -6.412  -9.516  -0.286  1.00 16.05 ? 229  HIS A CE1  1 
ATOM   1020 N  NE2  . HIS A 1 131 ? -6.068  -8.389  -0.886  1.00 11.49 ? 229  HIS A NE2  1 
ATOM   1021 N  N    . SER A 1 132 ? -11.571 -6.769  -3.415  1.00 15.67 ? 230  SER A N    1 
ATOM   1022 C  CA   . SER A 1 132 ? -12.794 -6.650  -4.202  1.00 15.97 ? 230  SER A CA   1 
ATOM   1023 C  C    . SER A 1 132 ? -13.121 -7.962  -4.909  1.00 16.09 ? 230  SER A C    1 
ATOM   1024 O  O    . SER A 1 132 ? -12.235 -8.784  -5.136  1.00 16.18 ? 230  SER A O    1 
ATOM   1025 C  CB   . SER A 1 132 ? -12.625 -5.544  -5.252  1.00 15.72 ? 230  SER A CB   1 
ATOM   1026 O  OG   . SER A 1 132 ? -13.742 -5.472  -6.125  1.00 16.03 ? 230  SER A OG   1 
ATOM   1027 N  N    . SER A 1 133 ? -14.398 -8.153  -5.240  1.00 16.55 ? 231  SER A N    1 
ATOM   1028 C  CA   . SER A 1 133 ? -14.829 -9.327  -5.991  1.00 16.95 ? 231  SER A CA   1 
ATOM   1029 C  C    . SER A 1 133 ? -14.874 -8.991  -7.482  1.00 17.00 ? 231  SER A C    1 
ATOM   1030 O  O    . SER A 1 133 ? -15.165 -9.850  -8.315  1.00 17.18 ? 231  SER A O    1 
ATOM   1031 C  CB   . SER A 1 133 ? -16.204 -9.809  -5.515  1.00 16.90 ? 231  SER A CB   1 
ATOM   1032 O  OG   . SER A 1 133 ? -17.182 -8.801  -5.691  1.00 18.38 ? 231  SER A OG   1 
ATOM   1033 N  N    . ASP A 1 134 ? -14.573 -7.736  -7.809  1.00 16.54 ? 232  ASP A N    1 
ATOM   1034 C  CA   . ASP A 1 134 ? -14.569 -7.248  -9.185  1.00 16.80 ? 232  ASP A CA   1 
ATOM   1035 C  C    . ASP A 1 134 ? -13.163 -7.352  -9.791  1.00 16.63 ? 232  ASP A C    1 
ATOM   1036 O  O    . ASP A 1 134 ? -12.249 -6.645  -9.369  1.00 16.08 ? 232  ASP A O    1 
ATOM   1037 C  CB   . ASP A 1 134 ? -15.048 -5.791  -9.196  1.00 16.82 ? 232  ASP A CB   1 
ATOM   1038 C  CG   . ASP A 1 134 ? -15.196 -5.222  -10.596 1.00 17.25 ? 232  ASP A CG   1 
ATOM   1039 O  OD1  . ASP A 1 134 ? -14.607 -5.776  -11.549 1.00 18.45 ? 232  ASP A OD1  1 
ATOM   1040 O  OD2  . ASP A 1 134 ? -15.909 -4.204  -10.735 1.00 18.18 ? 232  ASP A OD2  1 
ATOM   1041 N  N    . PRO A 1 135 ? -12.986 -8.239  -10.784 1.00 16.53 ? 233  PRO A N    1 
ATOM   1042 C  CA   . PRO A 1 135 ? -11.685 -8.449  -11.427 1.00 16.52 ? 233  PRO A CA   1 
ATOM   1043 C  C    . PRO A 1 135 ? -11.052 -7.185  -12.023 1.00 16.53 ? 233  PRO A C    1 
ATOM   1044 O  O    . PRO A 1 135 ? -9.844  -7.155  -12.242 1.00 16.98 ? 233  PRO A O    1 
ATOM   1045 C  CB   . PRO A 1 135 ? -11.997 -9.468  -12.531 1.00 16.69 ? 233  PRO A CB   1 
ATOM   1046 C  CG   . PRO A 1 135 ? -13.208 -10.194 -12.030 1.00 16.65 ? 233  PRO A CG   1 
ATOM   1047 C  CD   . PRO A 1 135 ? -14.019 -9.141  -11.329 1.00 16.41 ? 233  PRO A CD   1 
ATOM   1048 N  N    . ASN A 1 136 ? -11.856 -6.161  -12.292 1.00 16.53 ? 234  ASN A N    1 
ATOM   1049 C  CA   . ASN A 1 136 ? -11.341 -4.906  -12.836 1.00 16.66 ? 234  ASN A CA   1 
ATOM   1050 C  C    . ASN A 1 136 ? -10.705 -4.023  -11.769 1.00 16.11 ? 234  ASN A C    1 
ATOM   1051 O  O    . ASN A 1 136 ? -9.947  -3.101  -12.087 1.00 16.38 ? 234  ASN A O    1 
ATOM   1052 C  CB   . ASN A 1 136 ? -12.467 -4.106  -13.488 1.00 17.12 ? 234  ASN A CB   1 
ATOM   1053 C  CG   . ASN A 1 136 ? -12.957 -4.721  -14.775 1.00 18.58 ? 234  ASN A CG   1 
ATOM   1054 O  OD1  . ASN A 1 136 ? -12.184 -5.308  -15.535 1.00 21.46 ? 234  ASN A OD1  1 
ATOM   1055 N  ND2  . ASN A 1 136 ? -14.246 -4.562  -15.046 1.00 21.19 ? 234  ASN A ND2  1 
ATOM   1056 N  N    . ALA A 1 137 ? -11.017 -4.304  -10.509 1.00 15.12 ? 235  ALA A N    1 
ATOM   1057 C  CA   . ALA A 1 137 ? -10.548 -3.477  -9.399  1.00 14.71 ? 235  ALA A CA   1 
ATOM   1058 C  C    . ALA A 1 137 ? -9.083  -3.691  -9.034  1.00 14.38 ? 235  ALA A C    1 
ATOM   1059 O  O    . ALA A 1 137 ? -8.584  -4.811  -9.065  1.00 14.19 ? 235  ALA A O    1 
ATOM   1060 C  CB   . ALA A 1 137 ? -11.432 -3.697  -8.172  1.00 14.59 ? 235  ALA A CB   1 
ATOM   1061 N  N    . VAL A 1 138 ? -8.395  -2.607  -8.680  1.00 13.82 ? 236  VAL A N    1 
ATOM   1062 C  CA   . VAL A 1 138 ? -7.010  -2.716  -8.245  1.00 13.69 ? 236  VAL A CA   1 
ATOM   1063 C  C    . VAL A 1 138 ? -6.962  -3.550  -6.963  1.00 13.27 ? 236  VAL A C    1 
ATOM   1064 O  O    . VAL A 1 138 ? -5.964  -4.209  -6.677  1.00 13.04 ? 236  VAL A O    1 
ATOM   1065 C  CB   . VAL A 1 138 ? -6.374  -1.328  -8.006  1.00 13.85 ? 236  VAL A CB   1 
ATOM   1066 C  CG1  . VAL A 1 138 ? -4.983  -1.466  -7.406  1.00 15.01 ? 236  VAL A CG1  1 
ATOM   1067 C  CG2  . VAL A 1 138 ? -6.326  -0.541  -9.310  1.00 14.23 ? 236  VAL A CG2  1 
ATOM   1068 N  N    . MET A 1 139 ? -8.068  -3.549  -6.218  1.00 13.04 ? 237  MET A N    1 
ATOM   1069 C  CA   . MET A 1 139 ? -8.148  -4.290  -4.955  1.00 13.53 ? 237  MET A CA   1 
ATOM   1070 C  C    . MET A 1 139 ? -8.552  -5.764  -5.110  1.00 13.97 ? 237  MET A C    1 
ATOM   1071 O  O    . MET A 1 139 ? -8.762  -6.464  -4.123  1.00 13.86 ? 237  MET A O    1 
ATOM   1072 C  CB   . MET A 1 139 ? -9.052  -3.564  -3.952  1.00 13.04 ? 237  MET A CB   1 
ATOM   1073 C  CG   . MET A 1 139 ? -8.564  -2.163  -3.587  1.00 12.81 ? 237  MET A CG   1 
ATOM   1074 S  SD   . MET A 1 139 ? -6.862  -2.143  -2.970  1.00 10.95 ? 237  MET A SD   1 
ATOM   1075 C  CE   . MET A 1 139 ? -6.962  -3.290  -1.600  1.00 12.57 ? 237  MET A CE   1 
ATOM   1076 N  N    . TYR A 1 140 ? -8.662  -6.227  -6.351  1.00 15.19 ? 238  TYR A N    1 
ATOM   1077 C  CA   . TYR A 1 140 ? -8.951  -7.633  -6.600  1.00 16.49 ? 238  TYR A CA   1 
ATOM   1078 C  C    . TYR A 1 140 ? -7.781  -8.396  -5.977  1.00 17.68 ? 238  TYR A C    1 
ATOM   1079 O  O    . TYR A 1 140 ? -6.640  -7.922  -6.015  1.00 17.42 ? 238  TYR A O    1 
ATOM   1080 C  CB   . TYR A 1 140 ? -9.073  -7.884  -8.106  1.00 16.43 ? 238  TYR A CB   1 
ATOM   1081 C  CG   . TYR A 1 140 ? -9.640  -9.234  -8.481  1.00 16.89 ? 238  TYR A CG   1 
ATOM   1082 C  CD1  . TYR A 1 140 ? -10.953 -9.562  -8.174  1.00 17.42 ? 238  TYR A CD1  1 
ATOM   1083 C  CD2  . TYR A 1 140 ? -8.878  -10.156 -9.183  1.00 17.36 ? 238  TYR A CD2  1 
ATOM   1084 C  CE1  . TYR A 1 140 ? -11.483 -10.793 -8.529  1.00 18.44 ? 238  TYR A CE1  1 
ATOM   1085 C  CE2  . TYR A 1 140 ? -9.397  -11.386 -9.547  1.00 18.18 ? 238  TYR A CE2  1 
ATOM   1086 C  CZ   . TYR A 1 140 ? -10.698 -11.696 -9.218  1.00 19.27 ? 238  TYR A CZ   1 
ATOM   1087 O  OH   . TYR A 1 140 ? -11.213 -12.922 -9.578  1.00 21.36 ? 238  TYR A OH   1 
ATOM   1088 N  N    . PRO A 1 141 ? -8.056  -9.568  -5.383  1.00 18.89 ? 239  PRO A N    1 
ATOM   1089 C  CA   . PRO A 1 141 ? -7.055  -10.358 -4.656  1.00 20.43 ? 239  PRO A CA   1 
ATOM   1090 C  C    . PRO A 1 141 ? -5.834  -10.785 -5.460  1.00 21.97 ? 239  PRO A C    1 
ATOM   1091 O  O    . PRO A 1 141 ? -4.768  -11.006 -4.885  1.00 22.47 ? 239  PRO A O    1 
ATOM   1092 C  CB   . PRO A 1 141 ? -7.838  -11.602 -4.207  1.00 20.51 ? 239  PRO A CB   1 
ATOM   1093 C  CG   . PRO A 1 141 ? -9.269  -11.211 -4.265  1.00 19.82 ? 239  PRO A CG   1 
ATOM   1094 C  CD   . PRO A 1 141 ? -9.386  -10.204 -5.365  1.00 19.05 ? 239  PRO A CD   1 
ATOM   1095 N  N    . THR A 1 142 ? -5.981  -10.910 -6.771  1.00 23.42 ? 240  THR A N    1 
ATOM   1096 C  CA   . THR A 1 142 ? -4.874  -11.365 -7.596  1.00 25.14 ? 240  THR A CA   1 
ATOM   1097 C  C    . THR A 1 142 ? -4.584  -10.417 -8.747  1.00 25.83 ? 240  THR A C    1 
ATOM   1098 O  O    . THR A 1 142 ? -5.418  -9.587  -9.111  1.00 26.07 ? 240  THR A O    1 
ATOM   1099 C  CB   . THR A 1 142 ? -5.177  -12.747 -8.191  1.00 25.29 ? 240  THR A CB   1 
ATOM   1100 O  OG1  . THR A 1 142 ? -6.294  -12.640 -9.079  1.00 25.98 ? 240  THR A OG1  1 
ATOM   1101 C  CG2  . THR A 1 142 ? -5.503  -13.746 -7.088  1.00 25.55 ? 240  THR A CG2  1 
ATOM   1102 N  N    . TYR A 1 143 ? -3.392  -10.551 -9.319  1.00 26.92 ? 241  TYR A N    1 
ATOM   1103 C  CA   . TYR A 1 143 ? -2.990  -9.738  -10.457 1.00 27.82 ? 241  TYR A CA   1 
ATOM   1104 C  C    . TYR A 1 143 ? -2.407  -10.610 -11.562 1.00 28.00 ? 241  TYR A C    1 
ATOM   1105 O  O    . TYR A 1 143 ? -2.822  -10.515 -12.718 1.00 28.75 ? 241  TYR A O    1 
ATOM   1106 C  CB   . TYR A 1 143 ? -1.977  -8.667  -10.051 1.00 28.21 ? 241  TYR A CB   1 
ATOM   1107 C  CG   . TYR A 1 143 ? -1.468  -7.875  -11.232 1.00 29.62 ? 241  TYR A CG   1 
ATOM   1108 C  CD1  . TYR A 1 143 ? -2.180  -6.788  -11.725 1.00 30.89 ? 241  TYR A CD1  1 
ATOM   1109 C  CD2  . TYR A 1 143 ? -0.287  -8.230  -11.874 1.00 30.91 ? 241  TYR A CD2  1 
ATOM   1110 C  CE1  . TYR A 1 143 ? -1.723  -6.069  -12.815 1.00 31.95 ? 241  TYR A CE1  1 
ATOM   1111 C  CE2  . TYR A 1 143 ? 0.178   -7.516  -12.964 1.00 32.21 ? 241  TYR A CE2  1 
ATOM   1112 C  CZ   . TYR A 1 143 ? -0.543  -6.436  -13.429 1.00 32.51 ? 241  TYR A CZ   1 
ATOM   1113 O  OH   . TYR A 1 143 ? -0.085  -5.725  -14.513 1.00 33.61 ? 241  TYR A OH   1 
ATOM   1114 C  C    . ASN A 1 150 ? -3.965  2.383   -17.408 1.00 26.78 ? 248  ASN A C    1 
ATOM   1115 O  O    . ASN A 1 150 ? -5.169  2.288   -17.156 1.00 27.33 ? 248  ASN A O    1 
ATOM   1116 N  N    . PHE A 1 151 ? -3.025  2.342   -16.470 1.00 26.43 ? 249  PHE A N    1 
ATOM   1117 C  CA   . PHE A 1 151 ? -3.324  1.909   -15.105 1.00 25.73 ? 249  PHE A CA   1 
ATOM   1118 C  C    . PHE A 1 151 ? -4.011  2.991   -14.272 1.00 25.27 ? 249  PHE A C    1 
ATOM   1119 O  O    . PHE A 1 151 ? -3.513  4.114   -14.152 1.00 25.29 ? 249  PHE A O    1 
ATOM   1120 C  CB   . PHE A 1 151 ? -2.055  1.434   -14.395 1.00 25.83 ? 249  PHE A CB   1 
ATOM   1121 C  CG   . PHE A 1 151 ? -2.273  1.082   -12.954 1.00 25.30 ? 249  PHE A CG   1 
ATOM   1122 C  CD1  . PHE A 1 151 ? -2.914  -0.094  -12.608 1.00 25.33 ? 249  PHE A CD1  1 
ATOM   1123 C  CD2  . PHE A 1 151 ? -1.841  1.929   -11.944 1.00 25.36 ? 249  PHE A CD2  1 
ATOM   1124 C  CE1  . PHE A 1 151 ? -3.123  -0.421  -11.280 1.00 25.49 ? 249  PHE A CE1  1 
ATOM   1125 C  CE2  . PHE A 1 151 ? -2.046  1.607   -10.615 1.00 24.80 ? 249  PHE A CE2  1 
ATOM   1126 C  CZ   . PHE A 1 151 ? -2.688  0.436   -10.282 1.00 24.79 ? 249  PHE A CZ   1 
ATOM   1127 N  N    . LYS A 1 152 ? -5.153  2.644   -13.688 1.00 24.55 ? 250  LYS A N    1 
ATOM   1128 C  CA   . LYS A 1 152 ? -5.898  3.587   -12.868 1.00 23.78 ? 250  LYS A CA   1 
ATOM   1129 C  C    . LYS A 1 152 ? -6.881  2.857   -11.966 1.00 23.07 ? 250  LYS A C    1 
ATOM   1130 O  O    . LYS A 1 152 ? -7.140  1.664   -12.145 1.00 22.64 ? 250  LYS A O    1 
ATOM   1131 C  CB   . LYS A 1 152 ? -6.658  4.579   -13.749 1.00 23.94 ? 250  LYS A CB   1 
ATOM   1132 C  CG   . LYS A 1 152 ? -7.735  3.940   -14.609 1.00 23.99 ? 250  LYS A CG   1 
ATOM   1133 N  N    . LEU A 1 153 ? -7.426  3.573   -10.989 1.00 22.33 ? 251  LEU A N    1 
ATOM   1134 C  CA   . LEU A 1 153 ? -8.410  2.981   -10.096 1.00 21.74 ? 251  LEU A CA   1 
ATOM   1135 C  C    . LEU A 1 153 ? -9.683  2.725   -10.888 1.00 21.35 ? 251  LEU A C    1 
ATOM   1136 O  O    . LEU A 1 153 ? -10.078 3.546   -11.713 1.00 21.36 ? 251  LEU A O    1 
ATOM   1137 C  CB   . LEU A 1 153 ? -8.715  3.921   -8.931  1.00 21.59 ? 251  LEU A CB   1 
ATOM   1138 C  CG   . LEU A 1 153 ? -7.546  4.343   -8.038  1.00 21.23 ? 251  LEU A CG   1 
ATOM   1139 C  CD1  . LEU A 1 153 ? -8.081  5.153   -6.876  1.00 21.43 ? 251  LEU A CD1  1 
ATOM   1140 C  CD2  . LEU A 1 153 ? -6.784  3.133   -7.529  1.00 21.09 ? 251  LEU A CD2  1 
ATOM   1141 N  N    . SER A 1 154 ? -10.326 1.587   -10.645 1.00 21.06 ? 252  SER A N    1 
ATOM   1142 C  CA   . SER A 1 154 ? -11.571 1.271   -11.340 1.00 20.67 ? 252  SER A CA   1 
ATOM   1143 C  C    . SER A 1 154 ? -12.736 1.977   -10.655 1.00 20.57 ? 252  SER A C    1 
ATOM   1144 O  O    . SER A 1 154 ? -12.568 2.577   -9.593  1.00 20.08 ? 252  SER A O    1 
ATOM   1145 C  CB   . SER A 1 154 ? -11.831 -0.234  -11.318 1.00 20.80 ? 252  SER A CB   1 
ATOM   1146 O  OG   . SER A 1 154 ? -12.140 -0.663  -10.005 1.00 20.37 ? 252  SER A OG   1 
ATOM   1147 N  N    . GLN A 1 155 ? -13.918 1.907   -11.260 1.00 20.63 ? 253  GLN A N    1 
ATOM   1148 C  CA   . GLN A 1 155 ? -15.093 2.501   -10.638 1.00 20.83 ? 253  GLN A CA   1 
ATOM   1149 C  C    . GLN A 1 155 ? -15.351 1.889   -9.261  1.00 20.05 ? 253  GLN A C    1 
ATOM   1150 O  O    . GLN A 1 155 ? -15.763 2.589   -8.339  1.00 19.94 ? 253  GLN A O    1 
ATOM   1151 C  CB   . GLN A 1 155 ? -16.343 2.369   -11.521 1.00 21.35 ? 253  GLN A CB   1 
ATOM   1152 C  CG   . GLN A 1 155 ? -16.376 3.314   -12.713 1.00 24.21 ? 253  GLN A CG   1 
ATOM   1153 C  CD   . GLN A 1 155 ? -17.729 3.327   -13.409 1.00 27.40 ? 253  GLN A CD   1 
ATOM   1154 O  OE1  . GLN A 1 155 ? -18.563 2.442   -13.195 1.00 29.62 ? 253  GLN A OE1  1 
ATOM   1155 N  NE2  . GLN A 1 155 ? -17.954 4.336   -14.242 1.00 29.41 ? 253  GLN A NE2  1 
ATOM   1156 N  N    . ASP A 1 156 ? -15.097 0.588   -9.122  1.00 19.61 ? 254  ASP A N    1 
ATOM   1157 C  CA   . ASP A 1 156 ? -15.317 -0.092  -7.842  1.00 19.00 ? 254  ASP A CA   1 
ATOM   1158 C  C    . ASP A 1 156 ? -14.397 0.441   -6.741  1.00 18.54 ? 254  ASP A C    1 
ATOM   1159 O  O    . ASP A 1 156 ? -14.830 0.651   -5.605  1.00 18.24 ? 254  ASP A O    1 
ATOM   1160 C  CB   . ASP A 1 156 ? -15.118 -1.604  -7.971  1.00 19.29 ? 254  ASP A CB   1 
ATOM   1161 C  CG   . ASP A 1 156 ? -15.462 -2.337  -6.693  1.00 20.12 ? 254  ASP A CG   1 
ATOM   1162 O  OD1  . ASP A 1 156 ? -16.629 -2.230  -6.253  1.00 20.06 ? 254  ASP A OD1  1 
ATOM   1163 O  OD2  . ASP A 1 156 ? -14.577 -3.028  -6.137  1.00 21.28 ? 254  ASP A OD2  1 
ATOM   1164 N  N    . ASP A 1 157 ? -13.125 0.638   -7.080  1.00 17.66 ? 255  ASP A N    1 
ATOM   1165 C  CA   . ASP A 1 157 ? -12.144 1.164   -6.134  1.00 16.91 ? 255  ASP A CA   1 
ATOM   1166 C  C    . ASP A 1 157 ? -12.551 2.550   -5.653  1.00 16.55 ? 255  ASP A C    1 
ATOM   1167 O  O    . ASP A 1 157 ? -12.489 2.850   -4.463  1.00 15.92 ? 255  ASP A O    1 
ATOM   1168 C  CB   . ASP A 1 157 ? -10.776 1.267   -6.804  1.00 16.84 ? 255  ASP A CB   1 
ATOM   1169 C  CG   . ASP A 1 157 ? -10.210 -0.081  -7.209  1.00 16.68 ? 255  ASP A CG   1 
ATOM   1170 O  OD1  . ASP A 1 157 ? -10.193 -1.012  -6.371  1.00 16.38 ? 255  ASP A OD1  1 
ATOM   1171 O  OD2  . ASP A 1 157 ? -9.745  -0.194  -8.364  1.00 17.27 ? 255  ASP A OD2  1 
ATOM   1172 N  N    . ILE A 1 158 ? -12.953 3.395   -6.597  1.00 16.34 ? 256  ILE A N    1 
ATOM   1173 C  CA   . ILE A 1 158 ? -13.392 4.761   -6.305  1.00 16.59 ? 256  ILE A CA   1 
ATOM   1174 C  C    . ILE A 1 158 ? -14.650 4.782   -5.433  1.00 16.57 ? 256  ILE A C    1 
ATOM   1175 O  O    . ILE A 1 158 ? -14.711 5.493   -4.426  1.00 16.13 ? 256  ILE A O    1 
ATOM   1176 C  CB   . ILE A 1 158 ? -13.625 5.539   -7.614  1.00 16.76 ? 256  ILE A CB   1 
ATOM   1177 C  CG1  . ILE A 1 158 ? -12.293 5.705   -8.355  1.00 17.43 ? 256  ILE A CG1  1 
ATOM   1178 C  CG2  . ILE A 1 158 ? -14.262 6.893   -7.332  1.00 16.98 ? 256  ILE A CG2  1 
ATOM   1179 C  CD1  . ILE A 1 158 ? -12.415 6.341   -9.719  1.00 18.19 ? 256  ILE A CD1  1 
ATOM   1180 N  N    . LYS A 1 159 ? -15.643 3.990   -5.817  1.00 16.78 ? 257  LYS A N    1 
ATOM   1181 C  CA   . LYS A 1 159 ? -16.875 3.892   -5.052  1.00 16.96 ? 257  LYS A CA   1 
ATOM   1182 C  C    . LYS A 1 159 ? -16.564 3.504   -3.609  1.00 16.43 ? 257  LYS A C    1 
ATOM   1183 O  O    . LYS A 1 159 ? -17.071 4.110   -2.659  1.00 16.48 ? 257  LYS A O    1 
ATOM   1184 C  CB   . LYS A 1 159 ? -17.786 2.840   -5.690  1.00 17.49 ? 257  LYS A CB   1 
ATOM   1185 C  CG   . LYS A 1 159 ? -19.122 2.646   -5.000  1.00 19.57 ? 257  LYS A CG   1 
ATOM   1186 C  CD   . LYS A 1 159 ? -19.888 1.512   -5.667  1.00 23.16 ? 257  LYS A CD   1 
ATOM   1187 C  CE   . LYS A 1 159 ? -21.193 1.230   -4.950  1.00 25.28 ? 257  LYS A CE   1 
ATOM   1188 N  NZ   . LYS A 1 159 ? -21.870 0.015   -5.501  1.00 27.04 ? 257  LYS A NZ   1 
ATOM   1189 N  N    . GLY A 1 160 ? -15.712 2.496   -3.453  1.00 15.73 ? 258  GLY A N    1 
ATOM   1190 C  CA   . GLY A 1 160 ? -15.342 1.996   -2.137  1.00 15.71 ? 258  GLY A CA   1 
ATOM   1191 C  C    . GLY A 1 160 ? -14.616 2.993   -1.258  1.00 15.60 ? 258  GLY A C    1 
ATOM   1192 O  O    . GLY A 1 160 ? -14.984 3.187   -0.099  1.00 15.77 ? 258  GLY A O    1 
ATOM   1193 N  N    . ILE A 1 161 ? -13.587 3.639   -1.800  1.00 15.23 ? 259  ILE A N    1 
ATOM   1194 C  CA   . ILE A 1 161 ? -12.807 4.583   -1.002  1.00 15.27 ? 259  ILE A CA   1 
ATOM   1195 C  C    . ILE A 1 161 ? -13.649 5.802   -0.627  1.00 15.37 ? 259  ILE A C    1 
ATOM   1196 O  O    . ILE A 1 161 ? -13.548 6.320   0.482   1.00 15.18 ? 259  ILE A O    1 
ATOM   1197 C  CB   . ILE A 1 161 ? -11.497 5.018   -1.718  1.00 15.28 ? 259  ILE A CB   1 
ATOM   1198 C  CG1  . ILE A 1 161 ? -10.502 5.640   -0.726  1.00 15.47 ? 259  ILE A CG1  1 
ATOM   1199 C  CG2  . ILE A 1 161 ? -11.792 5.908   -2.930  1.00 15.12 ? 259  ILE A CG2  1 
ATOM   1200 C  CD1  . ILE A 1 161 ? -9.862  4.628   0.202   1.00 16.46 ? 259  ILE A CD1  1 
ATOM   1201 N  N    . GLN A 1 162 ? -14.497 6.244   -1.553  1.00 15.74 ? 260  GLN A N    1 
ATOM   1202 C  CA   . GLN A 1 162 ? -15.364 7.388   -1.284  1.00 16.51 ? 260  GLN A CA   1 
ATOM   1203 C  C    . GLN A 1 162 ? -16.458 7.047   -0.285  1.00 16.77 ? 260  GLN A C    1 
ATOM   1204 O  O    . GLN A 1 162 ? -16.913 7.907   0.463   1.00 16.80 ? 260  GLN A O    1 
ATOM   1205 C  CB   . GLN A 1 162 ? -15.943 7.948   -2.581  1.00 16.47 ? 260  GLN A CB   1 
ATOM   1206 C  CG   . GLN A 1 162 ? -14.875 8.600   -3.453  1.00 17.12 ? 260  GLN A CG   1 
ATOM   1207 C  CD   . GLN A 1 162 ? -15.436 9.262   -4.692  1.00 18.68 ? 260  GLN A CD   1 
ATOM   1208 O  OE1  . GLN A 1 162 ? -16.530 8.934   -5.147  1.00 19.55 ? 260  GLN A OE1  1 
ATOM   1209 N  NE2  . GLN A 1 162 ? -14.673 10.193  -5.257  1.00 19.05 ? 260  GLN A NE2  1 
ATOM   1210 N  N    . LYS A 1 163 ? -16.873 5.787   -0.264  1.00 17.19 ? 261  LYS A N    1 
ATOM   1211 C  CA   . LYS A 1 163 ? -17.885 5.361   0.682   1.00 18.00 ? 261  LYS A CA   1 
ATOM   1212 C  C    . LYS A 1 163 ? -17.280 5.398   2.089   1.00 18.07 ? 261  LYS A C    1 
ATOM   1213 O  O    . LYS A 1 163 ? -17.934 5.791   3.054   1.00 18.56 ? 261  LYS A O    1 
ATOM   1214 C  CB   . LYS A 1 163 ? -18.371 3.956   0.330   1.00 18.23 ? 261  LYS A CB   1 
ATOM   1215 C  CG   . LYS A 1 163 ? -19.678 3.562   0.995   1.00 19.67 ? 261  LYS A CG   1 
ATOM   1216 C  CD   . LYS A 1 163 ? -20.813 4.451   0.505   1.00 22.13 ? 261  LYS A CD   1 
ATOM   1217 C  CE   . LYS A 1 163 ? -22.156 3.981   1.044   1.00 23.58 ? 261  LYS A CE   1 
ATOM   1218 N  NZ   . LYS A 1 163 ? -23.269 4.845   0.554   1.00 24.29 ? 261  LYS A NZ   1 
ATOM   1219 N  N    . LEU A 1 164 ? -16.015 5.005   2.196   1.00 17.88 ? 262  LEU A N    1 
ATOM   1220 C  CA   . LEU A 1 164 ? -15.318 4.994   3.478   1.00 17.99 ? 262  LEU A CA   1 
ATOM   1221 C  C    . LEU A 1 164 ? -14.949 6.397   3.967   1.00 18.33 ? 262  LEU A C    1 
ATOM   1222 O  O    . LEU A 1 164 ? -15.060 6.691   5.160   1.00 18.31 ? 262  LEU A O    1 
ATOM   1223 C  CB   . LEU A 1 164 ? -14.058 4.120   3.400   1.00 17.84 ? 262  LEU A CB   1 
ATOM   1224 C  CG   . LEU A 1 164 ? -13.235 4.017   4.687   1.00 17.80 ? 262  LEU A CG   1 
ATOM   1225 C  CD1  . LEU A 1 164 ? -14.094 3.521   5.840   1.00 18.26 ? 262  LEU A CD1  1 
ATOM   1226 C  CD2  . LEU A 1 164 ? -12.031 3.107   4.492   1.00 17.47 ? 262  LEU A CD2  1 
ATOM   1227 N  N    . TYR A 1 165 ? -14.526 7.262   3.050   1.00 18.52 ? 263  TYR A N    1 
ATOM   1228 C  CA   . TYR A 1 165 ? -14.111 8.620   3.425   1.00 19.03 ? 263  TYR A CA   1 
ATOM   1229 C  C    . TYR A 1 165 ? -15.109 9.739   3.123   1.00 20.15 ? 263  TYR A C    1 
ATOM   1230 O  O    . TYR A 1 165 ? -14.750 10.919  3.137   1.00 20.95 ? 263  TYR A O    1 
ATOM   1231 C  CB   . TYR A 1 165 ? -12.730 8.950   2.850   1.00 18.66 ? 263  TYR A CB   1 
ATOM   1232 C  CG   . TYR A 1 165 ? -11.626 8.186   3.543   1.00 16.98 ? 263  TYR A CG   1 
ATOM   1233 C  CD1  . TYR A 1 165 ? -11.037 8.682   4.700   1.00 15.93 ? 263  TYR A CD1  1 
ATOM   1234 C  CD2  . TYR A 1 165 ? -11.193 6.959   3.059   1.00 15.94 ? 263  TYR A CD2  1 
ATOM   1235 C  CE1  . TYR A 1 165 ? -10.032 7.976   5.348   1.00 15.20 ? 263  TYR A CE1  1 
ATOM   1236 C  CE2  . TYR A 1 165 ? -10.189 6.251   3.698   1.00 14.47 ? 263  TYR A CE2  1 
ATOM   1237 C  CZ   . TYR A 1 165 ? -9.618  6.763   4.842   1.00 14.70 ? 263  TYR A CZ   1 
ATOM   1238 O  OH   . TYR A 1 165 ? -8.623  6.056   5.477   1.00 12.98 ? 263  TYR A OH   1 
ATOM   1239 N  N    . GLY A 1 166 ? -16.360 9.372   2.872   1.00 20.89 ? 264  GLY A N    1 
ATOM   1240 C  CA   . GLY A 1 166 ? -17.399 10.360  2.574   1.00 21.35 ? 264  GLY A CA   1 
HETATM 1241 CA CA   . CA  B 2 .   ? 8.202   -14.244 -0.241  1.00 9.87  ? 1265 CA  A CA   1 
HETATM 1242 CA CA   . CA  C 2 .   ? 1.286   2.733   11.433  1.00 9.88  ? 1266 CA  A CA   1 
HETATM 1243 ZN ZN   . ZN  D 3 .   ? 5.279   -7.038  7.955   1.00 10.05 ? 1267 ZN  A ZN   1 
HETATM 1244 ZN ZN   . ZN  E 3 .   ? -4.446  -7.330  -0.910  1.00 13.81 ? 1268 ZN  A ZN   1 
HETATM 1245 S  S    . SO4 F 4 .   ? 19.111  6.766   -5.478  1.00 27.52 ? 1269 SO4 A S    1 
HETATM 1246 O  O1   . SO4 F 4 .   ? 18.999  5.316   -5.300  1.00 26.49 ? 1269 SO4 A O1   1 
HETATM 1247 O  O2   . SO4 F 4 .   ? 17.790  7.382   -5.542  1.00 25.46 ? 1269 SO4 A O2   1 
HETATM 1248 O  O3   . SO4 F 4 .   ? 19.849  7.321   -4.344  1.00 28.11 ? 1269 SO4 A O3   1 
HETATM 1249 O  O4   . SO4 F 4 .   ? 19.838  7.037   -6.716  1.00 27.26 ? 1269 SO4 A O4   1 
HETATM 1250 S  S    . SO4 G 4 .   ? -14.887 0.052   -14.132 1.00 52.06 ? 1270 SO4 A S    1 
HETATM 1251 O  O1   . SO4 G 4 .   ? -14.180 -0.950  -14.925 1.00 51.82 ? 1270 SO4 A O1   1 
HETATM 1252 O  O2   . SO4 G 4 .   ? -15.514 -0.590  -12.979 1.00 52.05 ? 1270 SO4 A O2   1 
HETATM 1253 O  O3   . SO4 G 4 .   ? -13.939 1.065   -13.673 1.00 51.86 ? 1270 SO4 A O3   1 
HETATM 1254 O  O4   . SO4 G 4 .   ? -15.917 0.693   -14.947 1.00 52.12 ? 1270 SO4 A O4   1 
HETATM 1255 N  N1   . TQJ H 5 .   ? -1.094  -9.290  -3.517  1.00 39.14 ? 1271 TQJ A N1   1 
HETATM 1256 S  S2   . TQJ H 5 .   ? -0.117  -10.468 -2.753  1.00 38.04 ? 1271 TQJ A S2   1 
HETATM 1257 C  C3   . TQJ H 5 .   ? -1.876  -9.868  -4.633  1.00 39.63 ? 1271 TQJ A C3   1 
HETATM 1258 C  C4   . TQJ H 5 .   ? -0.305  -8.093  -3.885  1.00 39.64 ? 1271 TQJ A C4   1 
HETATM 1259 C  C5   . TQJ H 5 .   ? -1.238  -11.117 -1.539  1.00 37.56 ? 1271 TQJ A C5   1 
HETATM 1260 O  O6   . TQJ H 5 .   ? 0.150   -11.522 -3.715  1.00 38.62 ? 1271 TQJ A O6   1 
HETATM 1261 O  O7   . TQJ H 5 .   ? 0.963   -9.794  -2.058  1.00 38.47 ? 1271 TQJ A O7   1 
HETATM 1262 C  C8   . TQJ H 5 .   ? -2.629  -8.804  -5.391  1.00 40.69 ? 1271 TQJ A C8   1 
HETATM 1263 C  C9   . TQJ H 5 .   ? -1.114  -7.109  -4.689  1.00 40.79 ? 1271 TQJ A C9   1 
HETATM 1264 C  C10  . TQJ H 5 .   ? -1.259  -10.250 -0.301  1.00 36.73 ? 1271 TQJ A C10  1 
HETATM 1265 N  N11  . TQJ H 5 .   ? -1.639  -7.848  -5.804  1.00 41.69 ? 1271 TQJ A N11  1 
HETATM 1266 C  C12  . TQJ H 5 .   ? -1.964  -10.994 0.812   1.00 36.90 ? 1271 TQJ A C12  1 
HETATM 1267 N  N13  . TQJ H 5 .   ? -1.951  -9.028  -0.609  1.00 36.01 ? 1271 TQJ A N13  1 
HETATM 1268 C  C14  . TQJ H 5 .   ? -2.155  -6.984  -6.771  1.00 43.54 ? 1271 TQJ A C14  1 
HETATM 1269 C  C15  . TQJ H 5 .   ? -1.579  -10.452 2.169   1.00 37.09 ? 1271 TQJ A C15  1 
HETATM 1270 C  C16  . TQJ H 5 .   ? -1.549  -7.837  -0.071  1.00 35.44 ? 1271 TQJ A C16  1 
HETATM 1271 O  O17  . TQJ H 5 .   ? -3.338  -9.198  -0.436  1.00 35.25 ? 1271 TQJ A O17  1 
HETATM 1272 C  C18  . TQJ H 5 .   ? -3.451  -7.184  -7.191  1.00 44.81 ? 1271 TQJ A C18  1 
HETATM 1273 N  N19  . TQJ H 5 .   ? -1.372  -6.013  -7.249  1.00 44.63 ? 1271 TQJ A N19  1 
HETATM 1274 C  C20  . TQJ H 5 .   ? -2.548  -10.968 3.208   1.00 37.43 ? 1271 TQJ A C20  1 
HETATM 1275 O  O21  . TQJ H 5 .   ? -1.991  -6.732  -0.348  1.00 34.58 ? 1271 TQJ A O21  1 
HETATM 1276 C  C22  . TQJ H 5 .   ? -3.994  -6.358  -8.146  1.00 46.58 ? 1271 TQJ A C22  1 
HETATM 1277 C  C23  . TQJ H 5 .   ? -1.917  -5.224  -8.174  1.00 46.50 ? 1271 TQJ A C23  1 
HETATM 1278 C  C24  . TQJ H 5 .   ? -2.138  -10.527 4.571   1.00 37.81 ? 1271 TQJ A C24  1 
HETATM 1279 C  C25  . TQJ H 5 .   ? -3.199  -5.356  -8.644  1.00 47.55 ? 1271 TQJ A C25  1 
HETATM 1280 N  N26  . TQJ H 5 .   ? -2.772  -9.460  5.067   1.00 38.41 ? 1271 TQJ A N26  1 
HETATM 1281 N  N27  . TQJ H 5 .   ? -1.180  -11.242 5.167   1.00 37.75 ? 1271 TQJ A N27  1 
HETATM 1282 BR BR28 . TQJ H 5 .   ? -3.853  -4.169  -9.962  1.00 52.59 ? 1271 TQJ A BR28 1 
HETATM 1283 C  C29  . TQJ H 5 .   ? -2.386  -9.090  6.289   1.00 38.21 ? 1271 TQJ A C29  1 
HETATM 1284 C  C30  . TQJ H 5 .   ? -0.839  -10.824 6.386   1.00 38.02 ? 1271 TQJ A C30  1 
HETATM 1285 C  C31  . TQJ H 5 .   ? -1.414  -9.741  7.004   1.00 38.15 ? 1271 TQJ A C31  1 
HETATM 1286 O  O    . HOH I 6 .   ? -19.290 -6.085  -9.101  1.00 31.57 ? 2001 HOH A O    1 
HETATM 1287 O  O    . HOH I 6 .   ? -16.503 -8.224  -1.935  1.00 33.49 ? 2002 HOH A O    1 
HETATM 1288 O  O    . HOH I 6 .   ? -19.343 -4.228  -2.298  1.00 36.64 ? 2003 HOH A O    1 
HETATM 1289 O  O    . HOH I 6 .   ? -12.339 -7.426  4.697   1.00 30.20 ? 2004 HOH A O    1 
HETATM 1290 O  O    . HOH I 6 .   ? -19.156 -0.459  6.709   1.00 23.74 ? 2005 HOH A O    1 
HETATM 1291 O  O    . HOH I 6 .   ? -13.503 11.228  5.812   1.00 22.63 ? 2006 HOH A O    1 
HETATM 1292 O  O    . HOH I 6 .   ? -12.026 4.273   12.122  1.00 29.93 ? 2007 HOH A O    1 
HETATM 1293 O  O    . HOH I 6 .   ? -6.040  9.191   11.716  1.00 24.80 ? 2008 HOH A O    1 
HETATM 1294 O  O    . HOH I 6 .   ? -10.307 15.061  11.449  1.00 13.66 ? 2009 HOH A O    1 
HETATM 1295 O  O    . HOH I 6 .   ? -9.583  11.590  7.814   1.00 21.52 ? 2010 HOH A O    1 
HETATM 1296 O  O    . HOH I 6 .   ? -0.751  14.157  10.769  1.00 24.65 ? 2011 HOH A O    1 
HETATM 1297 O  O    . HOH I 6 .   ? 2.874   11.845  12.175  1.00 31.33 ? 2012 HOH A O    1 
HETATM 1298 O  O    . HOH I 6 .   ? 13.217  6.726   5.808   1.00 25.59 ? 2013 HOH A O    1 
HETATM 1299 O  O    . HOH I 6 .   ? 12.697  8.371   2.700   1.00 21.83 ? 2014 HOH A O    1 
HETATM 1300 O  O    . HOH I 6 .   ? 17.020  0.456   2.686   1.00 31.12 ? 2015 HOH A O    1 
HETATM 1301 O  O    . HOH I 6 .   ? 17.081  -5.638  -1.843  1.00 32.42 ? 2016 HOH A O    1 
HETATM 1302 O  O    . HOH I 6 .   ? 20.899  -1.198  -6.059  1.00 35.43 ? 2017 HOH A O    1 
HETATM 1303 O  O    . HOH I 6 .   ? 15.621  -9.258  -6.908  1.00 24.53 ? 2018 HOH A O    1 
HETATM 1304 O  O    . HOH I 6 .   ? 14.107  -6.946  -3.874  1.00 21.74 ? 2019 HOH A O    1 
HETATM 1305 O  O    . HOH I 6 .   ? 18.840  0.747   -4.703  1.00 25.87 ? 2020 HOH A O    1 
HETATM 1306 O  O    . HOH I 6 .   ? 14.671  1.088   -3.900  1.00 17.49 ? 2021 HOH A O    1 
HETATM 1307 O  O    . HOH I 6 .   ? 14.135  3.491   -12.028 1.00 21.01 ? 2022 HOH A O    1 
HETATM 1308 O  O    . HOH I 6 .   ? 15.131  8.550   -1.722  1.00 45.42 ? 2023 HOH A O    1 
HETATM 1309 O  O    . HOH I 6 .   ? 5.257   10.625  -7.997  1.00 28.99 ? 2024 HOH A O    1 
HETATM 1310 O  O    . HOH I 6 .   ? 7.454   9.573   -1.664  1.00 17.23 ? 2025 HOH A O    1 
HETATM 1311 O  O    . HOH I 6 .   ? 8.728   12.016  -3.487  1.00 38.90 ? 2026 HOH A O    1 
HETATM 1312 O  O    . HOH I 6 .   ? 3.075   11.806  -7.286  1.00 35.79 ? 2027 HOH A O    1 
HETATM 1313 O  O    . HOH I 6 .   ? 6.664   12.713  -5.978  1.00 39.93 ? 2028 HOH A O    1 
HETATM 1314 O  O    . HOH I 6 .   ? -1.080  9.525   -8.852  1.00 26.24 ? 2029 HOH A O    1 
HETATM 1315 O  O    . HOH I 6 .   ? -3.305  12.829  -2.639  1.00 36.79 ? 2030 HOH A O    1 
HETATM 1316 O  O    . HOH I 6 .   ? -11.245 12.540  5.719   1.00 32.86 ? 2031 HOH A O    1 
HETATM 1317 O  O    . HOH I 6 .   ? -2.065  14.493  -0.034  1.00 28.90 ? 2032 HOH A O    1 
HETATM 1318 O  O    . HOH I 6 .   ? 0.340   17.251  2.355   1.00 34.49 ? 2033 HOH A O    1 
HETATM 1319 O  O    . HOH I 6 .   ? 1.391   15.984  9.839   1.00 34.72 ? 2034 HOH A O    1 
HETATM 1320 O  O    . HOH I 6 .   ? 4.572   15.398  1.469   1.00 28.68 ? 2035 HOH A O    1 
HETATM 1321 O  O    . HOH I 6 .   ? 10.023  8.763   3.251   1.00 15.00 ? 2036 HOH A O    1 
HETATM 1322 O  O    . HOH I 6 .   ? 7.243   13.583  12.226  1.00 36.07 ? 2037 HOH A O    1 
HETATM 1323 O  O    . HOH I 6 .   ? 14.354  8.772   4.283   1.00 32.69 ? 2038 HOH A O    1 
HETATM 1324 O  O    . HOH I 6 .   ? 15.839  7.803   7.585   1.00 31.80 ? 2039 HOH A O    1 
HETATM 1325 O  O    . HOH I 6 .   ? 8.849   11.134  12.331  1.00 23.24 ? 2040 HOH A O    1 
HETATM 1326 O  O    . HOH I 6 .   ? 14.400  6.839   11.630  1.00 25.94 ? 2041 HOH A O    1 
HETATM 1327 O  O    . HOH I 6 .   ? 9.288   9.683   15.327  1.00 38.28 ? 2042 HOH A O    1 
HETATM 1328 O  O    . HOH I 6 .   ? 3.056   3.941   12.458  1.00 12.30 ? 2043 HOH A O    1 
HETATM 1329 O  O    . HOH I 6 .   ? 0.349   12.039  12.433  1.00 18.23 ? 2044 HOH A O    1 
HETATM 1330 O  O    . HOH I 6 .   ? 9.401   -8.794  16.852  1.00 40.05 ? 2045 HOH A O    1 
HETATM 1331 O  O    . HOH I 6 .   ? 0.604   5.938   18.422  1.00 37.38 ? 2046 HOH A O    1 
HETATM 1332 O  O    . HOH I 6 .   ? 7.109   -4.336  11.408  1.00 30.85 ? 2047 HOH A O    1 
HETATM 1333 O  O    . HOH I 6 .   ? 4.644   0.060   15.438  1.00 34.99 ? 2048 HOH A O    1 
HETATM 1334 O  O    . HOH I 6 .   ? 9.112   -10.411 13.834  1.00 18.20 ? 2049 HOH A O    1 
HETATM 1335 O  O    . HOH I 6 .   ? 7.673   -10.090 10.800  1.00 12.31 ? 2050 HOH A O    1 
HETATM 1336 O  O    . HOH I 6 .   ? 7.807   -12.151 12.820  1.00 34.78 ? 2051 HOH A O    1 
HETATM 1337 O  O    . HOH I 6 .   ? 1.542   -8.166  13.653  1.00 28.26 ? 2052 HOH A O    1 
HETATM 1338 O  O    . HOH I 6 .   ? 7.265   -17.022 7.208   1.00 31.63 ? 2053 HOH A O    1 
HETATM 1339 O  O    . HOH I 6 .   ? 3.583   -7.700  -14.227 1.00 45.48 ? 2054 HOH A O    1 
HETATM 1340 O  O    . HOH I 6 .   ? 5.519   -19.388 -4.442  1.00 24.79 ? 2055 HOH A O    1 
HETATM 1341 O  O    . HOH I 6 .   ? 8.723   -18.517 -0.073  1.00 47.27 ? 2056 HOH A O    1 
HETATM 1342 O  O    . HOH I 6 .   ? -2.267  -7.154  2.765   1.00 25.39 ? 2057 HOH A O    1 
HETATM 1343 O  O    . HOH I 6 .   ? -4.580  -2.483  11.822  1.00 25.93 ? 2058 HOH A O    1 
HETATM 1344 O  O    . HOH I 6 .   ? -4.927  -5.290  9.244   1.00 27.87 ? 2059 HOH A O    1 
HETATM 1345 O  O    . HOH I 6 .   ? -8.444  2.300   13.474  1.00 28.11 ? 2060 HOH A O    1 
HETATM 1346 O  O    . HOH I 6 .   ? -0.269  4.018   12.617  1.00 10.17 ? 2061 HOH A O    1 
HETATM 1347 O  O    . HOH I 6 .   ? -5.923  1.504   16.545  1.00 22.75 ? 2062 HOH A O    1 
HETATM 1348 O  O    . HOH I 6 .   ? -3.498  -0.991  14.746  1.00 30.15 ? 2063 HOH A O    1 
HETATM 1349 O  O    . HOH I 6 .   ? -5.069  0.986   19.042  1.00 26.94 ? 2064 HOH A O    1 
HETATM 1350 O  O    . HOH I 6 .   ? 0.735   4.957   16.213  1.00 19.57 ? 2065 HOH A O    1 
HETATM 1351 O  O    . HOH I 6 .   ? 3.122   4.033   15.534  1.00 31.88 ? 2066 HOH A O    1 
HETATM 1352 O  O    . HOH I 6 .   ? 0.550   -2.128  16.482  1.00 25.11 ? 2067 HOH A O    1 
HETATM 1353 O  O    . HOH I 6 .   ? -4.917  7.666   -12.373 1.00 36.82 ? 2068 HOH A O    1 
HETATM 1354 O  O    . HOH I 6 .   ? 6.169   -1.027  10.030  1.00 15.69 ? 2069 HOH A O    1 
HETATM 1355 O  O    . HOH I 6 .   ? 4.791   1.196   12.739  1.00 23.13 ? 2070 HOH A O    1 
HETATM 1356 O  O    . HOH I 6 .   ? 11.940  -12.937 2.817   1.00 12.12 ? 2071 HOH A O    1 
HETATM 1357 O  O    . HOH I 6 .   ? 15.618  -6.710  5.129   1.00 15.27 ? 2072 HOH A O    1 
HETATM 1358 O  O    . HOH I 6 .   ? 13.973  -5.209  -11.525 1.00 26.94 ? 2073 HOH A O    1 
HETATM 1359 O  O    . HOH I 6 .   ? 13.127  -2.629  -12.884 1.00 28.72 ? 2074 HOH A O    1 
HETATM 1360 O  O    . HOH I 6 .   ? 5.775   2.024   -12.775 1.00 42.82 ? 2075 HOH A O    1 
HETATM 1361 O  O    . HOH I 6 .   ? 6.154   0.015   -11.294 1.00 26.73 ? 2076 HOH A O    1 
HETATM 1362 O  O    . HOH I 6 .   ? 5.739   -4.006  -15.187 1.00 44.98 ? 2077 HOH A O    1 
HETATM 1363 O  O    . HOH I 6 .   ? 3.320   -7.308  -11.749 1.00 16.36 ? 2078 HOH A O    1 
HETATM 1364 O  O    . HOH I 6 .   ? 2.081   -5.689  -9.785  1.00 21.01 ? 2079 HOH A O    1 
HETATM 1365 O  O    . HOH I 6 .   ? -11.881 -0.282  6.601   1.00 15.05 ? 2080 HOH A O    1 
HETATM 1366 O  O    . HOH I 6 .   ? -12.257 -3.389  -2.318  1.00 17.05 ? 2081 HOH A O    1 
HETATM 1367 O  O    . HOH I 6 .   ? -10.777 -8.313  2.388   1.00 30.24 ? 2082 HOH A O    1 
HETATM 1368 O  O    . HOH I 6 .   ? -14.376 -9.731  -1.241  1.00 41.81 ? 2083 HOH A O    1 
HETATM 1369 O  O    . HOH I 6 .   ? -12.401 -11.527 -4.447  1.00 28.73 ? 2084 HOH A O    1 
HETATM 1370 O  O    . HOH I 6 .   ? -15.567 -12.349 -8.214  1.00 24.39 ? 2085 HOH A O    1 
HETATM 1371 O  O    . HOH I 6 .   ? -18.125 -4.010  -9.468  1.00 33.98 ? 2086 HOH A O    1 
HETATM 1372 O  O    . HOH I 6 .   ? -16.266 -3.377  -13.161 1.00 32.32 ? 2087 HOH A O    1 
HETATM 1373 O  O    . HOH I 6 .   ? -9.256  -1.957  -14.307 1.00 42.61 ? 2088 HOH A O    1 
HETATM 1374 O  O    . HOH I 6 .   ? -7.542  -6.125  -11.180 1.00 29.75 ? 2089 HOH A O    1 
HETATM 1375 O  O    . HOH I 6 .   ? -9.652  -14.874 -10.793 1.00 31.40 ? 2090 HOH A O    1 
HETATM 1376 O  O    . HOH I 6 .   ? -13.676 -13.910 -9.818  1.00 29.94 ? 2091 HOH A O    1 
HETATM 1377 O  O    . HOH I 6 .   ? -7.092  6.684   -10.882 1.00 17.70 ? 2092 HOH A O    1 
HETATM 1378 O  O    . HOH I 6 .   ? -9.496  6.580   -12.209 1.00 32.22 ? 2093 HOH A O    1 
HETATM 1379 O  O    . HOH I 6 .   ? -17.067 5.080   -9.045  1.00 32.20 ? 2094 HOH A O    1 
HETATM 1380 O  O    . HOH I 6 .   ? -12.245 -2.086  -4.831  1.00 14.93 ? 2095 HOH A O    1 
HETATM 1381 O  O    . HOH I 6 .   ? -19.185 5.758   -2.935  1.00 19.50 ? 2096 HOH A O    1 
HETATM 1382 O  O    . HOH I 6 .   ? -20.115 7.765   -0.977  1.00 37.67 ? 2097 HOH A O    1 
HETATM 1383 O  O    . HOH I 6 .   ? -25.304 3.857   2.285   1.00 27.41 ? 2098 HOH A O    1 
HETATM 1384 O  O    . HOH I 6 .   ? -16.941 5.747   7.071   1.00 33.94 ? 2099 HOH A O    1 
HETATM 1385 O  O    . HOH I 6 .   ? 20.404  4.417   -8.167  1.00 37.15 ? 2100 HOH A O    1 
HETATM 1386 O  O    . HOH I 6 .   ? 21.675  8.685   -7.468  1.00 39.55 ? 2101 HOH A O    1 
HETATM 1387 O  O    . HOH I 6 .   ? -14.762 -1.544  -11.202 1.00 27.97 ? 2102 HOH A O    1 
HETATM 1388 O  O    . HOH I 6 .   ? 1.046   -6.925  -7.643  1.00 32.87 ? 2103 HOH A O    1 
HETATM 1389 O  O    . HOH I 6 .   ? -4.156  -11.169 -2.068  1.00 30.59 ? 2104 HOH A O    1 
# 
